data_2LNT
#
_entry.id   2LNT
#
_entity_poly.entity_id   1
_entity_poly.type   'polypeptide(L)'
_entity_poly.pdbx_seq_one_letter_code
;IDPFTPQTLSRGWGDQLIWTQTYEAALYKSKTSNKPLMIIHHLDECPHSQALKKVFAENKEIQKLAEQFVLLNLVYETTD
KHLSPDGQYVPRIMFVDPSLTVRADITGRYSNRLYAYEPADTALLLDNMKKALKLLKTEL
;
_entity_poly.pdbx_strand_id   A
#
# COMPACT_ATOMS: atom_id res chain seq x y z
N ILE A 1 14.57 2.94 -22.39
CA ILE A 1 13.38 3.30 -23.15
C ILE A 1 13.57 4.64 -23.84
N ASP A 2 12.57 5.09 -24.59
CA ASP A 2 12.65 6.37 -25.27
C ASP A 2 12.55 7.52 -24.28
N PRO A 3 13.18 8.67 -24.57
CA PRO A 3 13.13 9.85 -23.70
C PRO A 3 11.70 10.34 -23.48
N PHE A 4 11.25 10.25 -22.25
CA PHE A 4 9.91 10.65 -21.89
C PHE A 4 9.86 12.14 -21.59
N THR A 5 10.63 12.56 -20.60
CA THR A 5 10.68 13.96 -20.20
C THR A 5 12.00 14.28 -19.49
N PRO A 6 12.82 15.18 -20.06
CA PRO A 6 14.08 15.61 -19.44
C PRO A 6 13.84 16.45 -18.19
N GLN A 7 14.76 16.40 -17.25
CA GLN A 7 14.61 17.13 -16.01
C GLN A 7 15.21 18.52 -16.12
N THR A 8 14.56 19.49 -15.49
CA THR A 8 15.03 20.86 -15.49
C THR A 8 14.29 21.64 -14.40
N LEU A 9 14.93 22.72 -13.92
CA LEU A 9 14.36 23.60 -12.87
C LEU A 9 14.30 22.90 -11.52
N SER A 10 13.44 21.91 -11.40
CA SER A 10 13.27 21.16 -10.19
C SER A 10 12.34 19.99 -10.44
N ARG A 11 12.25 19.08 -9.46
CA ARG A 11 11.40 17.89 -9.57
C ARG A 11 11.85 16.98 -10.70
N GLY A 12 12.71 16.04 -10.36
CA GLY A 12 13.27 15.16 -11.36
C GLY A 12 12.33 14.04 -11.75
N TRP A 13 12.08 13.13 -10.83
CA TRP A 13 11.28 11.96 -11.12
C TRP A 13 9.88 12.09 -10.55
N GLY A 14 9.78 12.41 -9.26
CA GLY A 14 8.49 12.50 -8.61
C GLY A 14 7.81 11.15 -8.54
N ASP A 15 8.61 10.12 -8.36
CA ASP A 15 8.12 8.74 -8.33
C ASP A 15 7.91 8.28 -6.90
N GLN A 16 8.33 9.10 -5.94
CA GLN A 16 8.18 8.74 -4.54
C GLN A 16 6.75 8.91 -4.08
N LEU A 17 6.26 7.90 -3.35
CA LEU A 17 4.91 7.91 -2.80
C LEU A 17 3.86 7.97 -3.92
N ILE A 18 3.40 9.18 -4.23
CA ILE A 18 2.40 9.42 -5.27
C ILE A 18 1.95 10.88 -5.23
N TRP A 19 1.92 11.44 -4.00
CA TRP A 19 1.57 12.85 -3.75
C TRP A 19 0.07 13.11 -3.89
N THR A 20 -0.53 12.65 -4.98
CA THR A 20 -1.95 12.87 -5.21
C THR A 20 -2.76 11.60 -4.94
N GLN A 21 -3.97 11.79 -4.44
CA GLN A 21 -4.84 10.67 -4.14
C GLN A 21 -5.76 10.39 -5.32
N THR A 22 -5.37 9.44 -6.14
CA THR A 22 -6.15 9.01 -7.29
C THR A 22 -5.77 7.58 -7.66
N TYR A 23 -6.72 6.67 -7.53
CA TYR A 23 -6.48 5.24 -7.76
C TYR A 23 -5.90 4.97 -9.15
N GLU A 24 -6.60 5.44 -10.17
CA GLU A 24 -6.19 5.16 -11.54
C GLU A 24 -4.85 5.83 -11.88
N ALA A 25 -4.66 7.07 -11.45
CA ALA A 25 -3.44 7.80 -11.76
C ALA A 25 -2.23 7.18 -11.07
N ALA A 26 -2.45 6.72 -9.85
CA ALA A 26 -1.40 6.08 -9.08
C ALA A 26 -0.93 4.82 -9.76
N LEU A 27 -1.86 3.94 -10.05
CA LEU A 27 -1.56 2.68 -10.70
C LEU A 27 -0.97 2.93 -12.09
N TYR A 28 -1.48 3.95 -12.77
CA TYR A 28 -1.01 4.28 -14.10
C TYR A 28 0.46 4.69 -14.12
N LYS A 29 0.84 5.66 -13.28
CA LYS A 29 2.23 6.12 -13.28
C LYS A 29 3.16 5.04 -12.72
N SER A 30 2.62 4.13 -11.93
CA SER A 30 3.40 3.03 -11.40
C SER A 30 3.89 2.15 -12.55
N LYS A 31 2.97 1.76 -13.43
CA LYS A 31 3.31 0.94 -14.59
C LYS A 31 4.19 1.74 -15.55
N THR A 32 3.96 3.03 -15.60
CA THR A 32 4.70 3.91 -16.49
C THR A 32 6.16 4.04 -16.01
N SER A 33 6.35 3.89 -14.71
CA SER A 33 7.68 3.95 -14.11
C SER A 33 8.21 2.54 -13.89
N ASN A 34 7.47 1.55 -14.42
CA ASN A 34 7.81 0.13 -14.28
C ASN A 34 8.06 -0.24 -12.80
N LYS A 35 7.32 0.38 -11.91
CA LYS A 35 7.46 0.12 -10.49
C LYS A 35 6.14 -0.35 -9.89
N PRO A 36 6.15 -1.50 -9.19
CA PRO A 36 4.95 -2.05 -8.54
C PRO A 36 4.37 -1.07 -7.51
N LEU A 37 3.09 -1.17 -7.28
CA LEU A 37 2.41 -0.29 -6.35
C LEU A 37 1.75 -1.06 -5.25
N MET A 38 1.83 -0.55 -4.03
CA MET A 38 1.23 -1.19 -2.90
C MET A 38 0.06 -0.35 -2.43
N ILE A 39 -1.13 -0.89 -2.55
CA ILE A 39 -2.33 -0.16 -2.23
C ILE A 39 -2.74 -0.38 -0.78
N ILE A 40 -2.55 0.63 0.02
CA ILE A 40 -2.97 0.59 1.42
C ILE A 40 -4.48 0.91 1.52
N HIS A 41 -5.29 -0.09 1.84
CA HIS A 41 -6.75 0.07 1.86
C HIS A 41 -7.27 0.12 3.28
N HIS A 42 -7.93 1.23 3.63
CA HIS A 42 -8.49 1.46 4.98
C HIS A 42 -10.01 1.39 4.93
N LEU A 43 -10.65 1.76 6.04
CA LEU A 43 -12.11 1.84 6.13
C LEU A 43 -12.53 2.76 7.27
N ASP A 44 -13.60 3.49 7.05
CA ASP A 44 -14.13 4.41 8.06
C ASP A 44 -15.19 3.74 8.98
N GLU A 45 -15.81 2.67 8.49
CA GLU A 45 -16.93 1.98 9.19
C GLU A 45 -16.49 1.22 10.46
N CYS A 46 -15.22 0.96 10.57
CA CYS A 46 -14.66 0.24 11.72
C CYS A 46 -13.74 1.18 12.48
N PRO A 47 -13.08 0.75 13.64
CA PRO A 47 -12.12 1.59 14.33
C PRO A 47 -11.31 2.38 13.37
N HIS A 48 -11.38 3.68 13.56
CA HIS A 48 -10.83 4.61 12.64
C HIS A 48 -9.40 4.26 12.29
N SER A 49 -9.17 4.10 11.00
CA SER A 49 -7.87 3.74 10.51
C SER A 49 -6.81 4.75 10.95
N GLN A 50 -7.25 5.88 11.52
CA GLN A 50 -6.33 6.89 12.05
C GLN A 50 -5.53 6.29 13.22
N ALA A 51 -6.16 5.38 13.95
CA ALA A 51 -5.49 4.67 15.03
C ALA A 51 -4.39 3.81 14.46
N LEU A 52 -4.72 3.12 13.37
CA LEU A 52 -3.75 2.28 12.66
C LEU A 52 -2.70 3.16 11.96
N LYS A 53 -3.16 4.30 11.48
CA LYS A 53 -2.31 5.26 10.77
C LYS A 53 -1.18 5.74 11.66
N LYS A 54 -1.49 5.96 12.94
CA LYS A 54 -0.50 6.40 13.92
C LYS A 54 0.67 5.43 14.00
N VAL A 55 0.35 4.15 14.19
CA VAL A 55 1.39 3.14 14.30
C VAL A 55 2.06 2.88 12.93
N PHE A 56 1.30 3.05 11.86
CA PHE A 56 1.82 2.89 10.51
C PHE A 56 2.89 3.96 10.23
N ALA A 57 2.57 5.19 10.61
CA ALA A 57 3.44 6.33 10.43
C ALA A 57 4.59 6.30 11.43
N GLU A 58 4.47 5.43 12.41
CA GLU A 58 5.47 5.28 13.43
C GLU A 58 6.42 4.11 13.11
N ASN A 59 5.98 3.21 12.26
CA ASN A 59 6.80 2.07 11.87
C ASN A 59 7.74 2.45 10.73
N LYS A 60 9.01 2.57 11.06
CA LYS A 60 10.04 2.94 10.09
C LYS A 60 10.12 1.96 8.94
N GLU A 61 10.10 0.67 9.27
CA GLU A 61 10.21 -0.41 8.29
C GLU A 61 9.18 -0.28 7.17
N ILE A 62 7.95 -0.01 7.55
CA ILE A 62 6.87 0.09 6.59
C ILE A 62 7.07 1.32 5.70
N GLN A 63 7.45 2.43 6.30
CA GLN A 63 7.66 3.67 5.57
C GLN A 63 8.83 3.55 4.60
N LYS A 64 9.89 2.88 5.04
CA LYS A 64 11.11 2.74 4.23
C LYS A 64 10.83 2.04 2.89
N LEU A 65 10.14 0.92 2.94
CA LEU A 65 9.82 0.21 1.71
C LEU A 65 8.81 0.99 0.90
N ALA A 66 7.87 1.63 1.57
CA ALA A 66 6.80 2.34 0.90
C ALA A 66 7.28 3.61 0.20
N GLU A 67 8.31 4.26 0.73
CA GLU A 67 8.84 5.48 0.13
C GLU A 67 9.61 5.15 -1.16
N GLN A 68 10.01 3.90 -1.29
CA GLN A 68 10.71 3.44 -2.49
C GLN A 68 9.71 2.82 -3.47
N PHE A 69 8.47 2.74 -3.03
CA PHE A 69 7.41 2.18 -3.84
C PHE A 69 6.20 3.12 -3.85
N VAL A 70 5.06 2.64 -4.29
CA VAL A 70 3.88 3.46 -4.30
C VAL A 70 3.00 3.07 -3.15
N LEU A 71 2.41 4.05 -2.53
CA LEU A 71 1.45 3.80 -1.50
C LEU A 71 0.14 4.47 -1.86
N LEU A 72 -0.86 3.68 -2.11
CA LEU A 72 -2.14 4.21 -2.46
C LEU A 72 -3.06 4.11 -1.29
N ASN A 73 -3.13 5.17 -0.52
CA ASN A 73 -3.97 5.21 0.65
C ASN A 73 -5.41 5.53 0.28
N LEU A 74 -6.27 4.55 0.42
CA LEU A 74 -7.66 4.72 0.08
C LEU A 74 -8.56 4.37 1.25
N VAL A 75 -9.40 5.32 1.63
CA VAL A 75 -10.35 5.12 2.69
C VAL A 75 -11.76 5.47 2.21
N TYR A 76 -12.51 4.44 1.84
CA TYR A 76 -13.85 4.59 1.32
C TYR A 76 -14.42 3.22 1.00
N GLU A 77 -15.53 2.89 1.67
CA GLU A 77 -16.20 1.59 1.51
C GLU A 77 -15.37 0.45 2.10
N THR A 78 -15.94 -0.22 3.09
CA THR A 78 -15.31 -1.35 3.72
C THR A 78 -15.09 -2.46 2.70
N THR A 79 -16.14 -2.81 2.01
CA THR A 79 -16.09 -3.84 1.01
C THR A 79 -16.47 -3.28 -0.36
N ASP A 80 -15.53 -2.59 -0.99
CA ASP A 80 -15.76 -2.02 -2.30
C ASP A 80 -15.84 -3.13 -3.34
N LYS A 81 -16.60 -2.88 -4.40
CA LYS A 81 -16.85 -3.88 -5.43
C LYS A 81 -15.60 -4.14 -6.28
N HIS A 82 -14.56 -3.34 -6.11
CA HIS A 82 -13.36 -3.48 -6.90
C HIS A 82 -12.37 -4.45 -6.26
N LEU A 83 -12.21 -4.38 -4.95
CA LEU A 83 -11.28 -5.26 -4.25
C LEU A 83 -11.99 -6.36 -3.48
N SER A 84 -13.13 -6.06 -2.92
CA SER A 84 -13.86 -7.06 -2.16
C SER A 84 -15.34 -7.10 -2.58
N PRO A 85 -15.63 -7.68 -3.77
CA PRO A 85 -17.00 -7.75 -4.32
C PRO A 85 -17.92 -8.64 -3.47
N ASP A 86 -17.42 -9.78 -3.03
CA ASP A 86 -18.24 -10.70 -2.26
C ASP A 86 -18.06 -10.49 -0.78
N GLY A 87 -16.98 -9.84 -0.40
CA GLY A 87 -16.71 -9.60 0.99
C GLY A 87 -15.96 -10.74 1.64
N GLN A 88 -14.80 -10.43 2.17
CA GLN A 88 -14.00 -11.43 2.85
C GLN A 88 -13.68 -10.97 4.27
N TYR A 89 -13.22 -9.73 4.36
CA TYR A 89 -12.89 -9.06 5.61
C TYR A 89 -12.20 -7.77 5.25
N VAL A 90 -12.30 -6.75 6.10
CA VAL A 90 -11.63 -5.48 5.83
C VAL A 90 -10.13 -5.68 5.58
N PRO A 91 -9.61 -5.10 4.49
CA PRO A 91 -8.17 -5.15 4.17
C PRO A 91 -7.29 -4.40 5.18
N ARG A 92 -6.22 -3.83 4.68
CA ARG A 92 -5.18 -3.16 5.47
C ARG A 92 -4.03 -2.85 4.52
N ILE A 93 -3.73 -3.83 3.68
CA ILE A 93 -2.66 -3.74 2.71
C ILE A 93 -3.06 -4.51 1.46
N MET A 94 -2.57 -4.06 0.32
CA MET A 94 -2.82 -4.70 -0.95
C MET A 94 -1.66 -4.41 -1.87
N PHE A 95 -1.43 -5.24 -2.86
CA PHE A 95 -0.30 -5.04 -3.73
C PHE A 95 -0.64 -5.38 -5.18
N VAL A 96 -0.25 -4.51 -6.08
CA VAL A 96 -0.44 -4.74 -7.49
C VAL A 96 0.85 -5.24 -8.14
N ASP A 97 0.80 -6.46 -8.64
CA ASP A 97 1.92 -7.11 -9.29
C ASP A 97 2.27 -6.39 -10.59
N PRO A 98 3.58 -6.39 -11.00
CA PRO A 98 4.05 -5.78 -12.27
C PRO A 98 3.17 -6.13 -13.48
N SER A 99 2.48 -7.27 -13.41
CA SER A 99 1.60 -7.71 -14.48
C SER A 99 0.22 -7.02 -14.38
N LEU A 100 0.13 -5.99 -13.54
CA LEU A 100 -1.08 -5.18 -13.36
C LEU A 100 -2.19 -5.95 -12.66
N THR A 101 -1.82 -7.03 -12.01
CA THR A 101 -2.78 -7.88 -11.32
C THR A 101 -2.41 -8.06 -9.83
N VAL A 102 -3.04 -9.03 -9.18
CA VAL A 102 -2.79 -9.30 -7.77
C VAL A 102 -2.38 -10.77 -7.58
N ARG A 103 -1.56 -11.05 -6.56
CA ARG A 103 -1.11 -12.41 -6.30
C ARG A 103 -1.31 -12.79 -4.82
N ALA A 104 -2.20 -13.73 -4.58
CA ALA A 104 -2.48 -14.19 -3.22
C ALA A 104 -1.69 -15.46 -2.88
N ASP A 105 -0.39 -15.31 -2.71
CA ASP A 105 0.47 -16.45 -2.37
C ASP A 105 0.99 -16.34 -0.94
N ILE A 106 0.40 -15.45 -0.16
CA ILE A 106 0.86 -15.21 1.21
C ILE A 106 0.23 -16.18 2.21
N THR A 107 1.08 -16.96 2.86
CA THR A 107 0.68 -17.87 3.92
C THR A 107 1.47 -17.54 5.18
N GLY A 108 1.09 -18.11 6.33
CA GLY A 108 1.82 -17.79 7.55
C GLY A 108 1.44 -18.66 8.73
N ARG A 109 2.24 -18.53 9.79
CA ARG A 109 2.00 -19.23 11.05
C ARG A 109 0.99 -18.41 11.84
N TYR A 110 0.34 -18.97 12.84
CA TYR A 110 -0.71 -18.24 13.53
C TYR A 110 -0.14 -17.40 14.66
N SER A 111 0.29 -16.20 14.32
CA SER A 111 0.87 -15.30 15.28
C SER A 111 -0.23 -14.66 16.14
N ASN A 112 -1.07 -13.88 15.51
CA ASN A 112 -2.20 -13.21 16.16
C ASN A 112 -3.21 -12.87 15.09
N ARG A 113 -3.63 -13.93 14.37
CA ARG A 113 -4.43 -13.82 13.15
C ARG A 113 -3.55 -13.34 12.02
N LEU A 114 -3.75 -13.91 10.85
CA LEU A 114 -2.92 -13.57 9.72
C LEU A 114 -3.47 -12.44 8.89
N TYR A 115 -4.69 -12.01 9.19
CA TYR A 115 -5.29 -10.94 8.44
C TYR A 115 -6.15 -10.06 9.36
N ALA A 116 -5.67 -8.87 9.60
CA ALA A 116 -6.39 -7.89 10.39
C ALA A 116 -6.10 -6.48 9.95
N TYR A 117 -6.83 -5.54 10.53
CA TYR A 117 -6.66 -4.12 10.24
C TYR A 117 -6.32 -3.40 11.52
N GLU A 118 -6.43 -4.12 12.59
CA GLU A 118 -6.13 -3.61 13.87
C GLU A 118 -4.61 -3.58 14.06
N PRO A 119 -4.08 -2.59 14.86
CA PRO A 119 -2.63 -2.46 15.14
C PRO A 119 -1.89 -3.79 15.44
N ALA A 120 -2.63 -4.85 15.75
CA ALA A 120 -2.02 -6.16 15.98
C ALA A 120 -1.30 -6.67 14.70
N ASP A 121 -1.88 -6.38 13.53
CA ASP A 121 -1.32 -6.87 12.25
C ASP A 121 -0.09 -6.07 11.82
N THR A 122 0.42 -5.20 12.70
CA THR A 122 1.52 -4.32 12.31
C THR A 122 2.85 -5.04 12.22
N ALA A 123 3.00 -6.15 12.93
CA ALA A 123 4.25 -6.89 12.87
C ALA A 123 4.24 -7.74 11.63
N LEU A 124 3.11 -8.40 11.41
CA LEU A 124 2.88 -9.19 10.22
C LEU A 124 3.00 -8.32 9.00
N LEU A 125 2.25 -7.22 8.98
CA LEU A 125 2.34 -6.22 7.90
C LEU A 125 3.77 -6.00 7.44
N LEU A 126 4.70 -6.06 8.37
CA LEU A 126 6.10 -5.91 8.03
C LEU A 126 6.57 -7.07 7.14
N ASP A 127 6.48 -8.30 7.67
CA ASP A 127 6.89 -9.50 6.93
C ASP A 127 6.02 -9.72 5.70
N ASN A 128 4.75 -9.40 5.83
CA ASN A 128 3.80 -9.54 4.73
C ASN A 128 4.12 -8.55 3.63
N MET A 129 4.58 -7.37 4.01
CA MET A 129 4.95 -6.33 3.05
C MET A 129 6.09 -6.81 2.17
N LYS A 130 6.95 -7.65 2.75
CA LYS A 130 8.08 -8.20 2.03
C LYS A 130 7.61 -9.26 1.04
N LYS A 131 6.77 -10.17 1.52
CA LYS A 131 6.24 -11.25 0.69
C LYS A 131 5.34 -10.69 -0.41
N ALA A 132 4.58 -9.67 -0.07
CA ALA A 132 3.68 -9.03 -1.02
C ALA A 132 4.46 -8.25 -2.06
N LEU A 133 5.61 -7.71 -1.68
CA LEU A 133 6.41 -6.91 -2.59
C LEU A 133 7.22 -7.86 -3.51
N LYS A 134 7.56 -9.01 -2.95
CA LYS A 134 8.27 -10.09 -3.63
C LYS A 134 9.63 -9.65 -4.23
N LEU A 135 9.58 -8.88 -5.31
CA LEU A 135 10.79 -8.41 -5.97
C LEU A 135 10.89 -6.90 -5.84
N LEU A 136 12.07 -6.42 -5.52
CA LEU A 136 12.24 -5.01 -5.28
C LEU A 136 12.65 -4.26 -6.54
N LYS A 137 13.66 -4.75 -7.24
CA LYS A 137 14.14 -4.05 -8.42
C LYS A 137 14.41 -5.01 -9.59
N THR A 138 13.77 -6.18 -9.56
CA THR A 138 13.91 -7.19 -10.63
C THR A 138 15.23 -7.96 -10.46
N GLU A 139 16.33 -7.22 -10.40
CA GLU A 139 17.63 -7.80 -10.13
C GLU A 139 17.57 -8.39 -8.73
N LEU A 140 17.04 -7.58 -7.83
CA LEU A 140 16.80 -7.96 -6.46
C LEU A 140 15.72 -7.04 -5.92
N ILE A 1 24.68 35.10 -6.09
CA ILE A 1 24.46 35.98 -4.93
C ILE A 1 23.79 37.30 -5.34
N ASP A 2 24.28 37.92 -6.43
CA ASP A 2 23.72 39.20 -6.87
C ASP A 2 22.33 39.04 -7.55
N PRO A 3 22.21 38.28 -8.67
CA PRO A 3 20.93 38.08 -9.31
C PRO A 3 20.21 36.85 -8.77
N PHE A 4 19.33 37.07 -7.81
CA PHE A 4 18.58 35.97 -7.20
C PHE A 4 17.44 35.54 -8.10
N THR A 5 17.22 34.25 -8.17
CA THR A 5 16.15 33.71 -8.99
C THR A 5 15.07 32.99 -8.14
N PRO A 6 15.45 31.95 -7.32
CA PRO A 6 14.46 31.23 -6.51
C PRO A 6 14.11 31.97 -5.22
N GLN A 7 13.34 31.33 -4.36
CA GLN A 7 12.96 31.92 -3.08
C GLN A 7 13.73 31.29 -1.96
N THR A 8 14.61 32.05 -1.34
CA THR A 8 15.36 31.59 -0.20
C THR A 8 14.45 31.60 1.03
N LEU A 9 13.86 30.47 1.34
CA LEU A 9 12.94 30.38 2.46
C LEU A 9 13.00 28.99 3.10
N SER A 10 12.88 27.95 2.27
CA SER A 10 12.88 26.55 2.72
C SER A 10 11.58 26.18 3.41
N ARG A 11 10.99 25.08 2.98
CA ARG A 11 9.72 24.63 3.55
C ARG A 11 9.95 23.81 4.82
N GLY A 12 11.20 23.41 5.02
CA GLY A 12 11.55 22.65 6.21
C GLY A 12 11.26 21.17 6.03
N TRP A 13 9.99 20.82 6.11
CA TRP A 13 9.56 19.45 5.95
C TRP A 13 8.70 19.31 4.71
N GLY A 14 8.41 18.08 4.34
CA GLY A 14 7.63 17.83 3.15
C GLY A 14 8.52 17.49 1.97
N ASP A 15 8.24 16.37 1.33
CA ASP A 15 9.04 15.93 0.20
C ASP A 15 8.14 15.40 -0.91
N GLN A 16 8.73 15.01 -2.03
CA GLN A 16 7.97 14.53 -3.15
C GLN A 16 8.21 13.05 -3.38
N LEU A 17 7.29 12.23 -2.92
CA LEU A 17 7.38 10.79 -3.10
C LEU A 17 6.85 10.41 -4.46
N ILE A 18 5.57 10.68 -4.68
CA ILE A 18 4.90 10.40 -5.95
C ILE A 18 4.02 11.59 -6.33
N TRP A 19 4.25 12.14 -7.52
CA TRP A 19 3.47 13.28 -8.00
C TRP A 19 2.07 12.84 -8.41
N THR A 20 1.06 13.44 -7.78
CA THR A 20 -0.34 13.14 -8.04
C THR A 20 -0.68 11.72 -7.61
N GLN A 21 -1.06 11.56 -6.35
CA GLN A 21 -1.37 10.26 -5.80
C GLN A 21 -2.85 9.92 -5.98
N THR A 22 -3.18 9.33 -7.11
CA THR A 22 -4.52 8.88 -7.41
C THR A 22 -4.45 7.47 -7.99
N TYR A 23 -5.60 6.84 -8.20
CA TYR A 23 -5.61 5.48 -8.73
C TYR A 23 -5.07 5.45 -10.16
N GLU A 24 -5.74 6.16 -11.06
CA GLU A 24 -5.32 6.28 -12.46
C GLU A 24 -3.82 6.61 -12.57
N ALA A 25 -3.40 7.69 -11.93
CA ALA A 25 -2.01 8.14 -11.97
C ALA A 25 -1.04 7.07 -11.44
N ALA A 26 -1.43 6.40 -10.37
CA ALA A 26 -0.58 5.38 -9.76
C ALA A 26 -0.29 4.23 -10.72
N LEU A 27 -1.33 3.74 -11.40
CA LEU A 27 -1.17 2.64 -12.33
C LEU A 27 -0.50 3.11 -13.62
N TYR A 28 -0.62 4.38 -13.90
CA TYR A 28 0.03 4.96 -15.06
C TYR A 28 1.53 5.01 -14.84
N LYS A 29 1.91 5.38 -13.62
CA LYS A 29 3.31 5.49 -13.26
C LYS A 29 3.94 4.11 -13.01
N SER A 30 3.13 3.19 -12.49
CA SER A 30 3.61 1.86 -12.12
C SER A 30 4.14 1.08 -13.33
N LYS A 31 3.44 1.14 -14.45
CA LYS A 31 3.87 0.41 -15.63
C LYS A 31 4.94 1.18 -16.41
N THR A 32 4.97 2.48 -16.22
CA THR A 32 5.94 3.32 -16.93
C THR A 32 7.32 3.29 -16.26
N SER A 33 7.37 3.51 -14.95
CA SER A 33 8.63 3.54 -14.23
C SER A 33 8.88 2.21 -13.51
N ASN A 34 7.97 1.26 -13.73
CA ASN A 34 8.01 -0.04 -13.04
C ASN A 34 8.05 0.19 -11.53
N LYS A 35 6.90 0.42 -10.96
CA LYS A 35 6.79 0.74 -9.56
C LYS A 35 5.74 -0.13 -8.90
N PRO A 36 6.16 -1.05 -8.02
CA PRO A 36 5.23 -1.86 -7.23
C PRO A 36 4.41 -0.96 -6.34
N LEU A 37 3.10 -1.12 -6.35
CA LEU A 37 2.26 -0.25 -5.56
C LEU A 37 1.34 -1.04 -4.67
N MET A 38 1.27 -0.64 -3.42
CA MET A 38 0.44 -1.31 -2.48
C MET A 38 -0.82 -0.50 -2.28
N ILE A 39 -1.92 -1.10 -2.59
CA ILE A 39 -3.18 -0.43 -2.45
C ILE A 39 -3.75 -0.67 -1.07
N ILE A 40 -3.76 0.38 -0.27
CA ILE A 40 -4.27 0.27 1.10
C ILE A 40 -5.79 0.14 1.08
N HIS A 41 -6.24 -1.07 1.40
CA HIS A 41 -7.66 -1.41 1.34
C HIS A 41 -8.31 -1.16 2.70
N HIS A 42 -9.31 -0.29 2.73
CA HIS A 42 -10.02 0.02 3.97
C HIS A 42 -11.43 0.50 3.70
N LEU A 43 -12.20 0.70 4.76
CA LEU A 43 -13.56 1.19 4.65
C LEU A 43 -13.89 2.02 5.90
N ASP A 44 -14.84 2.94 5.78
CA ASP A 44 -15.22 3.82 6.90
C ASP A 44 -16.01 3.05 7.97
N GLU A 45 -16.61 1.94 7.56
CA GLU A 45 -17.37 1.09 8.47
C GLU A 45 -16.42 0.11 9.16
N CYS A 46 -15.21 0.58 9.41
CA CYS A 46 -14.15 -0.21 10.01
C CYS A 46 -13.26 0.74 10.80
N PRO A 47 -12.36 0.22 11.67
CA PRO A 47 -11.35 1.06 12.32
C PRO A 47 -10.61 1.82 11.27
N HIS A 48 -10.62 3.12 11.41
CA HIS A 48 -10.07 3.98 10.43
C HIS A 48 -8.60 3.67 10.16
N SER A 49 -8.29 3.53 8.89
CA SER A 49 -6.95 3.25 8.45
C SER A 49 -5.96 4.31 8.95
N GLN A 50 -6.48 5.42 9.49
CA GLN A 50 -5.63 6.48 10.02
C GLN A 50 -4.82 5.97 11.20
N ALA A 51 -5.43 5.09 12.00
CA ALA A 51 -4.75 4.52 13.14
C ALA A 51 -3.65 3.59 12.67
N LEU A 52 -3.91 2.91 11.56
CA LEU A 52 -2.93 2.01 10.98
C LEU A 52 -1.84 2.79 10.24
N LYS A 53 -2.24 3.85 9.54
CA LYS A 53 -1.31 4.69 8.77
C LYS A 53 -0.34 5.41 9.70
N LYS A 54 -0.76 5.66 10.92
CA LYS A 54 0.09 6.34 11.88
C LYS A 54 1.20 5.40 12.35
N VAL A 55 0.83 4.23 12.86
CA VAL A 55 1.81 3.24 13.34
C VAL A 55 2.73 2.81 12.18
N PHE A 56 2.21 2.91 10.97
CA PHE A 56 2.95 2.63 9.75
C PHE A 56 4.21 3.50 9.69
N ALA A 57 4.03 4.79 9.91
CA ALA A 57 5.13 5.75 9.87
C ALA A 57 5.93 5.78 11.18
N GLU A 58 5.38 5.16 12.21
CA GLU A 58 6.02 5.13 13.51
C GLU A 58 7.10 4.04 13.60
N ASN A 59 7.11 3.14 12.62
CA ASN A 59 8.10 2.07 12.59
C ASN A 59 9.06 2.30 11.44
N LYS A 60 10.35 2.30 11.73
CA LYS A 60 11.39 2.63 10.74
C LYS A 60 11.35 1.71 9.51
N GLU A 61 11.23 0.41 9.72
CA GLU A 61 11.22 -0.55 8.61
C GLU A 61 10.03 -0.30 7.68
N ILE A 62 8.92 0.11 8.25
CA ILE A 62 7.72 0.36 7.48
C ILE A 62 7.84 1.72 6.79
N GLN A 63 8.57 2.64 7.44
CA GLN A 63 8.82 3.96 6.90
C GLN A 63 9.61 3.84 5.60
N LYS A 64 10.55 2.89 5.56
CA LYS A 64 11.36 2.64 4.37
C LYS A 64 10.47 2.27 3.19
N LEU A 65 9.45 1.46 3.47
CA LEU A 65 8.51 1.05 2.43
C LEU A 65 7.85 2.24 1.75
N ALA A 66 7.48 3.27 2.50
CA ALA A 66 6.81 4.44 1.89
C ALA A 66 7.82 5.39 1.24
N GLU A 67 9.09 5.11 1.43
CA GLU A 67 10.14 5.96 0.87
C GLU A 67 10.21 5.81 -0.64
N GLN A 68 10.23 4.57 -1.12
CA GLN A 68 10.36 4.32 -2.55
C GLN A 68 9.12 3.72 -3.19
N PHE A 69 8.05 3.55 -2.42
CA PHE A 69 6.84 2.91 -2.96
C PHE A 69 5.60 3.80 -2.82
N VAL A 70 4.49 3.34 -3.38
CA VAL A 70 3.27 4.14 -3.40
C VAL A 70 2.30 3.71 -2.31
N LEU A 71 1.61 4.66 -1.76
CA LEU A 71 0.58 4.40 -0.78
C LEU A 71 -0.74 4.92 -1.32
N LEU A 72 -1.65 4.02 -1.58
CA LEU A 72 -2.95 4.43 -2.11
C LEU A 72 -4.01 4.28 -1.06
N ASN A 73 -4.55 5.40 -0.62
CA ASN A 73 -5.59 5.39 0.38
C ASN A 73 -6.96 5.35 -0.32
N LEU A 74 -7.56 4.16 -0.39
CA LEU A 74 -8.83 4.00 -1.09
C LEU A 74 -10.01 4.25 -0.16
N VAL A 75 -10.64 5.41 -0.34
CA VAL A 75 -11.81 5.76 0.45
C VAL A 75 -13.10 5.30 -0.25
N TYR A 76 -13.06 4.03 -0.68
CA TYR A 76 -14.17 3.38 -1.38
C TYR A 76 -14.19 3.79 -2.85
N GLU A 77 -13.33 3.15 -3.61
CA GLU A 77 -13.21 3.40 -5.03
C GLU A 77 -12.73 2.12 -5.72
N THR A 78 -11.47 1.83 -5.58
CA THR A 78 -10.91 0.63 -6.15
C THR A 78 -11.07 -0.53 -5.18
N THR A 79 -12.18 -1.21 -5.31
CA THR A 79 -12.49 -2.35 -4.48
C THR A 79 -13.49 -3.25 -5.21
N ASP A 80 -13.46 -3.14 -6.53
CA ASP A 80 -14.36 -3.87 -7.41
C ASP A 80 -14.07 -5.36 -7.42
N LYS A 81 -15.02 -6.12 -7.94
CA LYS A 81 -14.99 -7.59 -7.93
C LYS A 81 -13.80 -8.16 -8.76
N HIS A 82 -13.14 -7.32 -9.55
CA HIS A 82 -12.01 -7.78 -10.37
C HIS A 82 -10.83 -8.11 -9.48
N LEU A 83 -10.62 -7.29 -8.46
CA LEU A 83 -9.51 -7.49 -7.54
C LEU A 83 -9.74 -8.72 -6.70
N SER A 84 -10.91 -8.79 -6.10
CA SER A 84 -11.28 -9.90 -5.28
C SER A 84 -12.77 -10.17 -5.46
N PRO A 85 -13.13 -11.41 -5.86
CA PRO A 85 -14.54 -11.77 -6.11
C PRO A 85 -15.42 -11.62 -4.87
N ASP A 86 -14.91 -12.06 -3.74
CA ASP A 86 -15.63 -11.95 -2.48
C ASP A 86 -14.85 -11.05 -1.51
N GLY A 87 -14.22 -10.03 -2.07
CA GLY A 87 -13.40 -9.11 -1.29
C GLY A 87 -14.17 -8.39 -0.19
N GLN A 88 -14.10 -8.94 1.02
CA GLN A 88 -14.73 -8.36 2.19
C GLN A 88 -13.67 -7.91 3.18
N TYR A 89 -12.50 -7.61 2.65
CA TYR A 89 -11.34 -7.23 3.44
C TYR A 89 -11.60 -6.03 4.37
N VAL A 90 -10.69 -5.87 5.32
CA VAL A 90 -10.75 -4.84 6.32
C VAL A 90 -9.39 -4.13 6.34
N PRO A 91 -9.34 -2.80 6.73
CA PRO A 91 -8.12 -2.01 6.83
C PRO A 91 -6.86 -2.85 7.09
N ARG A 92 -6.13 -3.08 6.03
CA ARG A 92 -4.92 -3.87 6.04
C ARG A 92 -4.17 -3.54 4.75
N ILE A 93 -3.24 -4.36 4.37
CA ILE A 93 -2.48 -4.11 3.17
C ILE A 93 -2.87 -5.07 2.05
N MET A 94 -2.92 -4.53 0.84
CA MET A 94 -3.23 -5.28 -0.35
C MET A 94 -2.27 -4.79 -1.43
N PHE A 95 -1.99 -5.60 -2.43
CA PHE A 95 -1.00 -5.20 -3.42
C PHE A 95 -1.40 -5.60 -4.83
N VAL A 96 -1.21 -4.66 -5.74
CA VAL A 96 -1.40 -4.92 -7.15
C VAL A 96 -0.05 -4.84 -7.87
N ASP A 97 0.23 -5.87 -8.65
CA ASP A 97 1.49 -5.96 -9.37
C ASP A 97 1.60 -4.86 -10.41
N PRO A 98 2.79 -4.25 -10.57
CA PRO A 98 3.03 -3.18 -11.56
C PRO A 98 2.73 -3.64 -13.00
N SER A 99 2.53 -4.94 -13.18
CA SER A 99 2.19 -5.49 -14.48
C SER A 99 0.67 -5.41 -14.71
N LEU A 100 -0.02 -4.60 -13.89
CA LEU A 100 -1.47 -4.39 -14.00
C LEU A 100 -2.22 -5.69 -13.78
N THR A 101 -1.87 -6.41 -12.73
CA THR A 101 -2.45 -7.72 -12.46
C THR A 101 -2.41 -8.06 -10.97
N VAL A 102 -3.25 -9.01 -10.57
CA VAL A 102 -3.24 -9.51 -9.22
C VAL A 102 -2.48 -10.83 -9.21
N ARG A 103 -1.46 -10.91 -8.41
CA ARG A 103 -0.61 -12.09 -8.38
C ARG A 103 -0.67 -12.73 -7.02
N ALA A 104 -1.48 -13.76 -6.90
CA ALA A 104 -1.69 -14.41 -5.62
C ALA A 104 -1.15 -15.83 -5.63
N ASP A 105 0.16 -15.95 -5.72
CA ASP A 105 0.82 -17.25 -5.78
C ASP A 105 1.42 -17.62 -4.43
N ILE A 106 1.57 -16.64 -3.58
CA ILE A 106 2.16 -16.84 -2.26
C ILE A 106 1.25 -17.66 -1.39
N THR A 107 1.81 -18.64 -0.73
CA THR A 107 1.06 -19.48 0.16
C THR A 107 1.25 -18.96 1.59
N GLY A 108 0.22 -19.08 2.40
CA GLY A 108 0.30 -18.55 3.74
C GLY A 108 -0.16 -19.51 4.79
N ARG A 109 0.27 -19.25 5.99
CA ARG A 109 -0.13 -19.96 7.18
C ARG A 109 -0.44 -18.89 8.19
N TYR A 110 -1.11 -19.16 9.28
CA TYR A 110 -1.53 -18.09 10.15
C TYR A 110 -0.82 -18.20 11.47
N SER A 111 0.31 -17.54 11.56
CA SER A 111 1.09 -17.60 12.76
C SER A 111 0.42 -16.79 13.87
N ASN A 112 0.36 -15.51 13.67
CA ASN A 112 -0.29 -14.61 14.61
C ASN A 112 -1.25 -13.75 13.87
N ARG A 113 -2.49 -14.25 13.71
CA ARG A 113 -3.57 -13.54 12.99
C ARG A 113 -3.07 -12.94 11.68
N LEU A 114 -3.17 -13.73 10.63
CA LEU A 114 -2.57 -13.41 9.37
C LEU A 114 -3.11 -12.14 8.71
N TYR A 115 -4.22 -11.58 9.20
CA TYR A 115 -4.76 -10.36 8.62
C TYR A 115 -5.33 -9.49 9.74
N ALA A 116 -4.67 -8.37 10.02
CA ALA A 116 -5.11 -7.49 11.09
C ALA A 116 -4.49 -6.10 11.00
N TYR A 117 -4.93 -5.22 11.88
CA TYR A 117 -4.38 -3.90 12.04
C TYR A 117 -3.71 -3.81 13.41
N GLU A 118 -3.99 -2.78 14.25
CA GLU A 118 -3.29 -2.64 15.55
C GLU A 118 -1.74 -2.67 15.44
N PRO A 119 -1.04 -2.27 16.52
CA PRO A 119 0.41 -2.40 16.60
C PRO A 119 0.81 -3.84 16.88
N ALA A 120 -0.18 -4.69 17.11
CA ALA A 120 0.03 -6.09 17.40
C ALA A 120 0.39 -6.86 16.14
N ASP A 121 -0.03 -6.37 14.98
CA ASP A 121 0.26 -7.04 13.72
C ASP A 121 1.48 -6.41 13.06
N THR A 122 2.28 -5.68 13.83
CA THR A 122 3.42 -4.94 13.29
C THR A 122 4.45 -5.81 12.58
N ALA A 123 4.64 -7.04 13.03
CA ALA A 123 5.63 -7.91 12.41
C ALA A 123 5.05 -8.56 11.17
N LEU A 124 3.86 -9.11 11.30
CA LEU A 124 3.18 -9.75 10.17
C LEU A 124 2.92 -8.73 9.09
N LEU A 125 2.44 -7.56 9.49
CA LEU A 125 2.21 -6.45 8.58
C LEU A 125 3.49 -6.20 7.77
N LEU A 126 4.60 -6.16 8.48
CA LEU A 126 5.89 -5.93 7.87
C LEU A 126 6.31 -7.06 6.93
N ASP A 127 6.20 -8.28 7.40
CA ASP A 127 6.56 -9.44 6.58
C ASP A 127 5.62 -9.56 5.38
N ASN A 128 4.34 -9.33 5.62
CA ASN A 128 3.31 -9.43 4.59
C ASN A 128 3.50 -8.33 3.54
N MET A 129 3.88 -7.13 3.97
CA MET A 129 4.12 -6.05 3.03
C MET A 129 5.39 -6.30 2.23
N LYS A 130 6.27 -7.11 2.81
CA LYS A 130 7.48 -7.52 2.14
C LYS A 130 7.11 -8.60 1.11
N LYS A 131 6.23 -9.51 1.53
CA LYS A 131 5.71 -10.53 0.63
C LYS A 131 5.06 -9.84 -0.54
N ALA A 132 4.22 -8.84 -0.22
CA ALA A 132 3.49 -8.07 -1.21
C ALA A 132 4.43 -7.27 -2.10
N LEU A 133 5.62 -7.00 -1.62
CA LEU A 133 6.60 -6.27 -2.41
C LEU A 133 7.13 -7.17 -3.53
N LYS A 134 6.77 -8.43 -3.42
CA LYS A 134 7.11 -9.43 -4.41
C LYS A 134 5.84 -9.87 -5.15
N LEU A 135 4.94 -10.53 -4.41
CA LEU A 135 3.68 -11.04 -4.95
C LEU A 135 2.61 -10.87 -3.88
N LEU A 136 1.39 -11.25 -4.17
CA LEU A 136 0.32 -11.18 -3.19
C LEU A 136 -0.04 -12.60 -2.70
N LYS A 137 -0.62 -12.69 -1.52
CA LYS A 137 -0.99 -13.99 -0.95
C LYS A 137 -2.24 -14.55 -1.63
N THR A 138 -2.24 -15.86 -1.84
CA THR A 138 -3.40 -16.57 -2.40
C THR A 138 -4.72 -16.14 -1.72
N GLU A 139 -5.80 -16.24 -2.46
CA GLU A 139 -7.09 -15.84 -1.98
C GLU A 139 -8.11 -16.98 -2.13
N LEU A 140 -7.61 -18.14 -2.52
CA LEU A 140 -8.46 -19.30 -2.72
C LEU A 140 -8.24 -20.32 -1.61
N ILE A 1 -34.48 13.13 5.59
CA ILE A 1 -33.43 12.28 6.19
C ILE A 1 -32.16 13.11 6.41
N ASP A 2 -31.48 13.45 5.31
CA ASP A 2 -30.24 14.24 5.33
C ASP A 2 -29.08 13.48 6.00
N PRO A 3 -28.12 12.99 5.20
CA PRO A 3 -26.94 12.28 5.71
C PRO A 3 -26.04 13.20 6.51
N PHE A 4 -25.52 12.70 7.61
CA PHE A 4 -24.65 13.48 8.47
C PHE A 4 -23.22 13.49 7.95
N THR A 5 -22.92 12.60 7.02
CA THR A 5 -21.60 12.55 6.43
C THR A 5 -21.45 13.61 5.35
N PRO A 6 -20.54 14.60 5.55
CA PRO A 6 -20.32 15.70 4.60
C PRO A 6 -19.61 15.23 3.33
N GLN A 7 -19.14 13.98 3.33
CA GLN A 7 -18.46 13.37 2.18
C GLN A 7 -17.09 14.03 1.93
N THR A 8 -16.34 13.48 0.99
CA THR A 8 -15.05 14.00 0.65
C THR A 8 -15.06 14.51 -0.80
N LEU A 9 -14.69 15.76 -0.98
CA LEU A 9 -14.75 16.38 -2.28
C LEU A 9 -13.38 16.41 -2.97
N SER A 10 -12.34 16.56 -2.20
CA SER A 10 -10.99 16.65 -2.76
C SER A 10 -10.27 15.30 -2.79
N ARG A 11 -10.32 14.57 -1.68
CA ARG A 11 -9.63 13.27 -1.57
C ARG A 11 -8.11 13.43 -1.65
N GLY A 12 -7.63 14.61 -1.27
CA GLY A 12 -6.22 14.88 -1.32
C GLY A 12 -5.79 15.74 -0.16
N TRP A 13 -5.43 15.12 0.93
CA TRP A 13 -5.02 15.81 2.13
C TRP A 13 -3.91 15.07 2.85
N GLY A 14 -2.68 15.49 2.62
CA GLY A 14 -1.55 14.87 3.26
C GLY A 14 -0.90 13.81 2.38
N ASP A 15 -0.43 12.74 3.03
CA ASP A 15 0.24 11.61 2.34
C ASP A 15 1.57 12.03 1.75
N GLN A 16 2.19 11.13 0.99
CA GLN A 16 3.51 11.40 0.41
C GLN A 16 3.50 11.19 -1.10
N LEU A 17 4.67 11.42 -1.71
CA LEU A 17 4.86 11.28 -3.16
C LEU A 17 4.08 12.35 -3.92
N ILE A 18 2.83 12.08 -4.21
CA ILE A 18 1.99 13.00 -4.95
C ILE A 18 0.60 13.05 -4.33
N TRP A 19 -0.24 13.93 -4.80
CA TRP A 19 -1.59 14.02 -4.30
C TRP A 19 -2.38 12.80 -4.74
N THR A 20 -3.12 12.22 -3.81
CA THR A 20 -3.90 11.01 -4.04
C THR A 20 -4.66 11.05 -5.37
N GLN A 21 -4.25 10.21 -6.29
CA GLN A 21 -4.87 10.11 -7.60
C GLN A 21 -5.96 9.07 -7.59
N THR A 22 -6.55 8.83 -8.75
CA THR A 22 -7.59 7.85 -8.88
C THR A 22 -6.97 6.47 -9.08
N TYR A 23 -7.78 5.43 -8.91
CA TYR A 23 -7.33 4.06 -9.05
C TYR A 23 -6.69 3.82 -10.42
N GLU A 24 -7.40 4.20 -11.47
CA GLU A 24 -6.93 3.99 -12.83
C GLU A 24 -5.67 4.81 -13.15
N ALA A 25 -5.56 6.01 -12.60
CA ALA A 25 -4.40 6.87 -12.88
C ALA A 25 -3.14 6.34 -12.22
N ALA A 26 -3.27 5.89 -10.97
CA ALA A 26 -2.13 5.35 -10.24
C ALA A 26 -1.64 4.08 -10.90
N LEU A 27 -2.58 3.31 -11.45
CA LEU A 27 -2.24 2.09 -12.19
C LEU A 27 -1.29 2.41 -13.34
N TYR A 28 -1.53 3.55 -14.00
CA TYR A 28 -0.68 3.99 -15.09
C TYR A 28 0.71 4.32 -14.58
N LYS A 29 0.77 5.08 -13.48
CA LYS A 29 2.04 5.47 -12.87
C LYS A 29 2.88 4.24 -12.56
N SER A 30 2.25 3.26 -11.98
CA SER A 30 2.90 2.02 -11.60
C SER A 30 3.53 1.32 -12.81
N LYS A 31 2.84 1.36 -13.95
CA LYS A 31 3.34 0.71 -15.15
C LYS A 31 4.38 1.55 -15.88
N THR A 32 4.20 2.86 -15.90
CA THR A 32 5.09 3.73 -16.67
C THR A 32 6.39 3.99 -15.90
N SER A 33 6.32 4.00 -14.59
CA SER A 33 7.49 4.22 -13.77
C SER A 33 8.01 2.89 -13.23
N ASN A 34 7.34 1.79 -13.64
CA ASN A 34 7.68 0.42 -13.22
C ASN A 34 7.67 0.30 -11.68
N LYS A 35 6.97 1.22 -11.04
CA LYS A 35 6.89 1.27 -9.60
C LYS A 35 5.80 0.34 -9.10
N PRO A 36 6.15 -0.66 -8.28
CA PRO A 36 5.17 -1.57 -7.70
C PRO A 36 4.19 -0.78 -6.84
N LEU A 37 2.93 -0.92 -7.15
CA LEU A 37 1.90 -0.19 -6.45
C LEU A 37 1.57 -0.89 -5.14
N MET A 38 1.52 -0.13 -4.07
CA MET A 38 1.20 -0.66 -2.77
C MET A 38 -0.04 0.06 -2.25
N ILE A 39 -1.17 -0.60 -2.35
CA ILE A 39 -2.42 0.03 -1.97
C ILE A 39 -2.76 -0.23 -0.54
N ILE A 40 -2.88 0.85 0.18
CA ILE A 40 -3.30 0.79 1.55
C ILE A 40 -4.81 0.52 1.62
N HIS A 41 -5.15 -0.64 2.13
CA HIS A 41 -6.53 -1.08 2.22
C HIS A 41 -7.17 -0.57 3.51
N HIS A 42 -8.27 0.19 3.39
CA HIS A 42 -8.91 0.74 4.59
C HIS A 42 -10.40 1.05 4.36
N LEU A 43 -11.14 1.17 5.46
CA LEU A 43 -12.56 1.51 5.46
C LEU A 43 -12.93 1.98 6.87
N ASP A 44 -14.13 2.51 7.05
CA ASP A 44 -14.55 3.03 8.36
C ASP A 44 -15.14 1.92 9.24
N GLU A 45 -15.44 0.77 8.65
CA GLU A 45 -16.04 -0.37 9.38
C GLU A 45 -14.98 -1.12 10.24
N CYS A 46 -13.89 -0.46 10.51
CA CYS A 46 -12.79 -1.01 11.28
C CYS A 46 -12.09 0.14 11.99
N PRO A 47 -11.10 -0.14 12.91
CA PRO A 47 -10.27 0.90 13.50
C PRO A 47 -9.84 1.88 12.44
N HIS A 48 -10.11 3.16 12.69
CA HIS A 48 -9.84 4.20 11.73
C HIS A 48 -8.45 4.10 11.17
N SER A 49 -8.36 4.36 9.87
CA SER A 49 -7.11 4.30 9.13
C SER A 49 -6.01 5.13 9.79
N GLN A 50 -6.41 6.04 10.67
CA GLN A 50 -5.47 6.91 11.36
C GLN A 50 -4.60 6.10 12.31
N ALA A 51 -5.20 5.12 12.97
CA ALA A 51 -4.49 4.25 13.89
C ALA A 51 -3.43 3.46 13.16
N LEU A 52 -3.80 2.91 12.02
CA LEU A 52 -2.87 2.12 11.23
C LEU A 52 -1.83 3.03 10.57
N LYS A 53 -2.26 4.24 10.21
CA LYS A 53 -1.37 5.19 9.57
C LYS A 53 -0.32 5.70 10.55
N LYS A 54 -0.65 5.63 11.85
CA LYS A 54 0.29 6.00 12.89
C LYS A 54 1.46 5.03 12.85
N VAL A 55 1.14 3.75 12.95
CA VAL A 55 2.13 2.67 12.83
C VAL A 55 2.91 2.83 11.53
N PHE A 56 2.19 3.12 10.46
CA PHE A 56 2.77 3.33 9.14
C PHE A 56 3.89 4.37 9.15
N ALA A 57 3.71 5.42 9.92
CA ALA A 57 4.67 6.51 9.98
C ALA A 57 5.80 6.24 10.96
N GLU A 58 5.49 5.64 12.10
CA GLU A 58 6.49 5.44 13.14
C GLU A 58 7.27 4.14 13.02
N ASN A 59 6.72 3.15 12.34
CA ASN A 59 7.42 1.88 12.18
C ASN A 59 8.49 1.99 11.10
N LYS A 60 9.75 1.89 11.52
CA LYS A 60 10.95 2.03 10.67
C LYS A 60 10.83 1.34 9.31
N GLU A 61 10.27 0.16 9.28
CA GLU A 61 10.23 -0.61 8.05
C GLU A 61 9.08 -0.21 7.15
N ILE A 62 7.96 0.19 7.74
CA ILE A 62 6.82 0.59 6.94
C ILE A 62 7.06 1.99 6.38
N GLN A 63 7.73 2.81 7.17
CA GLN A 63 8.06 4.16 6.77
C GLN A 63 9.08 4.13 5.62
N LYS A 64 10.09 3.27 5.75
CA LYS A 64 11.12 3.17 4.73
C LYS A 64 10.57 2.54 3.45
N LEU A 65 9.73 1.53 3.61
CA LEU A 65 9.14 0.85 2.47
C LEU A 65 8.21 1.76 1.71
N ALA A 66 7.61 2.71 2.42
CA ALA A 66 6.71 3.65 1.79
C ALA A 66 7.51 4.70 1.03
N GLU A 67 8.77 4.82 1.38
CA GLU A 67 9.64 5.80 0.76
C GLU A 67 10.05 5.33 -0.64
N GLN A 68 10.13 4.02 -0.80
CA GLN A 68 10.57 3.45 -2.08
C GLN A 68 9.37 2.98 -2.92
N PHE A 69 8.21 2.85 -2.30
CA PHE A 69 7.03 2.33 -2.98
C PHE A 69 5.90 3.37 -3.05
N VAL A 70 4.75 2.97 -3.61
CA VAL A 70 3.60 3.88 -3.76
C VAL A 70 2.62 3.66 -2.63
N LEU A 71 2.03 4.73 -2.13
CA LEU A 71 1.05 4.60 -1.07
C LEU A 71 -0.28 5.16 -1.55
N LEU A 72 -1.27 4.29 -1.65
CA LEU A 72 -2.57 4.72 -2.07
C LEU A 72 -3.60 4.50 -1.00
N ASN A 73 -4.09 5.58 -0.43
CA ASN A 73 -5.15 5.49 0.53
C ASN A 73 -6.47 5.57 -0.20
N LEU A 74 -7.13 4.44 -0.34
CA LEU A 74 -8.33 4.38 -1.15
C LEU A 74 -9.41 3.54 -0.47
N VAL A 75 -10.64 3.80 -0.84
CA VAL A 75 -11.77 3.07 -0.32
C VAL A 75 -12.16 1.98 -1.32
N TYR A 76 -12.66 0.87 -0.84
CA TYR A 76 -13.00 -0.22 -1.72
C TYR A 76 -14.51 -0.35 -1.85
N GLU A 77 -14.95 -0.75 -3.03
CA GLU A 77 -16.36 -0.95 -3.28
C GLU A 77 -16.53 -1.89 -4.46
N THR A 78 -15.91 -1.55 -5.58
CA THR A 78 -16.03 -2.34 -6.78
C THR A 78 -14.84 -3.31 -6.92
N THR A 79 -14.07 -3.46 -5.86
CA THR A 79 -12.94 -4.34 -5.85
C THR A 79 -13.36 -5.75 -5.45
N ASP A 80 -13.35 -6.66 -6.41
CA ASP A 80 -13.73 -8.04 -6.16
C ASP A 80 -12.75 -8.73 -5.23
N LYS A 81 -13.25 -9.65 -4.42
CA LYS A 81 -12.43 -10.37 -3.47
C LYS A 81 -11.53 -11.38 -4.17
N HIS A 82 -11.64 -11.44 -5.50
CA HIS A 82 -10.81 -12.33 -6.30
C HIS A 82 -9.33 -11.98 -6.16
N LEU A 83 -9.04 -10.72 -5.86
CA LEU A 83 -7.67 -10.28 -5.71
C LEU A 83 -7.01 -10.91 -4.48
N SER A 84 -7.82 -11.15 -3.45
CA SER A 84 -7.36 -11.80 -2.25
C SER A 84 -8.57 -12.38 -1.51
N PRO A 85 -8.77 -13.72 -1.63
CA PRO A 85 -9.91 -14.41 -1.00
C PRO A 85 -10.04 -14.14 0.50
N ASP A 86 -8.92 -13.93 1.16
CA ASP A 86 -8.93 -13.69 2.59
C ASP A 86 -8.47 -12.27 2.89
N GLY A 87 -8.77 -11.35 1.99
CA GLY A 87 -8.37 -9.98 2.18
C GLY A 87 -9.55 -9.07 2.45
N GLN A 88 -10.62 -9.67 2.96
CA GLN A 88 -11.84 -8.92 3.28
C GLN A 88 -11.60 -7.90 4.39
N TYR A 89 -10.62 -8.20 5.24
CA TYR A 89 -10.27 -7.32 6.33
C TYR A 89 -9.56 -6.09 5.77
N VAL A 90 -9.87 -4.94 6.31
CA VAL A 90 -9.34 -3.71 5.75
C VAL A 90 -7.94 -3.30 6.23
N PRO A 91 -7.78 -2.76 7.48
CA PRO A 91 -6.48 -2.24 7.96
C PRO A 91 -5.30 -3.18 7.72
N ARG A 92 -4.64 -2.96 6.59
CA ARG A 92 -3.43 -3.64 6.18
C ARG A 92 -3.06 -3.22 4.78
N ILE A 93 -2.02 -3.81 4.25
CA ILE A 93 -1.52 -3.41 2.96
C ILE A 93 -1.76 -4.47 1.89
N MET A 94 -1.89 -4.01 0.67
CA MET A 94 -2.02 -4.86 -0.49
C MET A 94 -1.15 -4.27 -1.59
N PHE A 95 -1.04 -4.95 -2.72
CA PHE A 95 -0.21 -4.42 -3.77
C PHE A 95 -0.72 -4.80 -5.15
N VAL A 96 -0.57 -3.88 -6.07
CA VAL A 96 -0.92 -4.10 -7.44
C VAL A 96 0.36 -4.11 -8.27
N ASP A 97 0.58 -5.21 -8.97
CA ASP A 97 1.78 -5.38 -9.77
C ASP A 97 1.75 -4.45 -10.99
N PRO A 98 2.92 -3.88 -11.38
CA PRO A 98 3.04 -2.98 -12.56
C PRO A 98 2.49 -3.61 -13.85
N SER A 99 2.26 -4.93 -13.83
CA SER A 99 1.70 -5.63 -14.98
C SER A 99 0.18 -5.41 -15.07
N LEU A 100 -0.35 -4.56 -14.17
CA LEU A 100 -1.78 -4.22 -14.11
C LEU A 100 -2.60 -5.41 -13.63
N THR A 101 -2.41 -5.76 -12.37
CA THR A 101 -3.14 -6.87 -11.76
C THR A 101 -2.72 -7.04 -10.30
N VAL A 102 -3.52 -7.77 -9.55
CA VAL A 102 -3.23 -8.04 -8.16
C VAL A 102 -2.80 -9.48 -8.02
N ARG A 103 -1.94 -9.76 -7.05
CA ARG A 103 -1.42 -11.10 -6.88
C ARG A 103 -1.53 -11.56 -5.43
N ALA A 104 -2.28 -12.63 -5.22
CA ALA A 104 -2.44 -13.21 -3.89
C ALA A 104 -1.37 -14.26 -3.64
N ASP A 105 -0.12 -13.85 -3.76
CA ASP A 105 1.01 -14.75 -3.57
C ASP A 105 1.76 -14.38 -2.29
N ILE A 106 1.05 -13.76 -1.37
CA ILE A 106 1.64 -13.35 -0.12
C ILE A 106 1.44 -14.40 0.96
N THR A 107 2.49 -15.13 1.27
CA THR A 107 2.47 -16.10 2.31
C THR A 107 2.86 -15.45 3.64
N GLY A 108 2.12 -15.78 4.69
CA GLY A 108 2.38 -15.19 5.98
C GLY A 108 2.99 -16.20 6.93
N ARG A 109 4.09 -15.83 7.56
CA ARG A 109 4.75 -16.73 8.51
C ARG A 109 3.96 -16.90 9.79
N TYR A 110 3.34 -15.82 10.26
CA TYR A 110 2.58 -15.89 11.48
C TYR A 110 1.15 -16.36 11.24
N SER A 111 0.95 -17.65 11.34
CA SER A 111 -0.37 -18.22 11.19
C SER A 111 -1.06 -18.27 12.55
N ASN A 112 -0.29 -17.86 13.59
CA ASN A 112 -0.77 -17.76 14.97
C ASN A 112 -2.17 -17.21 14.99
N ARG A 113 -2.36 -16.09 14.33
CA ARG A 113 -3.65 -15.51 14.11
C ARG A 113 -3.55 -14.78 12.77
N LEU A 114 -3.79 -15.52 11.72
CA LEU A 114 -3.52 -15.09 10.36
C LEU A 114 -4.48 -14.03 9.80
N TYR A 115 -5.54 -13.70 10.49
CA TYR A 115 -6.47 -12.76 9.91
C TYR A 115 -6.71 -11.67 10.93
N ALA A 116 -6.20 -10.50 10.64
CA ALA A 116 -6.25 -9.42 11.59
C ALA A 116 -6.28 -8.06 10.90
N TYR A 117 -6.43 -7.02 11.70
CA TYR A 117 -6.45 -5.64 11.19
C TYR A 117 -6.07 -4.64 12.28
N GLU A 118 -5.59 -5.13 13.39
CA GLU A 118 -5.21 -4.26 14.49
C GLU A 118 -3.83 -3.65 14.25
N PRO A 119 -3.57 -2.45 14.80
CA PRO A 119 -2.26 -1.80 14.70
C PRO A 119 -1.15 -2.68 15.29
N ALA A 120 -1.55 -3.59 16.19
CA ALA A 120 -0.63 -4.51 16.80
C ALA A 120 -0.16 -5.58 15.82
N ASP A 121 -0.97 -5.84 14.79
CA ASP A 121 -0.64 -6.85 13.76
C ASP A 121 0.41 -6.33 12.80
N THR A 122 1.18 -5.36 13.27
CA THR A 122 2.15 -4.68 12.45
C THR A 122 3.30 -5.60 12.06
N ALA A 123 3.47 -6.73 12.76
CA ALA A 123 4.54 -7.66 12.46
C ALA A 123 4.15 -8.54 11.28
N LEU A 124 2.98 -9.14 11.36
CA LEU A 124 2.43 -9.94 10.27
C LEU A 124 2.28 -9.06 9.03
N LEU A 125 1.68 -7.90 9.22
CA LEU A 125 1.57 -6.90 8.16
C LEU A 125 2.94 -6.67 7.53
N LEU A 126 3.96 -6.57 8.37
CA LEU A 126 5.32 -6.35 7.93
C LEU A 126 5.85 -7.55 7.14
N ASP A 127 5.58 -8.76 7.63
CA ASP A 127 5.99 -9.98 6.93
C ASP A 127 5.33 -10.05 5.57
N ASN A 128 4.06 -9.67 5.51
CA ASN A 128 3.31 -9.60 4.26
C ASN A 128 4.00 -8.64 3.32
N MET A 129 4.42 -7.51 3.87
CA MET A 129 5.13 -6.48 3.12
C MET A 129 6.40 -7.04 2.50
N LYS A 130 7.04 -7.95 3.19
CA LYS A 130 8.26 -8.57 2.72
C LYS A 130 7.96 -9.42 1.49
N LYS A 131 6.98 -10.28 1.61
CA LYS A 131 6.62 -11.17 0.53
C LYS A 131 5.94 -10.42 -0.64
N ALA A 132 5.30 -9.32 -0.33
CA ALA A 132 4.57 -8.55 -1.33
C ALA A 132 5.48 -7.79 -2.26
N LEU A 133 6.49 -7.17 -1.69
CA LEU A 133 7.34 -6.27 -2.48
C LEU A 133 8.80 -6.74 -2.55
N LYS A 134 9.27 -7.38 -1.50
CA LYS A 134 10.65 -7.83 -1.47
C LYS A 134 10.86 -9.18 -2.12
N LEU A 135 11.33 -9.16 -3.34
CA LEU A 135 11.64 -10.37 -4.07
C LEU A 135 12.98 -10.93 -3.59
N LEU A 136 12.92 -11.90 -2.71
CA LEU A 136 14.11 -12.49 -2.12
C LEU A 136 14.85 -13.38 -3.13
N LYS A 137 14.21 -14.48 -3.52
CA LYS A 137 14.82 -15.40 -4.45
C LYS A 137 13.76 -16.28 -5.12
N THR A 138 12.99 -15.68 -5.99
CA THR A 138 11.97 -16.39 -6.73
C THR A 138 12.61 -17.04 -7.96
N GLU A 139 12.92 -18.31 -7.85
CA GLU A 139 13.60 -19.01 -8.92
C GLU A 139 12.60 -19.75 -9.80
N LEU A 140 13.00 -19.97 -11.06
CA LEU A 140 12.19 -20.67 -12.06
C LEU A 140 10.93 -19.87 -12.41
N ILE A 1 -6.50 14.81 -1.30
CA ILE A 1 -5.60 15.34 -2.35
C ILE A 1 -6.33 16.33 -3.26
N ASP A 2 -7.66 16.18 -3.37
CA ASP A 2 -8.47 17.07 -4.20
C ASP A 2 -8.41 18.54 -3.71
N PRO A 3 -8.64 18.82 -2.39
CA PRO A 3 -8.55 20.19 -1.86
C PRO A 3 -7.14 20.75 -2.04
N PHE A 4 -7.05 22.06 -2.21
CA PHE A 4 -5.77 22.71 -2.43
C PHE A 4 -4.85 22.55 -1.23
N THR A 5 -3.72 21.91 -1.46
CA THR A 5 -2.76 21.64 -0.41
C THR A 5 -2.17 22.93 0.17
N PRO A 6 -2.12 23.02 1.51
CA PRO A 6 -1.54 24.15 2.22
C PRO A 6 -0.01 24.05 2.27
N GLN A 7 0.61 24.79 3.19
CA GLN A 7 2.05 24.78 3.33
C GLN A 7 2.61 23.39 3.58
N THR A 8 3.32 22.88 2.61
CA THR A 8 3.96 21.59 2.70
C THR A 8 5.28 21.74 3.45
N LEU A 9 5.57 20.79 4.34
CA LEU A 9 6.78 20.84 5.14
C LEU A 9 8.02 20.61 4.27
N SER A 10 8.93 21.59 4.29
CA SER A 10 10.18 21.53 3.53
C SER A 10 9.91 21.69 2.02
N ARG A 11 9.68 22.92 1.60
CA ARG A 11 9.42 23.22 0.19
C ARG A 11 10.72 23.47 -0.55
N GLY A 12 10.69 23.29 -1.85
CA GLY A 12 11.87 23.51 -2.66
C GLY A 12 12.37 22.21 -3.26
N TRP A 13 13.56 21.82 -2.88
CA TRP A 13 14.14 20.58 -3.37
C TRP A 13 14.21 19.54 -2.27
N GLY A 14 13.38 18.53 -2.39
CA GLY A 14 13.35 17.48 -1.40
C GLY A 14 12.69 16.23 -1.92
N ASP A 15 12.84 15.13 -1.21
CA ASP A 15 12.24 13.87 -1.61
C ASP A 15 10.76 13.85 -1.27
N GLN A 16 9.95 14.26 -2.23
CA GLN A 16 8.51 14.28 -2.04
C GLN A 16 7.96 12.86 -2.12
N LEU A 17 6.91 12.60 -1.39
CA LEU A 17 6.30 11.27 -1.38
C LEU A 17 4.92 11.33 -1.95
N ILE A 18 4.35 10.16 -2.19
CA ILE A 18 3.01 10.06 -2.71
C ILE A 18 1.99 10.22 -1.59
N TRP A 19 1.16 11.24 -1.70
CA TRP A 19 0.15 11.50 -0.69
C TRP A 19 -0.98 10.47 -0.79
N THR A 20 -1.78 10.58 -1.83
CA THR A 20 -2.88 9.66 -2.04
C THR A 20 -3.25 9.62 -3.53
N GLN A 21 -3.05 8.47 -4.14
CA GLN A 21 -3.38 8.28 -5.53
C GLN A 21 -4.59 7.36 -5.67
N THR A 22 -5.39 7.59 -6.69
CA THR A 22 -6.53 6.74 -6.96
C THR A 22 -6.11 5.64 -7.95
N TYR A 23 -7.07 4.83 -8.40
CA TYR A 23 -6.78 3.70 -9.31
C TYR A 23 -6.04 4.14 -10.56
N GLU A 24 -6.71 4.93 -11.38
CA GLU A 24 -6.13 5.42 -12.65
C GLU A 24 -4.89 6.29 -12.40
N ALA A 25 -4.81 6.87 -11.23
CA ALA A 25 -3.69 7.75 -10.89
C ALA A 25 -2.44 6.95 -10.53
N ALA A 26 -2.59 5.97 -9.65
CA ALA A 26 -1.46 5.19 -9.17
C ALA A 26 -1.05 4.11 -10.17
N LEU A 27 -2.03 3.41 -10.74
CA LEU A 27 -1.76 2.31 -11.65
C LEU A 27 -0.97 2.81 -12.86
N TYR A 28 -1.39 3.94 -13.41
CA TYR A 28 -0.73 4.49 -14.57
C TYR A 28 0.71 4.90 -14.24
N LYS A 29 0.90 5.49 -13.06
CA LYS A 29 2.22 5.94 -12.65
C LYS A 29 3.16 4.79 -12.33
N SER A 30 2.59 3.61 -12.12
CA SER A 30 3.39 2.43 -11.84
C SER A 30 4.22 2.07 -13.08
N LYS A 31 3.55 2.03 -14.23
CA LYS A 31 4.20 1.77 -15.51
C LYS A 31 5.05 2.99 -15.93
N THR A 32 4.55 4.16 -15.58
CA THR A 32 5.21 5.42 -15.91
C THR A 32 6.59 5.53 -15.25
N SER A 33 6.68 5.09 -14.00
CA SER A 33 7.93 5.18 -13.27
C SER A 33 8.64 3.83 -13.21
N ASN A 34 7.96 2.78 -13.67
CA ASN A 34 8.53 1.41 -13.71
C ASN A 34 8.81 0.90 -12.29
N LYS A 35 7.98 1.30 -11.35
CA LYS A 35 8.15 0.88 -9.98
C LYS A 35 6.89 0.16 -9.48
N PRO A 36 7.08 -0.86 -8.61
CA PRO A 36 5.97 -1.63 -8.00
C PRO A 36 4.90 -0.74 -7.38
N LEU A 37 3.68 -1.23 -7.39
CA LEU A 37 2.53 -0.50 -6.89
C LEU A 37 2.12 -1.03 -5.50
N MET A 38 1.73 -0.11 -4.61
CA MET A 38 1.33 -0.51 -3.27
C MET A 38 -0.09 0.00 -3.02
N ILE A 39 -0.97 -0.89 -2.61
CA ILE A 39 -2.36 -0.53 -2.43
C ILE A 39 -2.72 -0.49 -0.95
N ILE A 40 -3.23 0.63 -0.50
CA ILE A 40 -3.63 0.76 0.90
C ILE A 40 -5.14 1.04 1.03
N HIS A 41 -5.88 0.04 1.48
CA HIS A 41 -7.33 0.17 1.67
C HIS A 41 -7.61 0.66 3.09
N HIS A 42 -8.66 1.46 3.26
CA HIS A 42 -9.04 1.96 4.60
C HIS A 42 -10.53 1.76 4.81
N LEU A 43 -10.99 2.00 6.04
CA LEU A 43 -12.41 1.95 6.41
C LEU A 43 -12.68 2.93 7.54
N ASP A 44 -13.88 3.47 7.56
CA ASP A 44 -14.28 4.43 8.58
C ASP A 44 -14.88 3.73 9.82
N GLU A 45 -15.51 2.58 9.59
CA GLU A 45 -16.20 1.84 10.66
C GLU A 45 -15.22 1.24 11.69
N CYS A 46 -13.96 1.16 11.32
CA CYS A 46 -12.92 0.67 12.22
C CYS A 46 -12.18 1.87 12.78
N PRO A 47 -11.33 1.67 13.83
CA PRO A 47 -10.47 2.73 14.33
C PRO A 47 -9.80 3.40 13.17
N HIS A 48 -9.98 4.71 13.10
CA HIS A 48 -9.50 5.47 11.97
C HIS A 48 -8.04 5.18 11.69
N SER A 49 -7.75 5.10 10.42
CA SER A 49 -6.42 4.78 9.93
C SER A 49 -5.34 5.70 10.53
N GLN A 50 -5.75 6.79 11.18
CA GLN A 50 -4.80 7.69 11.84
C GLN A 50 -4.12 6.97 13.01
N ALA A 51 -4.85 6.03 13.61
CA ALA A 51 -4.33 5.23 14.69
C ALA A 51 -3.30 4.26 14.14
N LEU A 52 -3.61 3.72 12.97
CA LEU A 52 -2.71 2.81 12.28
C LEU A 52 -1.52 3.58 11.71
N LYS A 53 -1.76 4.82 11.30
CA LYS A 53 -0.71 5.67 10.75
C LYS A 53 0.31 6.02 11.82
N LYS A 54 -0.15 6.10 13.07
CA LYS A 54 0.73 6.41 14.18
C LYS A 54 1.77 5.31 14.37
N VAL A 55 1.34 4.06 14.20
CA VAL A 55 2.27 2.93 14.36
C VAL A 55 3.03 2.69 13.06
N PHE A 56 2.47 3.20 11.97
CA PHE A 56 3.09 3.13 10.66
C PHE A 56 4.34 4.00 10.64
N ALA A 57 4.17 5.25 11.05
CA ALA A 57 5.26 6.22 11.09
C ALA A 57 6.30 5.85 12.14
N GLU A 58 5.88 5.11 13.16
CA GLU A 58 6.80 4.68 14.20
C GLU A 58 7.64 3.52 13.72
N ASN A 59 7.04 2.67 12.91
CA ASN A 59 7.77 1.55 12.34
C ASN A 59 8.30 1.92 10.97
N LYS A 60 9.32 2.78 10.96
CA LYS A 60 9.99 3.25 9.72
C LYS A 60 10.27 2.15 8.69
N GLU A 61 10.27 0.89 9.10
CA GLU A 61 10.50 -0.21 8.16
C GLU A 61 9.31 -0.33 7.21
N ILE A 62 8.14 0.00 7.71
CA ILE A 62 6.92 -0.02 6.92
C ILE A 62 6.85 1.25 6.09
N GLN A 63 7.20 2.37 6.74
CA GLN A 63 7.20 3.67 6.10
C GLN A 63 8.16 3.69 4.92
N LYS A 64 9.38 3.19 5.14
CA LYS A 64 10.42 3.18 4.11
C LYS A 64 9.94 2.48 2.86
N LEU A 65 9.22 1.37 3.04
CA LEU A 65 8.71 0.65 1.90
C LEU A 65 7.79 1.56 1.09
N ALA A 66 6.74 2.08 1.75
CA ALA A 66 5.83 3.06 1.14
C ALA A 66 6.53 4.25 0.49
N GLU A 67 7.57 4.77 1.14
CA GLU A 67 8.30 5.93 0.61
C GLU A 67 8.77 5.68 -0.82
N GLN A 68 9.33 4.52 -1.04
CA GLN A 68 9.88 4.14 -2.34
C GLN A 68 8.78 3.79 -3.37
N PHE A 69 7.58 3.52 -2.91
CA PHE A 69 6.52 3.07 -3.83
C PHE A 69 5.31 4.04 -3.84
N VAL A 70 4.19 3.60 -4.40
CA VAL A 70 3.00 4.44 -4.51
C VAL A 70 2.07 4.16 -3.36
N LEU A 71 1.20 5.12 -3.08
CA LEU A 71 0.22 4.99 -2.02
C LEU A 71 -1.15 5.15 -2.65
N LEU A 72 -1.91 4.10 -2.65
CA LEU A 72 -3.21 4.12 -3.26
C LEU A 72 -4.27 3.85 -2.22
N ASN A 73 -4.93 4.89 -1.77
CA ASN A 73 -5.96 4.73 -0.78
C ASN A 73 -7.31 4.80 -1.43
N LEU A 74 -7.96 3.66 -1.54
CA LEU A 74 -9.24 3.60 -2.17
C LEU A 74 -10.31 3.04 -1.22
N VAL A 75 -11.53 3.53 -1.41
CA VAL A 75 -12.70 3.12 -0.63
C VAL A 75 -13.86 4.07 -0.92
N TYR A 76 -13.59 5.37 -0.85
CA TYR A 76 -14.56 6.39 -1.16
C TYR A 76 -14.77 6.51 -2.67
N GLU A 77 -15.63 7.47 -3.06
CA GLU A 77 -15.93 7.70 -4.47
C GLU A 77 -14.64 7.91 -5.28
N THR A 78 -14.69 7.53 -6.56
CA THR A 78 -13.52 7.57 -7.44
C THR A 78 -12.57 6.44 -7.07
N THR A 79 -12.97 5.23 -7.42
CA THR A 79 -12.22 4.04 -7.07
C THR A 79 -12.57 2.92 -8.03
N ASP A 80 -11.89 1.79 -7.89
CA ASP A 80 -12.17 0.61 -8.70
C ASP A 80 -13.19 -0.26 -8.00
N LYS A 81 -14.12 -0.79 -8.78
CA LYS A 81 -15.22 -1.58 -8.23
C LYS A 81 -14.76 -2.95 -7.74
N HIS A 82 -13.63 -3.41 -8.21
CA HIS A 82 -13.14 -4.74 -7.85
C HIS A 82 -12.25 -4.69 -6.61
N LEU A 83 -11.86 -3.50 -6.22
CA LEU A 83 -11.00 -3.32 -5.04
C LEU A 83 -11.83 -3.10 -3.78
N SER A 84 -13.01 -3.72 -3.74
CA SER A 84 -13.95 -3.60 -2.61
C SER A 84 -14.26 -2.13 -2.24
N PRO A 85 -15.28 -1.53 -2.88
CA PRO A 85 -15.70 -0.16 -2.61
C PRO A 85 -16.43 -0.04 -1.27
N ASP A 86 -17.30 -1.00 -0.98
CA ASP A 86 -18.08 -0.98 0.26
C ASP A 86 -17.20 -1.32 1.45
N GLY A 87 -16.18 -2.11 1.24
CA GLY A 87 -15.26 -2.38 2.30
C GLY A 87 -15.42 -3.73 2.93
N GLN A 88 -14.91 -4.75 2.26
CA GLN A 88 -14.90 -6.09 2.81
C GLN A 88 -13.57 -6.34 3.53
N TYR A 89 -12.67 -5.37 3.43
CA TYR A 89 -11.35 -5.47 4.04
C TYR A 89 -11.00 -4.22 4.86
N VAL A 90 -10.56 -4.45 6.09
CA VAL A 90 -10.13 -3.35 6.98
C VAL A 90 -8.75 -2.85 6.52
N PRO A 91 -8.40 -1.56 6.83
CA PRO A 91 -7.10 -0.98 6.53
C PRO A 91 -5.93 -1.96 6.71
N ARG A 92 -5.36 -2.36 5.59
CA ARG A 92 -4.24 -3.27 5.57
C ARG A 92 -3.41 -3.00 4.31
N ILE A 93 -2.13 -3.33 4.38
CA ILE A 93 -1.24 -3.13 3.26
C ILE A 93 -1.45 -4.20 2.17
N MET A 94 -1.92 -3.76 1.03
CA MET A 94 -2.10 -4.59 -0.13
C MET A 94 -0.99 -4.27 -1.12
N PHE A 95 -1.08 -4.76 -2.35
CA PHE A 95 0.01 -4.57 -3.30
C PHE A 95 -0.43 -4.97 -4.70
N VAL A 96 0.42 -4.69 -5.66
CA VAL A 96 0.19 -5.03 -7.05
C VAL A 96 1.50 -5.38 -7.72
N ASP A 97 1.53 -6.49 -8.42
CA ASP A 97 2.73 -6.95 -9.10
C ASP A 97 3.10 -6.00 -10.22
N PRO A 98 4.42 -5.73 -10.41
CA PRO A 98 4.93 -4.82 -11.46
C PRO A 98 4.36 -5.10 -12.86
N SER A 99 3.76 -6.26 -13.07
CA SER A 99 3.14 -6.60 -14.34
C SER A 99 1.77 -5.90 -14.48
N LEU A 100 1.48 -5.00 -13.53
CA LEU A 100 0.24 -4.19 -13.49
C LEU A 100 -0.95 -5.04 -13.04
N THR A 101 -0.68 -6.26 -12.68
CA THR A 101 -1.74 -7.18 -12.26
C THR A 101 -1.64 -7.54 -10.79
N VAL A 102 -2.80 -7.80 -10.19
CA VAL A 102 -2.87 -8.21 -8.80
C VAL A 102 -2.51 -9.68 -8.68
N ARG A 103 -1.31 -9.95 -8.21
CA ARG A 103 -0.82 -11.32 -8.09
C ARG A 103 -0.30 -11.54 -6.70
N ALA A 104 -1.00 -12.34 -5.93
CA ALA A 104 -0.60 -12.62 -4.57
C ALA A 104 -0.14 -14.07 -4.42
N ASP A 105 -1.13 -14.99 -4.32
CA ASP A 105 -0.85 -16.43 -4.16
C ASP A 105 -0.01 -16.70 -2.92
N ILE A 106 -0.09 -15.79 -1.98
CA ILE A 106 0.67 -15.88 -0.75
C ILE A 106 -0.21 -16.47 0.35
N THR A 107 0.37 -17.29 1.18
CA THR A 107 -0.36 -17.81 2.31
C THR A 107 0.19 -17.19 3.57
N GLY A 108 -0.71 -16.73 4.42
CA GLY A 108 -0.31 -16.06 5.64
C GLY A 108 0.08 -17.01 6.75
N ARG A 109 0.18 -16.47 7.95
CA ARG A 109 0.55 -17.23 9.13
C ARG A 109 -0.73 -17.82 9.74
N TYR A 110 -0.83 -17.80 11.08
CA TYR A 110 -2.07 -18.24 11.77
C TYR A 110 -3.30 -17.63 11.09
N SER A 111 -4.19 -18.47 10.61
CA SER A 111 -5.42 -17.99 9.99
C SER A 111 -6.24 -17.20 11.01
N ASN A 112 -6.24 -17.70 12.27
CA ASN A 112 -6.91 -17.06 13.41
C ASN A 112 -6.85 -15.53 13.32
N ARG A 113 -5.64 -14.97 13.29
CA ARG A 113 -5.49 -13.54 13.11
C ARG A 113 -4.65 -13.23 11.90
N LEU A 114 -4.98 -13.84 10.79
CA LEU A 114 -4.33 -13.51 9.55
C LEU A 114 -4.85 -12.15 9.09
N TYR A 115 -5.83 -11.70 9.83
CA TYR A 115 -6.43 -10.44 9.62
C TYR A 115 -6.59 -9.78 10.98
N ALA A 116 -6.11 -8.58 11.09
CA ALA A 116 -6.10 -7.85 12.33
C ALA A 116 -5.91 -6.37 12.09
N TYR A 117 -5.98 -5.61 13.16
CA TYR A 117 -5.77 -4.19 13.17
C TYR A 117 -5.34 -3.80 14.57
N GLU A 118 -4.56 -2.70 14.70
CA GLU A 118 -3.99 -2.18 15.98
C GLU A 118 -2.49 -2.40 15.95
N PRO A 119 -1.70 -1.73 16.84
CA PRO A 119 -0.22 -1.85 16.81
C PRO A 119 0.26 -3.29 16.62
N ALA A 120 -0.25 -4.21 17.44
CA ALA A 120 0.05 -5.65 17.28
C ALA A 120 -0.01 -6.21 15.84
N ASP A 121 -0.84 -5.66 14.94
CA ASP A 121 -0.91 -6.20 13.57
C ASP A 121 0.38 -5.97 12.78
N THR A 122 1.17 -4.95 13.18
CA THR A 122 2.44 -4.64 12.50
C THR A 122 3.25 -5.89 12.13
N ALA A 123 3.52 -6.77 13.11
CA ALA A 123 4.23 -8.05 12.87
C ALA A 123 3.69 -8.82 11.65
N LEU A 124 2.41 -8.67 11.36
CA LEU A 124 1.81 -9.33 10.23
C LEU A 124 2.18 -8.56 8.98
N LEU A 125 1.81 -7.27 8.96
CA LEU A 125 2.13 -6.35 7.87
C LEU A 125 3.60 -6.47 7.42
N LEU A 126 4.50 -6.52 8.39
CA LEU A 126 5.94 -6.63 8.09
C LEU A 126 6.24 -7.89 7.29
N ASP A 127 5.93 -9.05 7.87
CA ASP A 127 6.13 -10.33 7.20
C ASP A 127 5.35 -10.39 5.88
N ASN A 128 4.19 -9.77 5.88
CA ASN A 128 3.30 -9.70 4.72
C ASN A 128 3.92 -8.92 3.57
N MET A 129 4.39 -7.70 3.86
CA MET A 129 4.91 -6.83 2.82
C MET A 129 6.25 -7.34 2.27
N LYS A 130 7.12 -7.85 3.15
CA LYS A 130 8.40 -8.40 2.72
C LYS A 130 8.18 -9.65 1.88
N LYS A 131 7.10 -10.34 2.18
CA LYS A 131 6.73 -11.54 1.48
C LYS A 131 6.06 -11.21 0.16
N ALA A 132 5.55 -9.99 0.01
CA ALA A 132 4.76 -9.66 -1.14
C ALA A 132 5.62 -9.08 -2.25
N LEU A 133 6.42 -8.08 -1.90
CA LEU A 133 7.24 -7.40 -2.87
C LEU A 133 8.63 -8.03 -3.00
N LYS A 134 9.13 -8.61 -1.89
CA LYS A 134 10.40 -9.35 -1.89
C LYS A 134 11.61 -8.42 -1.91
N LEU A 135 11.82 -7.74 -3.02
CA LEU A 135 12.96 -6.85 -3.15
C LEU A 135 12.55 -5.39 -3.02
N LEU A 136 13.08 -4.72 -2.01
CA LEU A 136 12.79 -3.32 -1.79
C LEU A 136 13.58 -2.47 -2.78
N LYS A 137 12.96 -1.38 -3.24
CA LYS A 137 13.54 -0.47 -4.25
C LYS A 137 14.18 -1.23 -5.41
N THR A 138 13.36 -1.59 -6.39
CA THR A 138 13.85 -2.32 -7.54
C THR A 138 14.61 -1.37 -8.47
N GLU A 139 14.35 -0.09 -8.32
CA GLU A 139 15.02 0.93 -9.11
C GLU A 139 16.21 1.51 -8.35
N LEU A 140 17.08 2.18 -9.07
CA LEU A 140 18.28 2.76 -8.49
C LEU A 140 17.95 4.02 -7.70
N ILE A 1 5.20 -1.42 -28.50
CA ILE A 1 5.61 -0.22 -27.75
C ILE A 1 6.85 -0.54 -26.92
N ASP A 2 7.78 0.43 -26.83
CA ASP A 2 9.03 0.30 -26.09
C ASP A 2 10.02 -0.59 -26.83
N PRO A 3 11.14 0.00 -27.31
CA PRO A 3 12.16 -0.73 -28.05
C PRO A 3 13.14 -1.48 -27.14
N PHE A 4 12.72 -1.69 -25.89
CA PHE A 4 13.53 -2.39 -24.89
C PHE A 4 14.81 -1.60 -24.56
N THR A 5 14.70 -0.71 -23.62
CA THR A 5 15.83 0.09 -23.18
C THR A 5 15.82 0.22 -21.66
N PRO A 6 16.91 -0.22 -21.00
CA PRO A 6 17.04 -0.12 -19.54
C PRO A 6 16.98 1.32 -19.06
N GLN A 7 16.02 1.62 -18.21
CA GLN A 7 15.84 2.96 -17.71
C GLN A 7 16.53 3.12 -16.37
N THR A 8 17.64 3.83 -16.37
CA THR A 8 18.37 4.07 -15.15
C THR A 8 17.77 5.27 -14.43
N LEU A 9 16.98 5.00 -13.41
CA LEU A 9 16.32 6.05 -12.66
C LEU A 9 17.29 6.77 -11.72
N SER A 10 17.86 7.85 -12.20
CA SER A 10 18.77 8.65 -11.41
C SER A 10 17.99 9.77 -10.71
N ARG A 11 16.83 10.10 -11.26
CA ARG A 11 15.97 11.11 -10.69
C ARG A 11 14.85 10.46 -9.89
N GLY A 12 15.13 10.18 -8.64
CA GLY A 12 14.14 9.56 -7.79
C GLY A 12 13.98 10.28 -6.50
N TRP A 13 15.08 10.36 -5.73
CA TRP A 13 15.14 11.04 -4.43
C TRP A 13 14.32 10.32 -3.37
N GLY A 14 13.01 10.24 -3.56
CA GLY A 14 12.16 9.55 -2.63
C GLY A 14 11.41 10.48 -1.70
N ASP A 15 11.81 11.74 -1.69
CA ASP A 15 11.16 12.74 -0.83
C ASP A 15 9.87 13.21 -1.45
N GLN A 16 8.90 13.51 -0.58
CA GLN A 16 7.59 14.00 -0.99
C GLN A 16 6.88 13.04 -1.94
N LEU A 17 6.23 12.04 -1.36
CA LEU A 17 5.49 11.05 -2.15
C LEU A 17 4.30 11.71 -2.82
N ILE A 18 4.07 11.38 -4.08
CA ILE A 18 2.99 11.96 -4.86
C ILE A 18 1.63 11.58 -4.26
N TRP A 19 0.79 12.59 -4.05
CA TRP A 19 -0.55 12.39 -3.53
C TRP A 19 -1.47 11.99 -4.69
N THR A 20 -1.18 10.84 -5.27
CA THR A 20 -1.89 10.34 -6.44
C THR A 20 -3.35 10.00 -6.12
N GLN A 21 -4.26 10.70 -6.78
CA GLN A 21 -5.68 10.45 -6.61
C GLN A 21 -6.26 9.76 -7.84
N THR A 22 -5.43 9.61 -8.85
CA THR A 22 -5.82 8.91 -10.06
C THR A 22 -5.33 7.47 -9.98
N TYR A 23 -6.22 6.57 -9.63
CA TYR A 23 -5.86 5.18 -9.44
C TYR A 23 -5.72 4.43 -10.77
N GLU A 24 -5.99 5.12 -11.89
CA GLU A 24 -5.92 4.45 -13.18
C GLU A 24 -4.50 4.51 -13.68
N ALA A 25 -4.05 5.73 -13.92
CA ALA A 25 -2.67 6.01 -14.31
C ALA A 25 -1.69 5.55 -13.26
N ALA A 26 -2.15 5.44 -12.01
CA ALA A 26 -1.30 4.98 -10.91
C ALA A 26 -0.69 3.62 -11.24
N LEU A 27 -1.53 2.66 -11.65
CA LEU A 27 -1.03 1.34 -12.06
C LEU A 27 -0.03 1.47 -13.20
N TYR A 28 -0.32 2.38 -14.13
CA TYR A 28 0.55 2.61 -15.28
C TYR A 28 1.89 3.21 -14.85
N LYS A 29 1.84 4.18 -13.95
CA LYS A 29 3.04 4.84 -13.43
C LYS A 29 3.95 3.82 -12.75
N SER A 30 3.34 2.94 -11.96
CA SER A 30 4.06 1.90 -11.24
C SER A 30 4.87 1.03 -12.21
N LYS A 31 4.21 0.58 -13.28
CA LYS A 31 4.88 -0.23 -14.29
C LYS A 31 6.03 0.53 -14.93
N THR A 32 5.83 1.80 -15.16
CA THR A 32 6.81 2.64 -15.81
C THR A 32 7.98 2.97 -14.85
N SER A 33 7.71 2.88 -13.55
CA SER A 33 8.72 3.20 -12.56
C SER A 33 9.37 1.94 -11.99
N ASN A 34 8.89 0.76 -12.44
CA ASN A 34 9.45 -0.55 -12.01
C ASN A 34 9.14 -0.85 -10.54
N LYS A 35 8.62 0.12 -9.81
CA LYS A 35 8.33 -0.06 -8.41
C LYS A 35 6.86 -0.44 -8.20
N PRO A 36 6.63 -1.40 -7.29
CA PRO A 36 5.28 -1.92 -7.00
C PRO A 36 4.30 -0.87 -6.49
N LEU A 37 3.03 -1.17 -6.66
CA LEU A 37 1.96 -0.29 -6.25
C LEU A 37 1.27 -0.88 -5.05
N MET A 38 0.91 -0.05 -4.10
CA MET A 38 0.24 -0.51 -2.91
C MET A 38 -1.07 0.22 -2.74
N ILE A 39 -2.13 -0.52 -2.59
CA ILE A 39 -3.42 0.08 -2.39
C ILE A 39 -3.81 -0.03 -0.93
N ILE A 40 -3.71 1.08 -0.25
CA ILE A 40 -4.01 1.10 1.16
C ILE A 40 -5.53 1.20 1.36
N HIS A 41 -6.03 0.49 2.34
CA HIS A 41 -7.45 0.48 2.61
C HIS A 41 -7.76 1.16 3.91
N HIS A 42 -8.70 2.09 3.87
CA HIS A 42 -9.17 2.77 5.07
C HIS A 42 -10.53 3.43 4.84
N LEU A 43 -11.35 3.43 5.88
CA LEU A 43 -12.66 4.08 5.85
C LEU A 43 -13.09 4.36 7.28
N ASP A 44 -14.22 5.01 7.46
CA ASP A 44 -14.73 5.34 8.79
C ASP A 44 -15.25 4.10 9.53
N GLU A 45 -15.33 2.98 8.81
CA GLU A 45 -15.87 1.73 9.37
C GLU A 45 -14.82 0.94 10.20
N CYS A 46 -13.66 1.52 10.41
CA CYS A 46 -12.60 0.83 11.14
C CYS A 46 -11.99 1.71 12.19
N PRO A 47 -11.13 1.13 13.08
CA PRO A 47 -10.32 1.93 13.99
C PRO A 47 -9.70 3.07 13.24
N HIS A 48 -9.75 4.23 13.82
CA HIS A 48 -9.30 5.45 13.19
C HIS A 48 -7.93 5.32 12.55
N SER A 49 -7.77 6.00 11.42
CA SER A 49 -6.52 6.00 10.65
C SER A 49 -5.32 6.42 11.53
N GLN A 50 -5.62 6.91 12.72
CA GLN A 50 -4.59 7.37 13.64
C GLN A 50 -3.80 6.16 14.13
N ALA A 51 -4.47 5.03 14.27
CA ALA A 51 -3.85 3.80 14.71
C ALA A 51 -2.98 3.23 13.61
N LEU A 52 -3.45 3.36 12.37
CA LEU A 52 -2.68 2.87 11.23
C LEU A 52 -1.49 3.78 10.95
N LYS A 53 -1.62 5.04 11.32
CA LYS A 53 -0.51 5.98 11.18
C LYS A 53 0.56 5.68 12.22
N LYS A 54 0.15 5.05 13.32
CA LYS A 54 1.07 4.64 14.35
C LYS A 54 2.01 3.58 13.83
N VAL A 55 1.45 2.48 13.31
CA VAL A 55 2.28 1.40 12.77
C VAL A 55 3.12 1.90 11.61
N PHE A 56 2.58 2.83 10.85
CA PHE A 56 3.27 3.39 9.71
C PHE A 56 4.48 4.22 10.14
N ALA A 57 4.28 5.10 11.10
CA ALA A 57 5.34 6.02 11.54
C ALA A 57 6.25 5.43 12.62
N GLU A 58 5.69 4.61 13.50
CA GLU A 58 6.47 4.05 14.61
C GLU A 58 7.36 2.90 14.18
N ASN A 59 7.17 2.40 12.97
CA ASN A 59 8.03 1.35 12.45
C ASN A 59 8.97 1.94 11.43
N LYS A 60 10.23 1.57 11.51
CA LYS A 60 11.23 2.11 10.62
C LYS A 60 11.19 1.41 9.27
N GLU A 61 10.57 0.25 9.25
CA GLU A 61 10.47 -0.50 8.02
C GLU A 61 9.27 -0.06 7.23
N ILE A 62 8.09 -0.15 7.82
CA ILE A 62 6.84 0.22 7.16
C ILE A 62 6.94 1.62 6.56
N GLN A 63 7.50 2.54 7.34
CA GLN A 63 7.69 3.91 6.93
C GLN A 63 8.46 4.00 5.61
N LYS A 64 9.65 3.41 5.57
CA LYS A 64 10.51 3.54 4.39
C LYS A 64 10.15 2.55 3.30
N LEU A 65 9.62 1.41 3.68
CA LEU A 65 9.27 0.38 2.74
C LEU A 65 8.05 0.79 1.92
N ALA A 66 7.16 1.59 2.52
CA ALA A 66 5.98 2.02 1.82
C ALA A 66 6.31 3.13 0.84
N GLU A 67 7.41 3.85 1.12
CA GLU A 67 7.87 4.92 0.21
C GLU A 67 8.27 4.34 -1.14
N GLN A 68 8.73 3.09 -1.12
CA GLN A 68 9.10 2.40 -2.34
C GLN A 68 7.83 2.01 -3.11
N PHE A 69 6.78 1.75 -2.36
CA PHE A 69 5.50 1.41 -2.92
C PHE A 69 4.69 2.68 -3.22
N VAL A 70 3.67 2.54 -4.03
CA VAL A 70 2.74 3.65 -4.28
C VAL A 70 1.68 3.63 -3.22
N LEU A 71 1.19 4.78 -2.81
CA LEU A 71 0.14 4.80 -1.81
C LEU A 71 -1.16 5.28 -2.46
N LEU A 72 -2.13 4.40 -2.52
CA LEU A 72 -3.44 4.73 -3.04
C LEU A 72 -4.49 4.38 -2.02
N ASN A 73 -5.16 5.37 -1.49
CA ASN A 73 -6.17 5.13 -0.50
C ASN A 73 -7.50 4.78 -1.15
N LEU A 74 -8.07 3.67 -0.73
CA LEU A 74 -9.33 3.22 -1.27
C LEU A 74 -10.42 3.43 -0.25
N VAL A 75 -11.12 4.54 -0.40
CA VAL A 75 -12.16 4.91 0.54
C VAL A 75 -13.55 4.53 0.03
N TYR A 76 -13.70 4.41 -1.30
CA TYR A 76 -15.00 4.10 -1.87
C TYR A 76 -14.83 3.51 -3.29
N GLU A 77 -15.90 2.89 -3.79
CA GLU A 77 -15.96 2.31 -5.13
C GLU A 77 -15.09 1.07 -5.30
N THR A 78 -15.00 0.30 -4.24
CA THR A 78 -14.27 -0.97 -4.25
C THR A 78 -15.20 -2.08 -4.75
N THR A 79 -15.88 -1.80 -5.86
CA THR A 79 -16.90 -2.69 -6.40
C THR A 79 -16.32 -3.80 -7.30
N ASP A 80 -15.03 -4.10 -7.18
CA ASP A 80 -14.43 -5.14 -8.00
C ASP A 80 -14.31 -6.45 -7.22
N LYS A 81 -14.75 -7.55 -7.84
CA LYS A 81 -14.75 -8.86 -7.17
C LYS A 81 -13.36 -9.49 -7.14
N HIS A 82 -12.52 -9.12 -8.10
CA HIS A 82 -11.17 -9.67 -8.20
C HIS A 82 -10.28 -9.06 -7.11
N LEU A 83 -10.68 -7.91 -6.63
CA LEU A 83 -9.98 -7.21 -5.56
C LEU A 83 -10.47 -7.68 -4.19
N SER A 84 -11.41 -8.61 -4.17
CA SER A 84 -12.02 -8.99 -2.90
C SER A 84 -12.24 -10.50 -2.73
N PRO A 85 -11.17 -11.32 -2.65
CA PRO A 85 -11.35 -12.74 -2.34
C PRO A 85 -11.45 -12.97 -0.83
N ASP A 86 -10.46 -12.44 -0.08
CA ASP A 86 -10.56 -12.44 1.40
C ASP A 86 -11.61 -11.45 1.88
N GLY A 87 -11.84 -10.41 1.12
CA GLY A 87 -12.82 -9.43 1.50
C GLY A 87 -12.30 -8.04 1.24
N GLN A 88 -13.06 -7.03 1.59
CA GLN A 88 -12.64 -5.67 1.38
C GLN A 88 -12.65 -4.90 2.67
N TYR A 89 -12.50 -5.60 3.80
CA TYR A 89 -12.46 -4.94 5.08
C TYR A 89 -11.37 -3.87 5.04
N VAL A 90 -11.72 -2.70 5.48
CA VAL A 90 -10.87 -1.55 5.32
C VAL A 90 -9.58 -1.54 6.15
N PRO A 91 -9.54 -2.06 7.41
CA PRO A 91 -8.28 -2.07 8.17
C PRO A 91 -7.30 -3.10 7.61
N ARG A 92 -6.59 -2.74 6.53
CA ARG A 92 -5.64 -3.66 5.91
C ARG A 92 -4.88 -2.99 4.77
N ILE A 93 -3.65 -3.42 4.58
CA ILE A 93 -2.84 -2.97 3.48
C ILE A 93 -2.85 -4.06 2.39
N MET A 94 -2.90 -3.64 1.14
CA MET A 94 -2.95 -4.59 0.02
C MET A 94 -2.03 -4.08 -1.09
N PHE A 95 -1.38 -4.99 -1.79
CA PHE A 95 -0.41 -4.57 -2.81
C PHE A 95 -0.71 -5.12 -4.21
N VAL A 96 -0.58 -4.24 -5.19
CA VAL A 96 -0.78 -4.58 -6.59
C VAL A 96 0.58 -4.84 -7.26
N ASP A 97 0.61 -5.78 -8.20
CA ASP A 97 1.85 -6.17 -8.87
C ASP A 97 2.29 -5.11 -9.88
N PRO A 98 3.61 -4.76 -9.87
CA PRO A 98 4.19 -3.73 -10.76
C PRO A 98 4.04 -4.03 -12.26
N SER A 99 3.58 -5.22 -12.60
CA SER A 99 3.34 -5.56 -13.99
C SER A 99 2.22 -4.70 -14.55
N LEU A 100 1.08 -4.68 -13.81
CA LEU A 100 -0.15 -3.91 -14.18
C LEU A 100 -1.45 -4.56 -13.59
N THR A 101 -1.34 -5.50 -12.64
CA THR A 101 -2.54 -6.12 -12.10
C THR A 101 -2.32 -6.58 -10.66
N VAL A 102 -3.39 -7.01 -10.04
CA VAL A 102 -3.35 -7.48 -8.68
C VAL A 102 -2.90 -8.96 -8.65
N ARG A 103 -2.28 -9.36 -7.56
CA ARG A 103 -1.83 -10.73 -7.48
C ARG A 103 -2.19 -11.42 -6.16
N ALA A 104 -3.52 -11.55 -5.90
CA ALA A 104 -4.03 -12.39 -4.80
C ALA A 104 -3.72 -11.81 -3.40
N ASP A 105 -2.69 -10.97 -3.34
CA ASP A 105 -2.21 -10.34 -2.11
C ASP A 105 -1.59 -11.39 -1.22
N ILE A 106 -0.26 -11.43 -1.21
CA ILE A 106 0.47 -12.44 -0.48
C ILE A 106 0.21 -12.34 1.00
N THR A 107 -0.47 -13.35 1.51
CA THR A 107 -0.75 -13.47 2.92
C THR A 107 0.54 -13.77 3.68
N GLY A 108 0.43 -14.01 4.96
CA GLY A 108 1.60 -14.15 5.77
C GLY A 108 1.77 -15.52 6.34
N ARG A 109 2.93 -15.77 6.92
CA ARG A 109 3.23 -17.04 7.57
C ARG A 109 2.45 -17.12 8.87
N TYR A 110 1.96 -15.98 9.27
CA TYR A 110 1.14 -15.88 10.44
C TYR A 110 -0.31 -16.02 10.01
N SER A 111 -0.64 -17.19 9.47
CA SER A 111 -1.98 -17.47 8.98
C SER A 111 -2.97 -17.57 10.13
N ASN A 112 -2.46 -17.43 11.37
CA ASN A 112 -3.27 -17.41 12.57
C ASN A 112 -4.49 -16.56 12.32
N ARG A 113 -4.26 -15.35 11.84
CA ARG A 113 -5.32 -14.50 11.40
C ARG A 113 -4.85 -13.51 10.34
N LEU A 114 -5.67 -13.31 9.33
CA LEU A 114 -5.39 -12.30 8.30
C LEU A 114 -6.10 -11.00 8.67
N TYR A 115 -6.94 -11.13 9.68
CA TYR A 115 -7.63 -9.99 10.24
C TYR A 115 -6.65 -9.28 11.14
N ALA A 116 -6.59 -7.98 11.04
CA ALA A 116 -5.54 -7.24 11.67
C ALA A 116 -5.88 -5.76 11.73
N TYR A 117 -5.50 -5.13 12.81
CA TYR A 117 -5.67 -3.70 13.01
C TYR A 117 -4.82 -3.25 14.18
N GLU A 118 -4.90 -1.96 14.56
CA GLU A 118 -4.09 -1.36 15.66
C GLU A 118 -2.57 -1.71 15.56
N PRO A 119 -1.71 -1.22 16.48
CA PRO A 119 -0.27 -1.56 16.52
C PRO A 119 0.01 -3.08 16.66
N ALA A 120 -1.05 -3.88 16.74
CA ALA A 120 -0.92 -5.31 16.99
C ALA A 120 -0.92 -6.12 15.67
N ASP A 121 -0.79 -5.43 14.55
CA ASP A 121 -0.85 -6.10 13.23
C ASP A 121 0.52 -6.05 12.54
N THR A 122 1.50 -5.51 13.25
CA THR A 122 2.82 -5.26 12.70
C THR A 122 3.45 -6.45 12.00
N ALA A 123 3.65 -7.58 12.71
CA ALA A 123 4.32 -8.76 12.15
C ALA A 123 3.84 -9.11 10.74
N LEU A 124 2.53 -9.21 10.56
CA LEU A 124 1.96 -9.49 9.26
C LEU A 124 2.37 -8.45 8.23
N LEU A 125 2.02 -7.21 8.48
CA LEU A 125 2.27 -6.13 7.52
C LEU A 125 3.76 -6.00 7.21
N LEU A 126 4.57 -6.07 8.26
CA LEU A 126 6.03 -6.02 8.14
C LEU A 126 6.54 -7.05 7.13
N ASP A 127 6.09 -8.26 7.29
CA ASP A 127 6.55 -9.37 6.47
C ASP A 127 5.88 -9.38 5.10
N ASN A 128 4.57 -9.17 5.10
CA ASN A 128 3.76 -9.17 3.86
C ASN A 128 4.30 -8.20 2.82
N MET A 129 4.43 -6.93 3.20
CA MET A 129 4.84 -5.90 2.25
C MET A 129 6.28 -6.11 1.79
N LYS A 130 7.12 -6.64 2.67
CA LYS A 130 8.51 -6.93 2.30
C LYS A 130 8.58 -8.14 1.37
N LYS A 131 7.67 -9.08 1.57
CA LYS A 131 7.58 -10.26 0.70
C LYS A 131 7.14 -9.82 -0.69
N ALA A 132 6.29 -8.82 -0.72
CA ALA A 132 5.78 -8.25 -1.97
C ALA A 132 6.90 -7.56 -2.76
N LEU A 133 7.94 -7.14 -2.08
CA LEU A 133 9.05 -6.46 -2.73
C LEU A 133 10.14 -7.47 -3.11
N LYS A 134 10.23 -8.54 -2.35
CA LYS A 134 11.22 -9.57 -2.61
C LYS A 134 10.68 -10.63 -3.56
N LEU A 135 10.81 -10.35 -4.83
CA LEU A 135 10.37 -11.28 -5.86
C LEU A 135 11.35 -12.45 -5.96
N LEU A 136 11.01 -13.43 -6.80
CA LEU A 136 11.86 -14.60 -6.97
C LEU A 136 13.12 -14.23 -7.74
N LYS A 137 12.91 -13.55 -8.87
CA LYS A 137 13.99 -13.08 -9.74
C LYS A 137 14.81 -14.25 -10.30
N THR A 138 14.51 -14.61 -11.53
CA THR A 138 15.20 -15.67 -12.22
C THR A 138 16.34 -15.11 -13.07
N GLU A 139 17.56 -15.15 -12.56
CA GLU A 139 18.71 -14.63 -13.27
C GLU A 139 19.94 -15.52 -13.04
N LEU A 140 20.32 -15.66 -11.77
CA LEU A 140 21.46 -16.47 -11.35
C LEU A 140 22.78 -15.89 -11.87
N ILE A 1 -17.74 20.42 -17.02
CA ILE A 1 -17.38 21.30 -15.90
C ILE A 1 -16.59 20.52 -14.85
N ASP A 2 -15.37 20.92 -14.62
CA ASP A 2 -14.51 20.26 -13.65
C ASP A 2 -14.60 20.94 -12.29
N PRO A 3 -14.97 20.19 -11.24
CA PRO A 3 -15.09 20.70 -9.87
C PRO A 3 -13.82 21.43 -9.41
N PHE A 4 -12.66 20.89 -9.78
CA PHE A 4 -11.36 21.46 -9.43
C PHE A 4 -11.11 21.38 -7.93
N THR A 5 -10.46 20.32 -7.50
CA THR A 5 -10.15 20.14 -6.10
C THR A 5 -8.93 20.97 -5.71
N PRO A 6 -8.92 21.55 -4.49
CA PRO A 6 -7.79 22.34 -3.98
C PRO A 6 -6.61 21.45 -3.59
N GLN A 7 -5.79 21.95 -2.66
CA GLN A 7 -4.60 21.24 -2.16
C GLN A 7 -3.51 21.17 -3.23
N THR A 8 -3.61 22.04 -4.20
CA THR A 8 -2.64 22.11 -5.26
C THR A 8 -1.60 23.18 -4.91
N LEU A 9 -0.43 22.73 -4.46
CA LEU A 9 0.65 23.63 -4.02
C LEU A 9 0.23 24.42 -2.81
N SER A 10 0.18 23.76 -1.69
CA SER A 10 -0.21 24.37 -0.45
C SER A 10 0.77 23.96 0.65
N ARG A 11 0.53 24.38 1.88
CA ARG A 11 1.38 24.02 2.99
C ARG A 11 1.18 22.55 3.35
N GLY A 12 1.94 21.69 2.69
CA GLY A 12 1.85 20.29 2.91
C GLY A 12 3.05 19.58 2.35
N TRP A 13 4.20 19.83 2.94
CA TRP A 13 5.45 19.25 2.47
C TRP A 13 5.74 17.92 3.16
N GLY A 14 4.73 17.36 3.80
CA GLY A 14 4.88 16.09 4.44
C GLY A 14 5.08 14.99 3.42
N ASP A 15 6.23 14.31 3.50
CA ASP A 15 6.61 13.24 2.56
C ASP A 15 6.97 13.81 1.20
N GLN A 16 7.72 13.05 0.41
CA GLN A 16 8.16 13.54 -0.89
C GLN A 16 7.82 12.53 -2.00
N LEU A 17 7.16 11.45 -1.63
CA LEU A 17 6.82 10.41 -2.61
C LEU A 17 5.49 10.72 -3.31
N ILE A 18 5.07 9.81 -4.17
CA ILE A 18 3.84 9.97 -4.95
C ILE A 18 2.62 9.48 -4.15
N TRP A 19 1.53 10.22 -4.25
CA TRP A 19 0.29 9.89 -3.57
C TRP A 19 -0.91 10.38 -4.38
N THR A 20 -1.97 9.57 -4.45
CA THR A 20 -3.17 9.94 -5.18
C THR A 20 -4.39 9.20 -4.61
N GLN A 21 -5.55 9.43 -5.19
CA GLN A 21 -6.79 8.84 -4.70
C GLN A 21 -7.49 8.02 -5.78
N THR A 22 -6.73 7.54 -6.76
CA THR A 22 -7.31 6.73 -7.83
C THR A 22 -6.55 5.40 -7.96
N TYR A 23 -7.26 4.33 -8.31
CA TYR A 23 -6.67 2.99 -8.40
C TYR A 23 -5.83 2.78 -9.68
N GLU A 24 -6.52 2.69 -10.81
CA GLU A 24 -5.88 2.43 -12.11
C GLU A 24 -4.91 3.57 -12.47
N ALA A 25 -5.46 4.76 -12.59
CA ALA A 25 -4.63 5.98 -12.76
C ALA A 25 -3.33 5.95 -11.91
N ALA A 26 -3.40 5.46 -10.66
CA ALA A 26 -2.18 5.33 -9.85
C ALA A 26 -1.30 4.20 -10.40
N LEU A 27 -1.94 3.08 -10.72
CA LEU A 27 -1.28 1.93 -11.31
C LEU A 27 -0.54 2.31 -12.60
N TYR A 28 -1.04 3.34 -13.27
CA TYR A 28 -0.40 3.84 -14.47
C TYR A 28 0.99 4.36 -14.10
N LYS A 29 1.07 5.03 -12.97
CA LYS A 29 2.33 5.54 -12.46
C LYS A 29 3.26 4.40 -12.10
N SER A 30 2.71 3.33 -11.52
CA SER A 30 3.48 2.13 -11.18
C SER A 30 4.41 1.71 -12.33
N LYS A 31 3.92 1.80 -13.57
CA LYS A 31 4.73 1.43 -14.72
C LYS A 31 5.58 2.62 -15.15
N THR A 32 4.87 3.71 -15.51
CA THR A 32 5.48 4.98 -15.90
C THR A 32 6.64 5.42 -14.99
N SER A 33 6.62 5.07 -13.71
CA SER A 33 7.73 5.41 -12.87
C SER A 33 8.73 4.29 -12.95
N ASN A 34 8.27 3.06 -12.57
CA ASN A 34 8.98 1.77 -12.75
C ASN A 34 9.19 1.20 -11.38
N LYS A 35 8.07 0.92 -10.70
CA LYS A 35 8.12 0.44 -9.34
C LYS A 35 6.80 -0.22 -8.95
N PRO A 36 6.82 -1.16 -7.96
CA PRO A 36 5.62 -1.86 -7.48
C PRO A 36 4.62 -0.91 -6.80
N LEU A 37 3.35 -1.30 -6.76
CA LEU A 37 2.32 -0.46 -6.18
C LEU A 37 1.59 -1.16 -5.04
N MET A 38 1.38 -0.44 -3.95
CA MET A 38 0.68 -0.98 -2.80
C MET A 38 -0.47 -0.06 -2.39
N ILE A 39 -1.67 -0.59 -2.44
CA ILE A 39 -2.83 0.21 -2.11
C ILE A 39 -3.20 0.03 -0.66
N ILE A 40 -2.85 1.00 0.15
CA ILE A 40 -3.28 1.01 1.54
C ILE A 40 -4.62 1.74 1.68
N HIS A 41 -5.69 0.96 1.85
CA HIS A 41 -7.03 1.54 1.97
C HIS A 41 -7.53 1.46 3.41
N HIS A 42 -8.47 2.33 3.75
CA HIS A 42 -9.03 2.39 5.09
C HIS A 42 -10.55 2.45 5.05
N LEU A 43 -11.18 2.49 6.23
CA LEU A 43 -12.63 2.57 6.35
C LEU A 43 -13.02 3.08 7.75
N ASP A 44 -13.98 4.00 7.80
CA ASP A 44 -14.41 4.61 9.07
C ASP A 44 -15.48 3.78 9.79
N GLU A 45 -16.03 2.79 9.11
CA GLU A 45 -17.07 1.93 9.68
C GLU A 45 -16.46 0.80 10.53
N CYS A 46 -15.23 0.99 10.95
CA CYS A 46 -14.47 -0.01 11.69
C CYS A 46 -13.50 0.73 12.63
N PRO A 47 -12.65 0.00 13.46
CA PRO A 47 -11.59 0.66 14.24
C PRO A 47 -10.97 1.74 13.43
N HIS A 48 -11.01 2.92 13.97
CA HIS A 48 -10.64 4.08 13.24
C HIS A 48 -9.26 4.02 12.67
N SER A 49 -9.19 4.36 11.41
CA SER A 49 -7.98 4.44 10.65
C SER A 49 -6.93 5.31 11.35
N GLN A 50 -7.34 6.04 12.41
CA GLN A 50 -6.42 6.89 13.13
C GLN A 50 -5.28 6.09 13.73
N ALA A 51 -5.57 5.07 14.59
CA ALA A 51 -4.50 4.24 15.13
C ALA A 51 -3.65 3.62 14.06
N LEU A 52 -4.27 3.16 12.98
CA LEU A 52 -3.49 2.53 11.92
C LEU A 52 -2.62 3.54 11.16
N LYS A 53 -3.04 4.80 11.20
CA LYS A 53 -2.28 5.87 10.57
C LYS A 53 -1.14 6.27 11.50
N LYS A 54 -1.42 6.29 12.79
CA LYS A 54 -0.46 6.66 13.80
C LYS A 54 0.74 5.70 13.79
N VAL A 55 0.47 4.40 14.00
CA VAL A 55 1.52 3.38 13.94
C VAL A 55 2.37 3.48 12.67
N PHE A 56 1.75 3.81 11.55
CA PHE A 56 2.48 3.97 10.29
C PHE A 56 3.58 5.01 10.44
N ALA A 57 3.19 6.19 10.91
CA ALA A 57 4.12 7.30 11.12
C ALA A 57 5.22 6.96 12.15
N GLU A 58 5.03 5.92 12.94
CA GLU A 58 6.03 5.54 13.92
C GLU A 58 6.62 4.16 13.63
N ASN A 59 6.41 3.67 12.42
CA ASN A 59 6.99 2.40 11.98
C ASN A 59 7.89 2.65 10.78
N LYS A 60 9.19 2.72 11.05
CA LYS A 60 10.18 3.05 10.02
C LYS A 60 10.26 1.96 8.97
N GLU A 61 10.27 0.72 9.44
CA GLU A 61 10.28 -0.44 8.55
C GLU A 61 9.17 -0.35 7.50
N ILE A 62 8.01 0.16 7.90
CA ILE A 62 6.90 0.31 6.97
C ILE A 62 7.07 1.58 6.13
N GLN A 63 7.50 2.68 6.76
CA GLN A 63 7.72 3.96 6.04
C GLN A 63 8.73 3.77 4.91
N LYS A 64 9.84 3.11 5.23
CA LYS A 64 10.92 2.89 4.27
C LYS A 64 10.46 1.98 3.15
N LEU A 65 9.51 1.13 3.47
CA LEU A 65 8.99 0.18 2.52
C LEU A 65 7.99 0.86 1.60
N ALA A 66 7.17 1.73 2.19
CA ALA A 66 6.15 2.48 1.45
C ALA A 66 6.78 3.33 0.35
N GLU A 67 7.98 3.85 0.60
CA GLU A 67 8.67 4.66 -0.38
C GLU A 67 9.14 3.82 -1.57
N GLN A 68 9.50 2.57 -1.29
CA GLN A 68 9.90 1.64 -2.35
C GLN A 68 8.69 1.22 -3.19
N PHE A 69 7.51 1.49 -2.66
CA PHE A 69 6.26 1.19 -3.34
C PHE A 69 5.54 2.51 -3.66
N VAL A 70 4.33 2.39 -4.17
CA VAL A 70 3.48 3.55 -4.37
C VAL A 70 2.57 3.66 -3.17
N LEU A 71 2.68 4.75 -2.44
CA LEU A 71 1.87 4.91 -1.26
C LEU A 71 0.52 5.51 -1.60
N LEU A 72 -0.52 4.74 -1.39
CA LEU A 72 -1.86 5.21 -1.64
C LEU A 72 -2.70 5.14 -0.38
N ASN A 73 -3.65 6.04 -0.27
CA ASN A 73 -4.56 6.06 0.88
C ASN A 73 -5.98 6.23 0.38
N LEU A 74 -6.66 5.12 0.20
CA LEU A 74 -8.03 5.13 -0.29
C LEU A 74 -9.01 5.06 0.86
N VAL A 75 -9.85 6.08 0.95
CA VAL A 75 -10.85 6.17 2.00
C VAL A 75 -11.80 7.35 1.72
N TYR A 76 -11.37 8.25 0.83
CA TYR A 76 -12.17 9.44 0.50
C TYR A 76 -13.30 9.08 -0.46
N GLU A 77 -12.96 8.84 -1.72
CA GLU A 77 -13.94 8.49 -2.72
C GLU A 77 -13.29 7.71 -3.86
N THR A 78 -13.95 6.62 -4.26
CA THR A 78 -13.52 5.76 -5.38
C THR A 78 -14.43 4.55 -5.49
N THR A 79 -14.20 3.58 -4.60
CA THR A 79 -14.95 2.34 -4.59
C THR A 79 -14.78 1.60 -5.93
N ASP A 80 -13.65 0.92 -6.07
CA ASP A 80 -13.38 0.19 -7.29
C ASP A 80 -13.41 -1.30 -7.04
N LYS A 81 -14.50 -1.93 -7.46
CA LYS A 81 -14.68 -3.37 -7.29
C LYS A 81 -13.92 -4.16 -8.36
N HIS A 82 -13.18 -3.47 -9.21
CA HIS A 82 -12.54 -4.12 -10.36
C HIS A 82 -11.09 -4.48 -10.10
N LEU A 83 -10.33 -3.61 -9.45
CA LEU A 83 -8.93 -3.90 -9.20
C LEU A 83 -8.79 -4.94 -8.10
N SER A 84 -9.45 -4.71 -6.98
CA SER A 84 -9.45 -5.67 -5.91
C SER A 84 -10.86 -6.25 -5.74
N PRO A 85 -11.10 -7.47 -6.27
CA PRO A 85 -12.41 -8.09 -6.21
C PRO A 85 -12.78 -8.59 -4.81
N ASP A 86 -11.78 -9.01 -4.03
CA ASP A 86 -12.04 -9.56 -2.69
C ASP A 86 -11.28 -8.80 -1.59
N GLY A 87 -10.08 -8.28 -1.92
CA GLY A 87 -9.27 -7.54 -0.96
C GLY A 87 -9.81 -6.15 -0.63
N GLN A 88 -11.05 -6.09 -0.19
CA GLN A 88 -11.68 -4.83 0.18
C GLN A 88 -11.75 -4.73 1.70
N TYR A 89 -11.09 -5.65 2.38
CA TYR A 89 -11.10 -5.72 3.83
C TYR A 89 -10.62 -4.42 4.46
N VAL A 90 -11.40 -3.94 5.43
CA VAL A 90 -11.14 -2.72 6.23
C VAL A 90 -9.63 -2.60 6.62
N PRO A 91 -9.18 -1.36 7.10
CA PRO A 91 -7.79 -1.00 7.37
C PRO A 91 -6.78 -2.14 7.27
N ARG A 92 -6.23 -2.29 6.09
CA ARG A 92 -5.27 -3.32 5.76
C ARG A 92 -4.60 -2.91 4.45
N ILE A 93 -3.45 -3.45 4.16
CA ILE A 93 -2.77 -3.13 2.91
C ILE A 93 -3.23 -4.06 1.78
N MET A 94 -2.93 -3.67 0.57
CA MET A 94 -3.22 -4.45 -0.62
C MET A 94 -2.11 -4.21 -1.61
N PHE A 95 -1.71 -5.21 -2.34
CA PHE A 95 -0.59 -5.04 -3.25
C PHE A 95 -0.84 -5.69 -4.60
N VAL A 96 -0.35 -5.04 -5.64
CA VAL A 96 -0.42 -5.58 -6.99
C VAL A 96 1.00 -5.63 -7.57
N ASP A 97 1.32 -6.74 -8.24
CA ASP A 97 2.65 -6.98 -8.81
C ASP A 97 3.09 -5.84 -9.72
N PRO A 98 4.41 -5.45 -9.69
CA PRO A 98 4.97 -4.35 -10.53
C PRO A 98 4.67 -4.47 -12.02
N SER A 99 4.40 -5.69 -12.50
CA SER A 99 4.02 -5.86 -13.90
C SER A 99 2.54 -5.51 -14.06
N LEU A 100 2.00 -4.93 -12.99
CA LEU A 100 0.63 -4.49 -12.87
C LEU A 100 -0.40 -5.51 -13.29
N THR A 101 -0.46 -6.61 -12.56
CA THR A 101 -1.46 -7.62 -12.80
C THR A 101 -1.85 -8.19 -11.45
N VAL A 102 -3.09 -8.56 -11.28
CA VAL A 102 -3.53 -8.99 -9.99
C VAL A 102 -3.45 -10.50 -9.81
N ARG A 103 -2.38 -10.94 -9.18
CA ARG A 103 -2.20 -12.33 -8.82
C ARG A 103 -2.02 -12.46 -7.30
N ALA A 104 -3.13 -12.31 -6.58
CA ALA A 104 -3.16 -12.49 -5.12
C ALA A 104 -2.59 -13.85 -4.69
N ASP A 105 -1.30 -13.87 -4.46
CA ASP A 105 -0.58 -15.06 -4.02
C ASP A 105 0.45 -14.64 -2.96
N ILE A 106 0.24 -13.46 -2.41
CA ILE A 106 1.18 -12.88 -1.46
C ILE A 106 0.75 -13.15 -0.04
N THR A 107 1.69 -13.56 0.78
CA THR A 107 1.43 -13.84 2.18
C THR A 107 2.70 -13.63 2.99
N GLY A 108 2.55 -13.64 4.29
CA GLY A 108 3.64 -13.47 5.21
C GLY A 108 3.25 -14.11 6.50
N ARG A 109 3.71 -15.35 6.72
CA ARG A 109 3.23 -16.22 7.80
C ARG A 109 1.93 -16.85 7.32
N TYR A 110 1.31 -17.73 8.10
CA TYR A 110 0.06 -18.37 7.68
C TYR A 110 -1.04 -17.36 7.38
N SER A 111 -1.72 -17.57 6.27
CA SER A 111 -2.75 -16.67 5.82
C SER A 111 -4.02 -16.76 6.67
N ASN A 112 -4.06 -17.71 7.62
CA ASN A 112 -5.24 -17.92 8.50
C ASN A 112 -5.61 -16.69 9.34
N ARG A 113 -4.92 -15.58 9.14
CA ARG A 113 -5.19 -14.33 9.84
C ARG A 113 -4.38 -13.17 9.21
N LEU A 114 -3.99 -13.33 7.93
CA LEU A 114 -3.13 -12.37 7.28
C LEU A 114 -3.83 -11.06 7.10
N TYR A 115 -5.15 -11.11 7.05
CA TYR A 115 -5.87 -9.90 6.93
C TYR A 115 -6.46 -9.54 8.27
N ALA A 116 -5.84 -8.58 8.90
CA ALA A 116 -6.31 -8.01 10.13
C ALA A 116 -6.05 -6.51 10.09
N TYR A 117 -6.52 -5.81 11.10
CA TYR A 117 -6.37 -4.36 11.14
C TYR A 117 -5.68 -3.89 12.41
N GLU A 118 -5.32 -4.81 13.31
CA GLU A 118 -4.77 -4.44 14.60
C GLU A 118 -3.40 -3.78 14.47
N PRO A 119 -3.13 -2.76 15.33
CA PRO A 119 -1.85 -2.02 15.31
C PRO A 119 -0.64 -2.92 15.61
N ALA A 120 -0.89 -4.06 16.24
CA ALA A 120 0.16 -5.01 16.55
C ALA A 120 0.51 -5.86 15.33
N ASP A 121 -0.35 -5.81 14.30
CA ASP A 121 -0.13 -6.61 13.09
C ASP A 121 0.73 -5.88 12.07
N THR A 122 1.42 -4.84 12.52
CA THR A 122 2.31 -4.08 11.65
C THR A 122 3.51 -4.93 11.21
N ALA A 123 4.14 -5.61 12.17
CA ALA A 123 5.26 -6.50 11.88
C ALA A 123 4.79 -7.69 11.05
N LEU A 124 3.51 -7.99 11.19
CA LEU A 124 2.89 -9.06 10.44
C LEU A 124 2.80 -8.63 8.98
N LEU A 125 2.36 -7.39 8.78
CA LEU A 125 2.30 -6.81 7.45
C LEU A 125 3.70 -6.72 6.86
N LEU A 126 4.66 -6.43 7.70
CA LEU A 126 6.06 -6.32 7.30
C LEU A 126 6.59 -7.65 6.77
N ASP A 127 5.91 -8.73 7.11
CA ASP A 127 6.30 -10.05 6.64
C ASP A 127 5.62 -10.28 5.30
N ASN A 128 4.39 -9.81 5.22
CA ASN A 128 3.54 -9.84 4.03
C ASN A 128 4.14 -9.01 2.89
N MET A 129 4.40 -7.74 3.18
CA MET A 129 4.85 -6.78 2.17
C MET A 129 6.26 -7.08 1.66
N LYS A 130 7.16 -7.49 2.56
CA LYS A 130 8.53 -7.86 2.13
C LYS A 130 8.48 -8.98 1.08
N LYS A 131 7.49 -9.86 1.19
CA LYS A 131 7.31 -10.95 0.24
C LYS A 131 6.84 -10.41 -1.11
N ALA A 132 6.23 -9.24 -1.08
CA ALA A 132 5.73 -8.60 -2.28
C ALA A 132 6.87 -7.91 -3.01
N LEU A 133 7.80 -7.36 -2.24
CA LEU A 133 8.96 -6.66 -2.80
C LEU A 133 10.09 -7.64 -3.07
N LYS A 134 9.83 -8.91 -2.85
CA LYS A 134 10.83 -9.92 -3.03
C LYS A 134 10.75 -10.51 -4.42
N LEU A 135 11.79 -10.30 -5.19
CA LEU A 135 11.89 -10.84 -6.54
C LEU A 135 12.82 -12.04 -6.53
N LEU A 136 12.55 -13.01 -7.38
CA LEU A 136 13.40 -14.18 -7.47
C LEU A 136 13.18 -14.90 -8.80
N LYS A 137 13.92 -14.45 -9.82
CA LYS A 137 13.93 -15.06 -11.17
C LYS A 137 12.50 -15.30 -11.71
N THR A 138 11.94 -14.29 -12.36
CA THR A 138 10.62 -14.44 -12.94
C THR A 138 10.72 -14.72 -14.44
N GLU A 139 10.86 -13.67 -15.23
CA GLU A 139 11.01 -13.80 -16.67
C GLU A 139 12.48 -13.62 -17.02
N LEU A 140 13.24 -13.24 -16.02
CA LEU A 140 14.65 -13.01 -16.16
C LEU A 140 15.36 -13.41 -14.88
N ILE A 1 -14.68 19.08 -12.11
CA ILE A 1 -13.21 19.15 -12.25
C ILE A 1 -12.65 20.28 -11.39
N ASP A 2 -11.34 20.27 -11.21
CA ASP A 2 -10.66 21.27 -10.42
C ASP A 2 -9.76 22.13 -11.28
N PRO A 3 -9.61 23.42 -10.96
CA PRO A 3 -8.74 24.32 -11.71
C PRO A 3 -7.28 23.98 -11.47
N PHE A 4 -6.71 23.20 -12.36
CA PHE A 4 -5.33 22.80 -12.25
C PHE A 4 -4.41 23.89 -12.74
N THR A 5 -3.29 24.04 -12.08
CA THR A 5 -2.32 25.06 -12.44
C THR A 5 -1.63 24.70 -13.75
N PRO A 6 -1.47 25.67 -14.67
CA PRO A 6 -0.79 25.45 -15.95
C PRO A 6 0.61 24.90 -15.74
N GLN A 7 1.32 25.46 -14.76
CA GLN A 7 2.65 25.00 -14.42
C GLN A 7 2.52 23.84 -13.43
N THR A 8 3.11 22.71 -13.79
CA THR A 8 3.05 21.54 -12.96
C THR A 8 4.31 20.70 -13.12
N LEU A 9 4.80 20.16 -12.01
CA LEU A 9 5.99 19.31 -12.00
C LEU A 9 6.10 18.63 -10.65
N SER A 10 6.29 17.32 -10.67
CA SER A 10 6.42 16.58 -9.42
C SER A 10 7.77 16.87 -8.77
N ARG A 11 8.85 16.48 -9.44
CA ARG A 11 10.21 16.70 -8.92
C ARG A 11 11.28 16.26 -9.92
N GLY A 12 10.89 15.44 -10.89
CA GLY A 12 11.85 14.90 -11.83
C GLY A 12 12.29 13.55 -11.38
N TRP A 13 13.18 13.52 -10.42
CA TRP A 13 13.57 12.27 -9.81
C TRP A 13 12.96 12.18 -8.43
N GLY A 14 11.72 11.77 -8.40
CA GLY A 14 10.99 11.64 -7.17
C GLY A 14 9.66 10.99 -7.40
N ASP A 15 9.69 9.80 -7.96
CA ASP A 15 8.49 9.06 -8.29
C ASP A 15 8.12 8.14 -7.14
N GLN A 16 8.70 8.42 -5.98
CA GLN A 16 8.46 7.64 -4.77
C GLN A 16 7.28 8.22 -4.00
N LEU A 17 7.51 9.32 -3.31
CA LEU A 17 6.46 9.96 -2.52
C LEU A 17 5.61 10.82 -3.42
N ILE A 18 4.60 10.23 -4.01
CA ILE A 18 3.72 10.95 -4.88
C ILE A 18 2.26 10.60 -4.58
N TRP A 19 1.43 11.62 -4.47
CA TRP A 19 0.03 11.45 -4.16
C TRP A 19 -0.72 10.87 -5.34
N THR A 20 -1.39 9.75 -5.12
CA THR A 20 -2.16 9.12 -6.15
C THR A 20 -3.65 9.34 -5.92
N GLN A 21 -4.31 9.96 -6.88
CA GLN A 21 -5.71 10.30 -6.76
C GLN A 21 -6.63 9.16 -7.21
N THR A 22 -6.45 8.70 -8.44
CA THR A 22 -7.29 7.65 -8.97
C THR A 22 -6.55 6.32 -9.04
N TYR A 23 -7.30 5.23 -9.18
CA TYR A 23 -6.72 3.90 -9.25
C TYR A 23 -5.92 3.72 -10.54
N GLU A 24 -6.46 4.23 -11.64
CA GLU A 24 -5.76 4.17 -12.92
C GLU A 24 -4.49 5.01 -12.90
N ALA A 25 -4.49 6.04 -12.07
CA ALA A 25 -3.32 6.89 -11.92
C ALA A 25 -2.20 6.11 -11.24
N ALA A 26 -2.58 5.10 -10.48
CA ALA A 26 -1.64 4.26 -9.79
C ALA A 26 -1.00 3.27 -10.75
N LEU A 27 -1.81 2.74 -11.67
CA LEU A 27 -1.34 1.78 -12.66
C LEU A 27 -0.25 2.38 -13.54
N TYR A 28 -0.34 3.69 -13.78
CA TYR A 28 0.69 4.37 -14.56
C TYR A 28 2.02 4.33 -13.81
N LYS A 29 1.99 4.75 -12.55
CA LYS A 29 3.17 4.79 -11.70
C LYS A 29 3.78 3.41 -11.54
N SER A 30 2.92 2.40 -11.54
CA SER A 30 3.35 1.03 -11.45
C SER A 30 4.27 0.65 -12.61
N LYS A 31 3.88 0.96 -13.84
CA LYS A 31 4.67 0.58 -15.00
C LYS A 31 5.83 1.55 -15.30
N THR A 32 5.65 2.84 -14.98
CA THR A 32 6.68 3.85 -15.25
C THR A 32 8.06 3.43 -14.76
N SER A 33 8.16 3.03 -13.50
CA SER A 33 9.44 2.60 -12.95
C SER A 33 9.42 1.13 -12.59
N ASN A 34 8.30 0.48 -12.89
CA ASN A 34 8.08 -0.93 -12.55
C ASN A 34 8.09 -1.12 -11.03
N LYS A 35 6.99 -0.70 -10.41
CA LYS A 35 6.83 -0.81 -8.97
C LYS A 35 5.53 -1.53 -8.66
N PRO A 36 5.56 -2.55 -7.79
CA PRO A 36 4.34 -3.20 -7.31
C PRO A 36 3.45 -2.17 -6.61
N LEU A 37 2.17 -2.19 -6.90
CA LEU A 37 1.28 -1.17 -6.39
C LEU A 37 0.77 -1.48 -4.98
N MET A 38 1.47 -0.91 -4.02
CA MET A 38 1.09 -1.01 -2.62
C MET A 38 -0.11 -0.14 -2.30
N ILE A 39 -1.28 -0.76 -2.20
CA ILE A 39 -2.49 -0.03 -1.93
C ILE A 39 -2.82 -0.06 -0.45
N ILE A 40 -2.60 1.06 0.18
CA ILE A 40 -2.92 1.21 1.59
C ILE A 40 -4.35 1.74 1.77
N HIS A 41 -5.23 0.90 2.29
CA HIS A 41 -6.62 1.28 2.49
C HIS A 41 -6.91 1.59 3.94
N HIS A 42 -7.66 2.65 4.17
CA HIS A 42 -8.05 3.04 5.51
C HIS A 42 -9.44 2.50 5.83
N LEU A 43 -9.92 2.77 7.01
CA LEU A 43 -11.19 2.24 7.45
C LEU A 43 -12.28 3.30 7.56
N ASP A 44 -13.50 2.93 7.21
CA ASP A 44 -14.63 3.85 7.28
C ASP A 44 -15.35 3.77 8.65
N GLU A 45 -16.00 2.62 8.91
CA GLU A 45 -16.84 2.43 10.11
C GLU A 45 -16.14 1.67 11.24
N CYS A 46 -14.84 1.59 11.20
CA CYS A 46 -14.08 0.93 12.26
C CYS A 46 -13.34 2.00 13.08
N PRO A 47 -12.62 1.63 14.20
CA PRO A 47 -11.80 2.59 14.95
C PRO A 47 -10.98 3.41 14.02
N HIS A 48 -11.18 4.72 14.09
CA HIS A 48 -10.64 5.68 13.14
C HIS A 48 -9.18 5.37 12.76
N SER A 49 -8.87 5.52 11.47
CA SER A 49 -7.53 5.26 10.94
C SER A 49 -6.45 6.00 11.74
N GLN A 50 -6.88 6.94 12.60
CA GLN A 50 -5.99 7.64 13.52
C GLN A 50 -5.13 6.64 14.31
N ALA A 51 -5.75 5.50 14.65
CA ALA A 51 -5.06 4.44 15.36
C ALA A 51 -4.13 3.72 14.42
N LEU A 52 -4.59 3.53 13.19
CA LEU A 52 -3.79 2.87 12.16
C LEU A 52 -2.57 3.73 11.81
N LYS A 53 -2.78 5.04 11.75
CA LYS A 53 -1.72 5.99 11.45
C LYS A 53 -0.67 6.01 12.55
N LYS A 54 -1.10 5.72 13.76
CA LYS A 54 -0.23 5.74 14.91
C LYS A 54 0.93 4.77 14.73
N VAL A 55 0.62 3.53 14.36
CA VAL A 55 1.65 2.52 14.16
C VAL A 55 2.57 2.87 12.97
N PHE A 56 2.01 3.47 11.93
CA PHE A 56 2.80 3.88 10.76
C PHE A 56 3.77 5.00 11.14
N ALA A 57 3.40 5.76 12.15
CA ALA A 57 4.21 6.86 12.62
C ALA A 57 5.20 6.36 13.66
N GLU A 58 4.97 5.15 14.15
CA GLU A 58 5.80 4.55 15.16
C GLU A 58 6.88 3.65 14.54
N ASN A 59 6.53 2.98 13.46
CA ASN A 59 7.46 2.08 12.78
C ASN A 59 7.91 2.64 11.43
N LYS A 60 9.08 3.29 11.43
CA LYS A 60 9.68 3.84 10.22
C LYS A 60 9.92 2.79 9.13
N GLU A 61 10.03 1.52 9.52
CA GLU A 61 10.28 0.45 8.55
C GLU A 61 9.14 0.36 7.55
N ILE A 62 7.91 0.46 8.05
CA ILE A 62 6.71 0.42 7.23
C ILE A 62 6.73 1.58 6.23
N GLN A 63 7.06 2.77 6.72
CA GLN A 63 7.10 3.96 5.88
C GLN A 63 8.24 3.91 4.87
N LYS A 64 9.36 3.31 5.27
CA LYS A 64 10.52 3.23 4.39
C LYS A 64 10.26 2.31 3.21
N LEU A 65 9.78 1.10 3.49
CA LEU A 65 9.51 0.17 2.42
C LEU A 65 8.36 0.64 1.54
N ALA A 66 7.38 1.33 2.14
CA ALA A 66 6.26 1.86 1.38
C ALA A 66 6.73 2.96 0.44
N GLU A 67 7.78 3.66 0.84
CA GLU A 67 8.40 4.73 0.05
C GLU A 67 8.94 4.17 -1.27
N GLN A 68 9.37 2.93 -1.23
CA GLN A 68 9.95 2.30 -2.41
C GLN A 68 8.86 1.70 -3.30
N PHE A 69 7.66 1.62 -2.78
CA PHE A 69 6.52 1.10 -3.51
C PHE A 69 5.59 2.23 -3.92
N VAL A 70 4.61 1.92 -4.75
CA VAL A 70 3.61 2.90 -5.13
C VAL A 70 2.72 3.15 -3.95
N LEU A 71 2.59 4.40 -3.54
CA LEU A 71 1.72 4.72 -2.44
C LEU A 71 0.32 5.06 -2.94
N LEU A 72 -0.62 4.24 -2.58
CA LEU A 72 -2.01 4.49 -2.87
C LEU A 72 -2.78 4.52 -1.57
N ASN A 73 -2.52 5.55 -0.81
CA ASN A 73 -3.11 5.75 0.50
C ASN A 73 -4.42 6.50 0.37
N LEU A 74 -5.53 5.83 0.68
CA LEU A 74 -6.85 6.43 0.50
C LEU A 74 -7.80 5.98 1.61
N VAL A 75 -8.78 6.84 1.90
CA VAL A 75 -9.83 6.52 2.88
C VAL A 75 -11.02 5.97 2.12
N TYR A 76 -10.96 6.12 0.81
CA TYR A 76 -11.98 5.67 -0.09
C TYR A 76 -12.02 4.14 -0.10
N GLU A 77 -13.22 3.58 -0.17
CA GLU A 77 -13.38 2.13 -0.20
C GLU A 77 -13.23 1.63 -1.63
N THR A 78 -13.79 0.48 -1.93
CA THR A 78 -13.72 -0.04 -3.26
C THR A 78 -15.13 -0.30 -3.80
N THR A 79 -15.46 0.37 -4.88
CA THR A 79 -16.74 0.21 -5.52
C THR A 79 -16.70 -1.01 -6.42
N ASP A 80 -15.75 -1.00 -7.33
CA ASP A 80 -15.53 -2.11 -8.23
C ASP A 80 -14.83 -3.24 -7.49
N LYS A 81 -15.47 -4.40 -7.46
CA LYS A 81 -14.94 -5.55 -6.72
C LYS A 81 -13.82 -6.26 -7.48
N HIS A 82 -13.46 -5.74 -8.64
CA HIS A 82 -12.38 -6.33 -9.42
C HIS A 82 -11.05 -5.75 -8.98
N LEU A 83 -11.12 -4.57 -8.35
CA LEU A 83 -9.93 -3.91 -7.82
C LEU A 83 -9.36 -4.72 -6.66
N SER A 84 -10.24 -5.29 -5.87
CA SER A 84 -9.84 -6.17 -4.81
C SER A 84 -10.93 -7.25 -4.59
N PRO A 85 -10.71 -8.47 -5.14
CA PRO A 85 -11.67 -9.59 -5.06
C PRO A 85 -12.15 -9.88 -3.64
N ASP A 86 -11.24 -9.85 -2.69
CA ASP A 86 -11.58 -10.13 -1.29
C ASP A 86 -11.48 -8.84 -0.50
N GLY A 87 -11.50 -7.72 -1.19
CA GLY A 87 -11.37 -6.43 -0.56
C GLY A 87 -12.68 -5.92 0.02
N GLN A 88 -13.32 -6.74 0.82
CA GLN A 88 -14.55 -6.34 1.48
C GLN A 88 -14.20 -5.61 2.77
N TYR A 89 -13.17 -6.10 3.43
CA TYR A 89 -12.64 -5.47 4.63
C TYR A 89 -11.82 -4.25 4.19
N VAL A 90 -11.82 -3.20 4.99
CA VAL A 90 -11.15 -1.96 4.59
C VAL A 90 -9.78 -1.71 5.26
N PRO A 91 -9.59 -2.00 6.59
CA PRO A 91 -8.33 -1.76 7.25
C PRO A 91 -7.38 -2.90 7.03
N ARG A 92 -6.48 -2.73 6.07
CA ARG A 92 -5.55 -3.79 5.71
C ARG A 92 -4.56 -3.31 4.67
N ILE A 93 -3.66 -4.18 4.30
CA ILE A 93 -2.69 -3.89 3.28
C ILE A 93 -2.87 -4.86 2.10
N MET A 94 -2.71 -4.35 0.90
CA MET A 94 -2.84 -5.15 -0.30
C MET A 94 -1.97 -4.56 -1.39
N PHE A 95 -1.47 -5.39 -2.28
CA PHE A 95 -0.61 -4.93 -3.35
C PHE A 95 -0.95 -5.68 -4.62
N VAL A 96 -1.27 -4.96 -5.67
CA VAL A 96 -1.65 -5.59 -6.92
C VAL A 96 -0.42 -6.01 -7.73
N ASP A 97 -0.64 -6.95 -8.63
CA ASP A 97 0.43 -7.54 -9.43
C ASP A 97 1.02 -6.52 -10.42
N PRO A 98 2.37 -6.39 -10.45
CA PRO A 98 3.09 -5.44 -11.33
C PRO A 98 2.78 -5.62 -12.82
N SER A 99 2.07 -6.69 -13.18
CA SER A 99 1.70 -6.93 -14.56
C SER A 99 0.50 -6.04 -14.96
N LEU A 100 0.17 -5.09 -14.07
CA LEU A 100 -0.93 -4.13 -14.27
C LEU A 100 -2.29 -4.80 -14.12
N THR A 101 -2.28 -6.01 -13.63
CA THR A 101 -3.49 -6.74 -13.35
C THR A 101 -3.60 -6.90 -11.87
N VAL A 102 -4.77 -7.13 -11.36
CA VAL A 102 -4.89 -7.23 -9.94
C VAL A 102 -5.24 -8.63 -9.48
N ARG A 103 -4.23 -9.44 -9.22
CA ARG A 103 -4.41 -10.64 -8.45
C ARG A 103 -4.33 -10.34 -6.95
N ALA A 104 -5.04 -11.12 -6.17
CA ALA A 104 -5.10 -10.95 -4.74
C ALA A 104 -4.98 -12.31 -4.09
N ASP A 105 -3.76 -12.69 -3.79
CA ASP A 105 -3.47 -14.03 -3.28
C ASP A 105 -2.34 -14.01 -2.26
N ILE A 106 -1.24 -13.39 -2.65
CA ILE A 106 -0.05 -13.30 -1.82
C ILE A 106 -0.32 -12.54 -0.54
N THR A 107 -0.46 -13.24 0.57
CA THR A 107 -0.62 -12.60 1.85
C THR A 107 0.18 -13.37 2.90
N GLY A 108 0.88 -12.63 3.77
CA GLY A 108 1.63 -13.24 4.87
C GLY A 108 0.81 -14.31 5.59
N ARG A 109 1.40 -15.46 5.81
CA ARG A 109 0.68 -16.59 6.39
C ARG A 109 0.96 -16.74 7.88
N TYR A 110 -0.12 -16.93 8.63
CA TYR A 110 -0.06 -17.17 10.05
C TYR A 110 -1.34 -17.87 10.48
N SER A 111 -1.29 -18.51 11.61
CA SER A 111 -2.43 -19.28 12.10
C SER A 111 -3.45 -18.41 12.87
N ASN A 112 -3.32 -17.07 12.79
CA ASN A 112 -4.18 -16.15 13.54
C ASN A 112 -3.66 -14.72 13.38
N ARG A 113 -4.44 -13.86 12.68
CA ARG A 113 -4.09 -12.44 12.46
C ARG A 113 -3.24 -12.28 11.21
N LEU A 114 -3.91 -12.09 10.08
CA LEU A 114 -3.25 -11.91 8.79
C LEU A 114 -3.32 -10.47 8.33
N TYR A 115 -4.40 -9.81 8.67
CA TYR A 115 -4.55 -8.43 8.34
C TYR A 115 -5.43 -7.71 9.35
N ALA A 116 -4.82 -6.85 10.10
CA ALA A 116 -5.54 -6.01 11.05
C ALA A 116 -5.04 -4.57 10.95
N TYR A 117 -5.70 -3.69 11.69
CA TYR A 117 -5.31 -2.28 11.73
C TYR A 117 -4.56 -1.98 13.01
N GLU A 118 -4.48 -2.98 13.85
CA GLU A 118 -3.84 -2.84 15.13
C GLU A 118 -2.34 -2.98 15.01
N PRO A 119 -1.58 -2.27 15.86
CA PRO A 119 -0.10 -2.34 15.87
C PRO A 119 0.39 -3.75 16.23
N ALA A 120 -0.55 -4.63 16.52
CA ALA A 120 -0.24 -5.98 16.91
C ALA A 120 -0.03 -6.88 15.70
N ASP A 121 -0.35 -6.37 14.50
CA ASP A 121 -0.19 -7.15 13.27
C ASP A 121 1.02 -6.63 12.47
N THR A 122 1.88 -5.90 13.17
CA THR A 122 3.03 -5.23 12.57
C THR A 122 3.97 -6.16 11.78
N ALA A 123 4.47 -7.22 12.42
CA ALA A 123 5.44 -8.10 11.76
C ALA A 123 4.91 -8.72 10.47
N LEU A 124 3.73 -9.31 10.53
CA LEU A 124 3.12 -9.94 9.37
C LEU A 124 2.86 -8.90 8.28
N LEU A 125 2.32 -7.76 8.67
CA LEU A 125 2.11 -6.65 7.73
C LEU A 125 3.43 -6.30 7.04
N LEU A 126 4.48 -6.20 7.86
CA LEU A 126 5.82 -5.92 7.36
C LEU A 126 6.26 -6.98 6.34
N ASP A 127 6.12 -8.24 6.72
CA ASP A 127 6.47 -9.37 5.84
C ASP A 127 5.63 -9.35 4.58
N ASN A 128 4.34 -9.02 4.75
CA ASN A 128 3.41 -8.93 3.63
C ASN A 128 3.93 -7.95 2.59
N MET A 129 4.35 -6.79 3.06
CA MET A 129 4.88 -5.75 2.19
C MET A 129 6.20 -6.21 1.57
N LYS A 130 6.90 -7.09 2.27
CA LYS A 130 8.17 -7.60 1.81
C LYS A 130 7.96 -8.64 0.71
N LYS A 131 6.83 -9.33 0.76
CA LYS A 131 6.48 -10.32 -0.26
C LYS A 131 6.20 -9.61 -1.57
N ALA A 132 5.85 -8.34 -1.45
CA ALA A 132 5.62 -7.49 -2.61
C ALA A 132 6.97 -7.05 -3.16
N LEU A 133 8.00 -7.18 -2.33
CA LEU A 133 9.36 -6.83 -2.68
C LEU A 133 10.14 -8.11 -2.97
N LYS A 134 9.45 -9.24 -2.96
CA LYS A 134 10.08 -10.54 -3.09
C LYS A 134 9.12 -11.51 -3.77
N LEU A 135 8.48 -11.03 -4.83
CA LEU A 135 7.53 -11.84 -5.58
C LEU A 135 8.22 -13.03 -6.25
N LEU A 136 7.89 -14.21 -5.78
CA LEU A 136 8.48 -15.43 -6.31
C LEU A 136 7.51 -16.08 -7.29
N LYS A 137 7.98 -16.33 -8.49
CA LYS A 137 7.15 -16.96 -9.50
C LYS A 137 7.63 -18.37 -9.79
N THR A 138 6.75 -19.21 -10.28
CA THR A 138 7.07 -20.57 -10.58
C THR A 138 6.27 -21.05 -11.78
N GLU A 139 6.84 -20.90 -12.94
CA GLU A 139 6.22 -21.32 -14.17
C GLU A 139 7.11 -22.33 -14.87
N LEU A 140 6.92 -23.59 -14.55
CA LEU A 140 7.69 -24.67 -15.12
C LEU A 140 6.77 -25.80 -15.54
N ILE A 1 25.98 36.96 15.68
CA ILE A 1 25.04 35.83 15.51
C ILE A 1 23.76 36.10 16.26
N ASP A 2 22.64 35.99 15.58
CA ASP A 2 21.34 36.21 16.17
C ASP A 2 20.61 34.87 16.34
N PRO A 3 19.53 34.83 17.17
CA PRO A 3 18.79 33.59 17.47
C PRO A 3 18.11 32.90 16.27
N PHE A 4 18.05 33.56 15.12
CA PHE A 4 17.44 32.95 13.95
C PHE A 4 18.28 31.76 13.48
N THR A 5 17.62 30.69 13.09
CA THR A 5 18.32 29.48 12.68
C THR A 5 19.24 29.73 11.49
N PRO A 6 20.51 29.30 11.61
CA PRO A 6 21.48 29.43 10.53
C PRO A 6 21.23 28.41 9.43
N GLN A 7 20.34 27.47 9.69
CA GLN A 7 20.01 26.44 8.73
C GLN A 7 18.79 26.87 7.93
N THR A 8 19.03 27.56 6.83
CA THR A 8 17.96 28.06 5.98
C THR A 8 17.70 27.11 4.80
N LEU A 9 18.09 25.85 4.97
CA LEU A 9 17.90 24.85 3.92
C LEU A 9 16.42 24.65 3.62
N SER A 10 15.98 25.14 2.47
CA SER A 10 14.59 25.04 2.08
C SER A 10 14.44 24.31 0.74
N ARG A 11 15.55 23.86 0.20
CA ARG A 11 15.56 23.20 -1.10
C ARG A 11 15.38 21.69 -0.97
N GLY A 12 14.99 21.25 0.21
CA GLY A 12 14.76 19.84 0.46
C GLY A 12 13.45 19.36 -0.14
N TRP A 13 13.13 18.10 0.09
CA TRP A 13 11.89 17.53 -0.42
C TRP A 13 10.71 17.99 0.46
N GLY A 14 10.48 17.28 1.56
CA GLY A 14 9.41 17.65 2.49
C GLY A 14 8.03 17.26 2.03
N ASP A 15 7.87 17.02 0.74
CA ASP A 15 6.58 16.66 0.16
C ASP A 15 6.22 15.20 0.45
N GLN A 16 5.07 14.79 -0.01
CA GLN A 16 4.58 13.44 0.18
C GLN A 16 4.65 12.71 -1.17
N LEU A 17 4.07 11.50 -1.24
CA LEU A 17 4.03 10.76 -2.49
C LEU A 17 3.27 11.57 -3.55
N ILE A 18 3.60 11.34 -4.82
CA ILE A 18 2.97 12.08 -5.92
C ILE A 18 1.46 11.92 -5.90
N TRP A 19 0.76 13.01 -5.62
CA TRP A 19 -0.68 13.01 -5.63
C TRP A 19 -1.19 12.82 -7.05
N THR A 20 -1.46 11.59 -7.38
CA THR A 20 -1.89 11.22 -8.71
C THR A 20 -3.40 11.03 -8.75
N GLN A 21 -3.98 11.33 -9.89
CA GLN A 21 -5.41 11.18 -10.09
C GLN A 21 -5.71 9.78 -10.61
N THR A 22 -6.60 9.08 -9.91
CA THR A 22 -7.02 7.74 -10.29
C THR A 22 -5.89 6.69 -10.08
N TYR A 23 -6.13 5.76 -9.17
CA TYR A 23 -5.18 4.67 -8.87
C TYR A 23 -4.87 3.85 -10.14
N GLU A 24 -5.85 3.78 -11.02
CA GLU A 24 -5.66 3.09 -12.30
C GLU A 24 -4.58 3.78 -13.14
N ALA A 25 -4.44 5.10 -12.95
CA ALA A 25 -3.43 5.87 -13.66
C ALA A 25 -2.10 5.75 -12.93
N ALA A 26 -2.16 5.56 -11.62
CA ALA A 26 -0.96 5.34 -10.83
C ALA A 26 -0.31 4.03 -11.25
N LEU A 27 -1.15 3.00 -11.45
CA LEU A 27 -0.69 1.72 -11.98
C LEU A 27 0.01 1.94 -13.32
N TYR A 28 -0.46 2.91 -14.10
CA TYR A 28 0.15 3.20 -15.39
C TYR A 28 1.59 3.68 -15.21
N LYS A 29 1.83 4.52 -14.20
CA LYS A 29 3.18 5.01 -13.93
C LYS A 29 4.05 3.87 -13.43
N SER A 30 3.46 3.05 -12.60
CA SER A 30 4.17 1.94 -12.02
C SER A 30 4.41 0.85 -13.08
N LYS A 31 3.52 0.82 -14.06
CA LYS A 31 3.59 -0.14 -15.15
C LYS A 31 4.82 0.10 -16.02
N THR A 32 5.23 1.34 -16.16
CA THR A 32 6.40 1.65 -16.97
C THR A 32 7.68 1.19 -16.26
N SER A 33 7.64 1.19 -14.94
CA SER A 33 8.80 0.79 -14.16
C SER A 33 8.70 -0.66 -13.66
N ASN A 34 7.49 -1.26 -13.77
CA ASN A 34 7.24 -2.64 -13.30
C ASN A 34 7.29 -2.65 -11.78
N LYS A 35 6.96 -1.49 -11.20
CA LYS A 35 7.00 -1.28 -9.77
C LYS A 35 5.65 -1.64 -9.13
N PRO A 36 5.65 -2.60 -8.18
CA PRO A 36 4.43 -3.00 -7.47
C PRO A 36 3.80 -1.82 -6.71
N LEU A 37 2.49 -1.79 -6.67
CA LEU A 37 1.77 -0.70 -6.03
C LEU A 37 1.01 -1.23 -4.81
N MET A 38 1.30 -0.66 -3.63
CA MET A 38 0.62 -1.09 -2.43
C MET A 38 -0.57 -0.17 -2.13
N ILE A 39 -1.75 -0.74 -2.18
CA ILE A 39 -2.95 0.00 -1.94
C ILE A 39 -3.41 -0.16 -0.50
N ILE A 40 -3.32 0.89 0.24
CA ILE A 40 -3.75 0.89 1.62
C ILE A 40 -5.21 1.37 1.70
N HIS A 41 -6.12 0.46 1.98
CA HIS A 41 -7.54 0.80 2.04
C HIS A 41 -8.08 0.58 3.43
N HIS A 42 -8.49 1.67 4.05
CA HIS A 42 -9.00 1.64 5.40
C HIS A 42 -10.36 2.30 5.48
N LEU A 43 -11.13 1.91 6.48
CA LEU A 43 -12.46 2.47 6.71
C LEU A 43 -12.47 3.17 8.06
N ASP A 44 -13.07 4.33 8.12
CA ASP A 44 -13.10 5.10 9.36
C ASP A 44 -14.24 4.67 10.26
N GLU A 45 -15.16 3.86 9.72
CA GLU A 45 -16.23 3.30 10.52
C GLU A 45 -15.66 2.21 11.41
N CYS A 46 -14.72 1.48 10.85
CA CYS A 46 -13.95 0.47 11.57
C CYS A 46 -12.93 1.20 12.44
N PRO A 47 -12.05 0.49 13.24
CA PRO A 47 -11.00 1.18 14.00
C PRO A 47 -10.40 2.27 13.16
N HIS A 48 -10.49 3.47 13.70
CA HIS A 48 -10.14 4.65 12.96
C HIS A 48 -8.76 4.57 12.38
N SER A 49 -8.66 5.01 11.14
CA SER A 49 -7.41 5.03 10.42
C SER A 49 -6.28 5.65 11.26
N GLN A 50 -6.66 6.48 12.24
CA GLN A 50 -5.67 7.13 13.13
C GLN A 50 -4.86 6.08 13.90
N ALA A 51 -5.49 4.96 14.16
CA ALA A 51 -4.86 3.89 14.89
C ALA A 51 -3.85 3.18 13.99
N LEU A 52 -4.27 2.87 12.78
CA LEU A 52 -3.43 2.16 11.83
C LEU A 52 -2.37 3.10 11.22
N LYS A 53 -2.72 4.34 11.00
CA LYS A 53 -1.81 5.30 10.37
C LYS A 53 -0.60 5.58 11.27
N LYS A 54 -0.81 5.57 12.57
CA LYS A 54 0.27 5.82 13.50
C LYS A 54 1.24 4.65 13.53
N VAL A 55 0.74 3.44 13.24
CA VAL A 55 1.59 2.25 13.22
C VAL A 55 2.58 2.32 12.04
N PHE A 56 2.24 3.13 11.05
CA PHE A 56 3.12 3.35 9.93
C PHE A 56 4.25 4.31 10.30
N ALA A 57 3.98 5.20 11.26
CA ALA A 57 4.95 6.22 11.65
C ALA A 57 6.08 5.69 12.56
N GLU A 58 5.75 5.03 13.67
CA GLU A 58 6.80 4.59 14.60
C GLU A 58 7.52 3.36 14.08
N ASN A 59 6.89 2.66 13.16
CA ASN A 59 7.51 1.52 12.52
C ASN A 59 8.17 1.99 11.24
N LYS A 60 9.40 2.48 11.38
CA LYS A 60 10.12 3.07 10.24
C LYS A 60 10.36 2.08 9.11
N GLU A 61 10.30 0.80 9.42
CA GLU A 61 10.49 -0.23 8.41
C GLU A 61 9.32 -0.26 7.45
N ILE A 62 8.12 -0.18 8.00
CA ILE A 62 6.92 -0.17 7.19
C ILE A 62 6.89 1.11 6.38
N GLN A 63 7.32 2.19 7.02
CA GLN A 63 7.37 3.49 6.39
C GLN A 63 8.42 3.51 5.26
N LYS A 64 9.56 2.87 5.50
CA LYS A 64 10.62 2.81 4.48
C LYS A 64 10.15 2.07 3.24
N LEU A 65 9.44 0.98 3.46
CA LEU A 65 8.94 0.18 2.36
C LEU A 65 7.84 0.94 1.60
N ALA A 66 7.11 1.79 2.31
CA ALA A 66 6.05 2.57 1.67
C ALA A 66 6.63 3.70 0.84
N GLU A 67 7.73 4.28 1.30
CA GLU A 67 8.41 5.36 0.58
C GLU A 67 9.10 4.83 -0.68
N GLN A 68 9.52 3.58 -0.61
CA GLN A 68 10.22 2.94 -1.72
C GLN A 68 9.22 2.50 -2.80
N PHE A 69 7.96 2.39 -2.41
CA PHE A 69 6.89 1.96 -3.30
C PHE A 69 5.83 3.06 -3.42
N VAL A 70 4.66 2.73 -3.94
CA VAL A 70 3.58 3.71 -4.05
C VAL A 70 2.72 3.61 -2.82
N LEU A 71 2.43 4.71 -2.20
CA LEU A 71 1.58 4.70 -1.04
C LEU A 71 0.30 5.44 -1.34
N LEU A 72 -0.80 4.71 -1.35
CA LEU A 72 -2.09 5.29 -1.61
C LEU A 72 -3.05 4.93 -0.51
N ASN A 73 -3.71 5.92 0.04
CA ASN A 73 -4.68 5.71 1.09
C ASN A 73 -6.08 5.82 0.54
N LEU A 74 -6.72 4.68 0.38
CA LEU A 74 -8.06 4.63 -0.17
C LEU A 74 -9.08 4.67 0.93
N VAL A 75 -10.05 5.56 0.80
CA VAL A 75 -11.10 5.70 1.79
C VAL A 75 -12.47 5.62 1.11
N TYR A 76 -12.72 6.60 0.24
CA TYR A 76 -13.99 6.67 -0.49
C TYR A 76 -14.08 5.57 -1.55
N GLU A 77 -12.95 5.23 -2.15
CA GLU A 77 -12.90 4.20 -3.17
C GLU A 77 -13.12 2.83 -2.58
N THR A 78 -14.06 2.10 -3.15
CA THR A 78 -14.45 0.79 -2.69
C THR A 78 -13.61 -0.29 -3.35
N THR A 79 -13.42 -1.41 -2.65
CA THR A 79 -12.68 -2.53 -3.20
C THR A 79 -13.50 -3.22 -4.27
N ASP A 80 -12.92 -3.43 -5.44
CA ASP A 80 -13.62 -4.05 -6.55
C ASP A 80 -13.95 -5.51 -6.25
N LYS A 81 -15.16 -5.91 -6.62
CA LYS A 81 -15.68 -7.24 -6.35
C LYS A 81 -15.13 -8.28 -7.34
N HIS A 82 -14.48 -7.81 -8.40
CA HIS A 82 -13.95 -8.72 -9.41
C HIS A 82 -12.50 -9.07 -9.11
N LEU A 83 -11.73 -8.07 -8.68
CA LEU A 83 -10.33 -8.30 -8.33
C LEU A 83 -10.25 -9.16 -7.07
N SER A 84 -10.98 -8.76 -6.04
CA SER A 84 -11.06 -9.53 -4.83
C SER A 84 -12.52 -9.94 -4.57
N PRO A 85 -12.88 -11.17 -4.96
CA PRO A 85 -14.26 -11.69 -4.83
C PRO A 85 -14.85 -11.50 -3.43
N ASP A 86 -14.05 -11.78 -2.41
CA ASP A 86 -14.53 -11.69 -1.04
C ASP A 86 -13.81 -10.58 -0.28
N GLY A 87 -13.30 -9.62 -1.01
CA GLY A 87 -12.57 -8.53 -0.38
C GLY A 87 -13.42 -7.29 -0.22
N GLN A 88 -14.70 -7.48 0.06
CA GLN A 88 -15.63 -6.37 0.20
C GLN A 88 -15.66 -5.85 1.65
N TYR A 89 -14.70 -6.29 2.45
CA TYR A 89 -14.57 -5.85 3.83
C TYR A 89 -13.35 -4.93 3.91
N VAL A 90 -13.09 -4.33 5.08
CA VAL A 90 -11.88 -3.51 5.27
C VAL A 90 -10.61 -4.32 4.85
N PRO A 91 -10.00 -3.96 3.70
CA PRO A 91 -8.87 -4.70 3.12
C PRO A 91 -7.57 -4.63 3.93
N ARG A 92 -7.50 -3.69 4.88
CA ARG A 92 -6.30 -3.48 5.70
C ARG A 92 -5.16 -3.02 4.80
N ILE A 93 -4.42 -3.97 4.25
CA ILE A 93 -3.33 -3.71 3.35
C ILE A 93 -3.37 -4.68 2.18
N MET A 94 -3.23 -4.15 0.98
CA MET A 94 -3.19 -4.97 -0.21
C MET A 94 -2.21 -4.39 -1.19
N PHE A 95 -1.63 -5.21 -2.02
CA PHE A 95 -0.73 -4.73 -3.03
C PHE A 95 -1.04 -5.38 -4.36
N VAL A 96 -0.90 -4.62 -5.42
CA VAL A 96 -1.17 -5.10 -6.76
C VAL A 96 -0.07 -4.69 -7.69
N ASP A 97 0.26 -5.53 -8.62
CA ASP A 97 1.29 -5.23 -9.58
C ASP A 97 0.66 -4.64 -10.84
N PRO A 98 1.30 -3.63 -11.42
CA PRO A 98 0.77 -2.96 -12.62
C PRO A 98 0.99 -3.76 -13.90
N SER A 99 2.23 -4.14 -14.16
CA SER A 99 2.57 -4.91 -15.33
C SER A 99 2.45 -6.41 -15.05
N LEU A 100 2.33 -6.74 -13.77
CA LEU A 100 2.39 -8.12 -13.36
C LEU A 100 1.03 -8.62 -12.83
N THR A 101 0.07 -7.69 -12.68
CA THR A 101 -1.32 -7.97 -12.26
C THR A 101 -1.41 -8.30 -10.77
N VAL A 102 -2.60 -8.63 -10.29
CA VAL A 102 -2.81 -8.94 -8.89
C VAL A 102 -2.03 -10.20 -8.48
N ARG A 103 -1.14 -10.04 -7.50
CA ARG A 103 -0.35 -11.14 -6.95
C ARG A 103 -1.28 -12.29 -6.54
N ALA A 104 -0.79 -13.52 -6.66
CA ALA A 104 -1.62 -14.67 -6.35
C ALA A 104 -0.97 -15.56 -5.29
N ASP A 105 -1.80 -15.97 -4.32
CA ASP A 105 -1.41 -16.84 -3.18
C ASP A 105 -0.09 -16.43 -2.55
N ILE A 106 -0.16 -15.70 -1.47
CA ILE A 106 1.03 -15.21 -0.82
C ILE A 106 1.26 -15.91 0.53
N THR A 107 2.53 -16.08 0.88
CA THR A 107 2.90 -16.67 2.16
C THR A 107 2.57 -15.71 3.30
N GLY A 108 2.39 -16.23 4.49
CA GLY A 108 2.07 -15.40 5.61
C GLY A 108 2.40 -16.05 6.90
N ARG A 109 2.52 -15.25 7.95
CA ARG A 109 2.79 -15.75 9.28
C ARG A 109 1.66 -16.65 9.74
N TYR A 110 0.44 -16.17 9.61
CA TYR A 110 -0.74 -16.94 9.95
C TYR A 110 -1.52 -17.23 8.68
N SER A 111 -1.60 -18.49 8.31
CA SER A 111 -2.23 -18.87 7.06
C SER A 111 -3.77 -18.84 7.16
N ASN A 112 -4.28 -18.59 8.36
CA ASN A 112 -5.72 -18.49 8.54
C ASN A 112 -6.16 -17.04 8.51
N ARG A 113 -5.25 -16.16 8.93
CA ARG A 113 -5.49 -14.72 8.87
C ARG A 113 -4.17 -13.96 8.98
N LEU A 114 -3.59 -13.66 7.84
CA LEU A 114 -2.33 -12.93 7.77
C LEU A 114 -2.61 -11.47 7.45
N TYR A 115 -3.87 -11.19 7.18
CA TYR A 115 -4.32 -9.86 6.87
C TYR A 115 -5.44 -9.53 7.82
N ALA A 116 -5.22 -8.58 8.69
CA ALA A 116 -6.22 -8.21 9.66
C ALA A 116 -6.07 -6.76 10.08
N TYR A 117 -6.99 -6.28 10.87
CA TYR A 117 -6.95 -4.94 11.38
C TYR A 117 -6.95 -4.97 12.88
N GLU A 118 -5.75 -5.08 13.41
CA GLU A 118 -5.50 -5.26 14.81
C GLU A 118 -4.05 -4.91 15.06
N PRO A 119 -3.65 -4.73 16.32
CA PRO A 119 -2.23 -4.55 16.66
C PRO A 119 -1.45 -5.82 16.27
N ALA A 120 -2.19 -6.87 15.95
CA ALA A 120 -1.63 -8.14 15.54
C ALA A 120 -1.02 -8.07 14.14
N ASP A 121 -1.77 -7.53 13.14
CA ASP A 121 -1.28 -7.43 11.74
C ASP A 121 0.05 -6.68 11.61
N THR A 122 0.48 -6.00 12.67
CA THR A 122 1.72 -5.22 12.65
C THR A 122 2.91 -6.01 12.09
N ALA A 123 3.13 -7.23 12.60
CA ALA A 123 4.23 -8.06 12.13
C ALA A 123 4.01 -8.49 10.69
N LEU A 124 2.76 -8.77 10.37
CA LEU A 124 2.37 -9.15 9.03
C LEU A 124 2.69 -8.03 8.05
N LEU A 125 2.33 -6.81 8.42
CA LEU A 125 2.66 -5.62 7.63
C LEU A 125 4.13 -5.64 7.22
N LEU A 126 4.99 -5.96 8.17
CA LEU A 126 6.43 -6.07 7.94
C LEU A 126 6.75 -7.10 6.85
N ASP A 127 6.31 -8.33 7.04
CA ASP A 127 6.58 -9.42 6.10
C ASP A 127 5.86 -9.21 4.78
N ASN A 128 4.61 -8.79 4.87
CA ASN A 128 3.76 -8.55 3.69
C ASN A 128 4.38 -7.54 2.75
N MET A 129 4.79 -6.40 3.28
CA MET A 129 5.41 -5.37 2.47
C MET A 129 6.76 -5.84 1.90
N LYS A 130 7.43 -6.76 2.61
CA LYS A 130 8.70 -7.29 2.14
C LYS A 130 8.45 -8.32 1.03
N LYS A 131 7.40 -9.12 1.21
CA LYS A 131 7.01 -10.11 0.20
C LYS A 131 6.51 -9.41 -1.05
N ALA A 132 5.88 -8.26 -0.85
CA ALA A 132 5.42 -7.42 -1.94
C ALA A 132 6.60 -6.91 -2.76
N LEU A 133 7.74 -6.78 -2.09
CA LEU A 133 8.96 -6.30 -2.73
C LEU A 133 9.66 -7.43 -3.48
N LYS A 134 9.45 -8.66 -3.02
CA LYS A 134 10.05 -9.82 -3.65
C LYS A 134 9.59 -9.93 -5.11
N LEU A 135 10.51 -9.74 -6.02
CA LEU A 135 10.19 -9.79 -7.43
C LEU A 135 10.25 -11.21 -7.94
N LEU A 136 9.09 -11.81 -8.17
CA LEU A 136 9.02 -13.16 -8.70
C LEU A 136 9.25 -13.14 -10.21
N LYS A 137 9.17 -11.95 -10.77
CA LYS A 137 9.42 -11.76 -12.19
C LYS A 137 10.91 -11.85 -12.43
N THR A 138 11.30 -12.38 -13.57
CA THR A 138 12.69 -12.56 -13.87
C THR A 138 13.35 -11.23 -14.27
N GLU A 139 14.27 -10.79 -13.44
CA GLU A 139 14.98 -9.54 -13.67
C GLU A 139 15.99 -9.69 -14.81
N LEU A 140 16.36 -10.92 -15.09
CA LEU A 140 17.27 -11.21 -16.18
C LEU A 140 16.51 -11.53 -17.46
N ILE A 1 19.88 42.53 -3.58
CA ILE A 1 18.91 41.45 -3.82
C ILE A 1 19.14 40.32 -2.82
N ASP A 2 18.03 39.74 -2.32
CA ASP A 2 18.06 38.64 -1.36
C ASP A 2 18.61 39.07 -0.01
N PRO A 3 17.73 39.29 0.98
CA PRO A 3 18.12 39.69 2.32
C PRO A 3 18.58 38.50 3.16
N PHE A 4 18.62 38.68 4.47
CA PHE A 4 19.02 37.62 5.38
C PHE A 4 17.90 36.61 5.53
N THR A 5 18.20 35.35 5.27
CA THR A 5 17.21 34.30 5.38
C THR A 5 17.14 33.79 6.83
N PRO A 6 15.94 33.85 7.45
CA PRO A 6 15.73 33.43 8.84
C PRO A 6 16.14 31.97 9.10
N GLN A 7 15.37 31.03 8.56
CA GLN A 7 15.67 29.62 8.76
C GLN A 7 15.04 28.75 7.67
N THR A 8 13.73 28.92 7.46
CA THR A 8 12.98 28.16 6.46
C THR A 8 13.05 26.65 6.74
N LEU A 9 12.20 26.17 7.63
CA LEU A 9 12.20 24.76 8.01
C LEU A 9 11.11 23.97 7.28
N SER A 10 10.53 24.58 6.27
CA SER A 10 9.49 23.94 5.49
C SER A 10 10.09 22.97 4.47
N ARG A 11 10.97 23.51 3.60
CA ARG A 11 11.60 22.74 2.52
C ARG A 11 10.58 22.25 1.51
N GLY A 12 11.07 21.57 0.48
CA GLY A 12 10.20 21.02 -0.53
C GLY A 12 10.12 19.52 -0.42
N TRP A 13 10.59 19.01 0.71
CA TRP A 13 10.60 17.58 0.98
C TRP A 13 10.16 17.31 2.40
N GLY A 14 9.85 16.07 2.69
CA GLY A 14 9.43 15.71 4.02
C GLY A 14 8.59 14.45 4.03
N ASP A 15 7.37 14.56 4.54
CA ASP A 15 6.47 13.41 4.64
C ASP A 15 5.77 13.13 3.30
N GLN A 16 6.11 13.92 2.29
CA GLN A 16 5.51 13.76 0.98
C GLN A 16 6.16 12.61 0.22
N LEU A 17 5.57 11.42 0.34
CA LEU A 17 6.06 10.23 -0.35
C LEU A 17 5.38 10.11 -1.71
N ILE A 18 5.45 8.92 -2.31
CA ILE A 18 4.82 8.71 -3.60
C ILE A 18 3.33 8.41 -3.44
N TRP A 19 2.53 9.45 -3.47
CA TRP A 19 1.09 9.31 -3.38
C TRP A 19 0.45 9.73 -4.69
N THR A 20 -0.36 8.86 -5.25
CA THR A 20 -1.02 9.14 -6.51
C THR A 20 -2.39 8.47 -6.54
N GLN A 21 -3.43 9.27 -6.30
CA GLN A 21 -4.81 8.76 -6.29
C GLN A 21 -5.23 8.27 -7.67
N THR A 22 -4.56 8.77 -8.69
CA THR A 22 -4.83 8.37 -10.05
C THR A 22 -4.23 6.97 -10.32
N TYR A 23 -5.06 5.94 -10.19
CA TYR A 23 -4.64 4.55 -10.35
C TYR A 23 -4.02 4.30 -11.72
N GLU A 24 -4.64 4.84 -12.75
CA GLU A 24 -4.15 4.66 -14.11
C GLU A 24 -2.73 5.20 -14.30
N ALA A 25 -2.44 6.34 -13.67
CA ALA A 25 -1.12 6.93 -13.78
C ALA A 25 -0.15 6.23 -12.84
N ALA A 26 -0.67 5.74 -11.72
CA ALA A 26 0.14 5.00 -10.75
C ALA A 26 0.64 3.72 -11.39
N LEU A 27 -0.28 2.98 -12.02
CA LEU A 27 0.08 1.78 -12.77
C LEU A 27 1.19 2.09 -13.76
N TYR A 28 1.06 3.19 -14.48
CA TYR A 28 2.07 3.63 -15.45
C TYR A 28 3.42 3.88 -14.78
N LYS A 29 3.40 4.67 -13.71
CA LYS A 29 4.61 5.02 -12.97
C LYS A 29 5.27 3.78 -12.35
N SER A 30 4.50 3.00 -11.63
CA SER A 30 4.99 1.80 -10.98
C SER A 30 5.49 0.77 -12.00
N LYS A 31 4.80 0.68 -13.13
CA LYS A 31 5.19 -0.24 -14.20
C LYS A 31 6.57 0.11 -14.74
N THR A 32 6.88 1.40 -14.76
CA THR A 32 8.14 1.88 -15.29
C THR A 32 9.30 1.54 -14.33
N SER A 33 9.03 1.59 -13.04
CA SER A 33 10.04 1.30 -12.04
C SER A 33 10.03 -0.18 -11.70
N ASN A 34 9.04 -0.90 -12.23
CA ASN A 34 8.86 -2.34 -12.01
C ASN A 34 8.61 -2.59 -10.52
N LYS A 35 7.58 -1.95 -10.00
CA LYS A 35 7.24 -2.09 -8.60
C LYS A 35 5.73 -2.04 -8.42
N PRO A 36 5.18 -2.85 -7.49
CA PRO A 36 3.73 -2.90 -7.23
C PRO A 36 3.16 -1.65 -6.58
N LEU A 37 1.85 -1.54 -6.63
CA LEU A 37 1.10 -0.48 -5.98
C LEU A 37 0.65 -0.99 -4.63
N MET A 38 0.70 -0.17 -3.60
CA MET A 38 0.36 -0.61 -2.26
C MET A 38 -0.96 0.03 -1.85
N ILE A 39 -2.03 -0.73 -1.89
CA ILE A 39 -3.32 -0.21 -1.54
C ILE A 39 -3.63 -0.44 -0.07
N ILE A 40 -3.60 0.64 0.66
CA ILE A 40 -3.96 0.63 2.07
C ILE A 40 -5.48 0.70 2.20
N HIS A 41 -6.07 -0.34 2.80
CA HIS A 41 -7.51 -0.41 2.94
C HIS A 41 -7.91 -0.31 4.40
N HIS A 42 -8.87 0.57 4.68
CA HIS A 42 -9.35 0.76 6.05
C HIS A 42 -10.84 1.11 6.06
N LEU A 43 -11.46 1.00 7.23
CA LEU A 43 -12.88 1.29 7.40
C LEU A 43 -13.18 1.51 8.89
N ASP A 44 -14.41 1.85 9.22
CA ASP A 44 -14.80 2.09 10.62
C ASP A 44 -15.13 0.78 11.35
N GLU A 45 -15.53 -0.24 10.59
CA GLU A 45 -15.88 -1.56 11.16
C GLU A 45 -14.62 -2.32 11.65
N CYS A 46 -13.51 -1.64 11.68
CA CYS A 46 -12.24 -2.19 12.14
C CYS A 46 -11.51 -1.15 12.95
N PRO A 47 -10.44 -1.54 13.70
CA PRO A 47 -9.58 -0.58 14.40
C PRO A 47 -9.26 0.54 13.47
N HIS A 48 -9.57 1.75 13.91
CA HIS A 48 -9.39 2.92 13.09
C HIS A 48 -8.01 2.99 12.49
N SER A 49 -7.96 3.39 11.23
CA SER A 49 -6.73 3.47 10.49
C SER A 49 -5.71 4.37 11.19
N GLN A 50 -6.17 5.11 12.19
CA GLN A 50 -5.31 5.99 12.96
C GLN A 50 -4.24 5.19 13.70
N ALA A 51 -4.63 4.02 14.20
CA ALA A 51 -3.72 3.16 14.94
C ALA A 51 -2.77 2.49 13.97
N LEU A 52 -3.27 2.18 12.79
CA LEU A 52 -2.46 1.56 11.75
C LEU A 52 -1.54 2.60 11.11
N LYS A 53 -1.98 3.84 11.07
CA LYS A 53 -1.18 4.93 10.52
C LYS A 53 -0.03 5.26 11.46
N LYS A 54 -0.25 5.05 12.75
CA LYS A 54 0.76 5.31 13.75
C LYS A 54 1.96 4.41 13.53
N VAL A 55 1.71 3.10 13.50
CA VAL A 55 2.77 2.12 13.26
C VAL A 55 3.49 2.36 11.93
N PHE A 56 2.79 2.93 10.95
CA PHE A 56 3.39 3.23 9.64
C PHE A 56 4.53 4.24 9.76
N ALA A 57 4.30 5.29 10.53
CA ALA A 57 5.30 6.34 10.69
C ALA A 57 6.26 6.01 11.82
N GLU A 58 5.80 5.16 12.72
CA GLU A 58 6.58 4.77 13.87
C GLU A 58 7.63 3.75 13.45
N ASN A 59 7.27 2.90 12.51
CA ASN A 59 8.18 1.91 12.01
C ASN A 59 8.96 2.47 10.83
N LYS A 60 10.20 2.84 11.09
CA LYS A 60 11.10 3.40 10.08
C LYS A 60 11.24 2.49 8.86
N GLU A 61 11.02 1.20 9.06
CA GLU A 61 11.10 0.25 7.97
C GLU A 61 9.88 0.37 7.06
N ILE A 62 8.72 0.67 7.65
CA ILE A 62 7.50 0.87 6.88
C ILE A 62 7.54 2.23 6.23
N GLN A 63 8.11 3.19 6.94
CA GLN A 63 8.28 4.54 6.42
C GLN A 63 9.11 4.50 5.14
N LYS A 64 10.15 3.69 5.15
CA LYS A 64 11.01 3.56 3.97
C LYS A 64 10.32 2.72 2.93
N LEU A 65 9.59 1.73 3.40
CA LEU A 65 8.82 0.84 2.54
C LEU A 65 7.83 1.64 1.69
N ALA A 66 7.05 2.49 2.33
CA ALA A 66 6.03 3.26 1.64
C ALA A 66 6.64 4.37 0.79
N GLU A 67 7.87 4.78 1.13
CA GLU A 67 8.56 5.80 0.36
C GLU A 67 8.76 5.36 -1.09
N GLN A 68 8.95 4.07 -1.28
CA GLN A 68 9.20 3.53 -2.60
C GLN A 68 7.93 2.96 -3.23
N PHE A 69 6.86 2.89 -2.46
CA PHE A 69 5.61 2.38 -2.98
C PHE A 69 4.57 3.48 -3.13
N VAL A 70 3.44 3.12 -3.70
CA VAL A 70 2.36 4.07 -3.92
C VAL A 70 1.44 4.10 -2.72
N LEU A 71 1.22 5.28 -2.19
CA LEU A 71 0.31 5.43 -1.09
C LEU A 71 -1.10 5.58 -1.63
N LEU A 72 -1.94 4.59 -1.37
CA LEU A 72 -3.31 4.60 -1.86
C LEU A 72 -4.28 4.43 -0.72
N ASN A 73 -5.06 5.46 -0.47
CA ASN A 73 -6.06 5.45 0.57
C ASN A 73 -7.40 4.96 0.03
N LEU A 74 -7.73 3.71 0.29
CA LEU A 74 -8.98 3.14 -0.18
C LEU A 74 -9.89 2.82 1.00
N VAL A 75 -10.97 3.57 1.12
CA VAL A 75 -11.96 3.33 2.17
C VAL A 75 -13.36 3.17 1.57
N TYR A 76 -13.73 1.92 1.30
CA TYR A 76 -15.02 1.57 0.71
C TYR A 76 -15.28 2.38 -0.57
N GLU A 77 -14.47 2.12 -1.58
CA GLU A 77 -14.57 2.83 -2.84
C GLU A 77 -14.40 1.87 -4.00
N THR A 78 -15.43 1.78 -4.84
CA THR A 78 -15.41 0.90 -6.01
C THR A 78 -15.27 -0.57 -5.59
N THR A 79 -16.38 -1.20 -5.29
CA THR A 79 -16.38 -2.56 -4.83
C THR A 79 -16.52 -3.56 -5.96
N ASP A 80 -15.45 -4.31 -6.23
CA ASP A 80 -15.48 -5.34 -7.24
C ASP A 80 -15.31 -6.71 -6.61
N LYS A 81 -16.22 -7.61 -6.90
CA LYS A 81 -16.25 -8.94 -6.31
C LYS A 81 -15.02 -9.78 -6.70
N HIS A 82 -14.40 -9.46 -7.83
CA HIS A 82 -13.26 -10.25 -8.31
C HIS A 82 -11.99 -9.85 -7.58
N LEU A 83 -11.84 -8.56 -7.35
CA LEU A 83 -10.68 -8.02 -6.67
C LEU A 83 -10.84 -8.09 -5.16
N SER A 84 -11.94 -8.72 -4.70
CA SER A 84 -12.30 -8.80 -3.27
C SER A 84 -12.27 -7.39 -2.64
N PRO A 85 -13.43 -6.70 -2.61
CA PRO A 85 -13.51 -5.29 -2.23
C PRO A 85 -13.01 -5.00 -0.82
N ASP A 86 -13.39 -5.81 0.14
CA ASP A 86 -12.98 -5.57 1.51
C ASP A 86 -12.30 -6.76 2.12
N GLY A 87 -12.08 -7.82 1.34
CA GLY A 87 -11.48 -9.02 1.90
C GLY A 87 -12.37 -9.67 2.94
N GLN A 88 -11.77 -10.44 3.82
CA GLN A 88 -12.49 -11.04 4.92
C GLN A 88 -12.41 -10.08 6.09
N TYR A 89 -11.22 -9.55 6.27
CA TYR A 89 -10.96 -8.55 7.27
C TYR A 89 -10.46 -7.32 6.55
N VAL A 90 -11.03 -6.18 6.87
CA VAL A 90 -10.70 -4.95 6.17
C VAL A 90 -9.29 -4.36 6.48
N PRO A 91 -8.83 -4.32 7.77
CA PRO A 91 -7.51 -3.77 8.09
C PRO A 91 -6.39 -4.63 7.53
N ARG A 92 -5.90 -4.25 6.35
CA ARG A 92 -4.83 -4.99 5.69
C ARG A 92 -4.36 -4.24 4.45
N ILE A 93 -3.44 -4.85 3.72
CA ILE A 93 -2.91 -4.26 2.51
C ILE A 93 -3.37 -5.05 1.28
N MET A 94 -3.63 -4.35 0.21
CA MET A 94 -4.02 -4.94 -1.06
C MET A 94 -3.05 -4.45 -2.13
N PHE A 95 -2.48 -5.35 -2.90
CA PHE A 95 -1.52 -4.94 -3.92
C PHE A 95 -2.10 -5.19 -5.31
N VAL A 96 -2.03 -4.19 -6.16
CA VAL A 96 -2.57 -4.33 -7.51
C VAL A 96 -1.47 -4.31 -8.58
N ASP A 97 -1.57 -5.30 -9.47
CA ASP A 97 -0.71 -5.45 -10.66
C ASP A 97 0.83 -5.41 -10.40
N PRO A 98 1.37 -6.09 -9.34
CA PRO A 98 2.84 -6.11 -9.11
C PRO A 98 3.58 -6.67 -10.32
N SER A 99 3.17 -7.85 -10.74
CA SER A 99 3.70 -8.48 -11.95
C SER A 99 2.88 -8.04 -13.16
N LEU A 100 2.31 -6.83 -13.09
CA LEU A 100 1.37 -6.34 -14.10
C LEU A 100 0.14 -7.22 -14.08
N THR A 101 -0.19 -7.65 -12.86
CA THR A 101 -1.30 -8.54 -12.57
C THR A 101 -1.47 -8.67 -11.07
N VAL A 102 -2.71 -8.67 -10.61
CA VAL A 102 -3.00 -8.77 -9.18
C VAL A 102 -2.42 -10.06 -8.61
N ARG A 103 -1.62 -9.93 -7.56
CA ARG A 103 -0.98 -11.08 -6.96
C ARG A 103 -1.64 -11.44 -5.65
N ALA A 104 -2.64 -12.30 -5.71
CA ALA A 104 -3.33 -12.77 -4.53
C ALA A 104 -2.44 -13.70 -3.73
N ASP A 105 -1.50 -14.35 -4.43
CA ASP A 105 -0.53 -15.25 -3.81
C ASP A 105 0.37 -14.51 -2.83
N ILE A 106 0.87 -13.36 -3.24
CA ILE A 106 1.74 -12.54 -2.39
C ILE A 106 0.92 -11.97 -1.24
N THR A 107 1.32 -12.29 -0.01
CA THR A 107 0.61 -11.81 1.14
C THR A 107 1.27 -12.29 2.45
N GLY A 108 0.60 -12.02 3.55
CA GLY A 108 1.10 -12.39 4.84
C GLY A 108 0.75 -13.82 5.13
N ARG A 109 1.72 -14.59 5.60
CA ARG A 109 1.48 -16.01 5.88
C ARG A 109 0.59 -16.16 7.11
N TYR A 110 -0.70 -16.00 6.89
CA TYR A 110 -1.68 -16.06 7.94
C TYR A 110 -2.08 -17.51 8.16
N SER A 111 -1.24 -18.24 8.86
CA SER A 111 -1.48 -19.64 9.13
C SER A 111 -2.78 -19.83 9.91
N ASN A 112 -2.82 -19.24 11.08
CA ASN A 112 -3.97 -19.27 11.95
C ASN A 112 -3.88 -18.15 12.96
N ARG A 113 -4.17 -16.92 12.48
CA ARG A 113 -4.05 -15.70 13.27
C ARG A 113 -2.82 -15.66 14.18
N LEU A 114 -1.65 -15.45 13.56
CA LEU A 114 -0.43 -15.24 14.32
C LEU A 114 -0.69 -14.08 15.25
N TYR A 115 -1.37 -13.13 14.66
CA TYR A 115 -1.91 -11.99 15.32
C TYR A 115 -3.14 -11.60 14.54
N ALA A 116 -4.08 -10.97 15.18
CA ALA A 116 -5.22 -10.44 14.48
C ALA A 116 -4.81 -9.11 13.89
N TYR A 117 -5.69 -8.46 13.17
CA TYR A 117 -5.28 -7.26 12.46
C TYR A 117 -5.59 -6.02 13.25
N GLU A 118 -4.63 -5.68 14.08
CA GLU A 118 -4.64 -4.52 14.95
C GLU A 118 -3.29 -3.82 14.78
N PRO A 119 -3.08 -2.64 15.42
CA PRO A 119 -1.77 -1.96 15.39
C PRO A 119 -0.60 -2.90 15.81
N ALA A 120 -0.93 -3.92 16.62
CA ALA A 120 0.06 -4.88 17.09
C ALA A 120 0.45 -5.90 16.02
N ASP A 121 -0.29 -5.92 14.91
CA ASP A 121 -0.03 -6.87 13.81
C ASP A 121 1.09 -6.34 12.90
N THR A 122 1.90 -5.44 13.45
CA THR A 122 2.94 -4.79 12.68
C THR A 122 3.92 -5.80 12.06
N ALA A 123 4.14 -6.96 12.70
CA ALA A 123 5.06 -7.95 12.15
C ALA A 123 4.47 -8.61 10.92
N LEU A 124 3.20 -9.03 11.03
CA LEU A 124 2.49 -9.62 9.90
C LEU A 124 2.36 -8.59 8.80
N LEU A 125 1.99 -7.38 9.20
CA LEU A 125 1.94 -6.23 8.30
C LEU A 125 3.25 -6.13 7.52
N LEU A 126 4.36 -6.20 8.24
CA LEU A 126 5.69 -6.21 7.64
C LEU A 126 5.86 -7.39 6.69
N ASP A 127 5.65 -8.60 7.20
CA ASP A 127 5.82 -9.83 6.42
C ASP A 127 4.99 -9.82 5.15
N ASN A 128 3.74 -9.41 5.29
CA ASN A 128 2.80 -9.33 4.18
C ASN A 128 3.36 -8.47 3.03
N MET A 129 3.74 -7.24 3.37
CA MET A 129 4.25 -6.31 2.36
C MET A 129 5.70 -6.64 1.99
N LYS A 130 6.39 -7.34 2.87
CA LYS A 130 7.78 -7.68 2.62
C LYS A 130 7.87 -8.70 1.50
N LYS A 131 6.84 -9.53 1.39
CA LYS A 131 6.78 -10.52 0.33
C LYS A 131 6.60 -9.81 -1.01
N ALA A 132 5.89 -8.69 -0.97
CA ALA A 132 5.67 -7.87 -2.16
C ALA A 132 6.93 -7.08 -2.55
N LEU A 133 7.83 -6.90 -1.59
CA LEU A 133 9.08 -6.16 -1.84
C LEU A 133 10.22 -7.13 -2.13
N LYS A 134 10.11 -8.32 -1.54
CA LYS A 134 11.09 -9.38 -1.66
C LYS A 134 12.41 -8.96 -0.98
N LEU A 135 13.46 -9.71 -1.20
CA LEU A 135 14.75 -9.41 -0.62
C LEU A 135 15.82 -9.35 -1.70
N LEU A 136 16.20 -8.15 -2.07
CA LEU A 136 17.17 -7.93 -3.11
C LEU A 136 17.87 -6.58 -2.91
N LYS A 137 19.10 -6.49 -3.39
CA LYS A 137 19.85 -5.24 -3.33
C LYS A 137 19.37 -4.29 -4.42
N THR A 138 19.59 -3.01 -4.23
CA THR A 138 19.16 -2.03 -5.20
C THR A 138 19.84 -0.67 -4.95
N GLU A 139 20.41 -0.12 -6.01
CA GLU A 139 21.04 1.15 -5.97
C GLU A 139 20.17 2.19 -6.65
N LEU A 140 19.28 2.79 -5.88
CA LEU A 140 18.37 3.78 -6.42
C LEU A 140 18.87 5.17 -6.06
N ILE A 1 15.23 7.54 -28.61
CA ILE A 1 16.25 8.38 -27.95
C ILE A 1 15.61 9.53 -27.19
N ASP A 2 15.76 9.52 -25.88
CA ASP A 2 15.20 10.58 -25.03
C ASP A 2 16.03 11.85 -25.12
N PRO A 3 15.39 13.02 -24.94
CA PRO A 3 16.07 14.32 -24.98
C PRO A 3 17.16 14.45 -23.93
N PHE A 4 18.20 15.19 -24.26
CA PHE A 4 19.31 15.40 -23.36
C PHE A 4 19.08 16.59 -22.47
N THR A 5 19.73 16.60 -21.33
CA THR A 5 19.63 17.70 -20.39
C THR A 5 20.72 18.74 -20.68
N PRO A 6 20.39 20.04 -20.50
CA PRO A 6 21.35 21.13 -20.71
C PRO A 6 22.66 20.88 -19.96
N GLN A 7 22.52 20.52 -18.69
CA GLN A 7 23.66 20.23 -17.82
C GLN A 7 23.18 19.81 -16.44
N THR A 8 22.06 20.39 -16.02
CA THR A 8 21.49 20.09 -14.73
C THR A 8 20.07 20.70 -14.64
N LEU A 9 19.38 20.42 -13.53
CA LEU A 9 18.02 20.92 -13.28
C LEU A 9 17.01 20.35 -14.29
N SER A 10 16.67 19.08 -14.13
CA SER A 10 15.73 18.43 -15.04
C SER A 10 14.79 17.50 -14.27
N ARG A 11 14.65 17.74 -12.97
CA ARG A 11 13.77 16.92 -12.14
C ARG A 11 12.86 17.79 -11.31
N GLY A 12 11.88 17.18 -10.67
CA GLY A 12 10.96 17.89 -9.82
C GLY A 12 11.40 17.88 -8.38
N TRP A 13 11.93 16.72 -7.95
CA TRP A 13 12.45 16.51 -6.59
C TRP A 13 11.35 16.53 -5.52
N GLY A 14 11.56 15.77 -4.46
CA GLY A 14 10.63 15.75 -3.35
C GLY A 14 9.31 15.12 -3.68
N ASP A 15 9.33 14.06 -4.48
CA ASP A 15 8.10 13.36 -4.84
C ASP A 15 8.38 12.01 -5.47
N GLN A 16 8.36 10.99 -4.66
CA GLN A 16 8.56 9.62 -5.14
C GLN A 16 7.22 8.87 -5.11
N LEU A 17 6.28 9.42 -4.36
CA LEU A 17 4.99 8.77 -4.17
C LEU A 17 4.02 9.13 -5.29
N ILE A 18 4.08 10.38 -5.73
CA ILE A 18 3.19 10.88 -6.78
C ILE A 18 1.74 10.83 -6.31
N TRP A 19 1.32 11.84 -5.57
CA TRP A 19 -0.03 11.89 -5.06
C TRP A 19 -1.02 12.18 -6.18
N THR A 20 -1.69 11.15 -6.61
CA THR A 20 -2.66 11.26 -7.67
C THR A 20 -4.08 11.07 -7.13
N GLN A 21 -4.97 11.98 -7.50
CA GLN A 21 -6.36 11.94 -7.06
C GLN A 21 -7.04 10.66 -7.53
N THR A 22 -6.85 10.34 -8.79
CA THR A 22 -7.44 9.17 -9.37
C THR A 22 -6.43 8.03 -9.45
N TYR A 23 -6.80 6.88 -8.89
CA TYR A 23 -5.93 5.70 -8.89
C TYR A 23 -5.63 5.26 -10.32
N GLU A 24 -6.53 5.63 -11.23
CA GLU A 24 -6.44 5.26 -12.63
C GLU A 24 -5.15 5.80 -13.25
N ALA A 25 -4.80 7.04 -12.93
CA ALA A 25 -3.61 7.65 -13.48
C ALA A 25 -2.35 7.16 -12.76
N ALA A 26 -2.52 6.80 -11.48
CA ALA A 26 -1.41 6.28 -10.69
C ALA A 26 -0.99 4.92 -11.24
N LEU A 27 -1.99 4.07 -11.48
CA LEU A 27 -1.77 2.75 -12.10
C LEU A 27 -0.91 2.88 -13.36
N TYR A 28 -1.12 3.96 -14.12
CA TYR A 28 -0.37 4.18 -15.34
C TYR A 28 1.03 4.72 -15.05
N LYS A 29 1.21 5.30 -13.88
CA LYS A 29 2.52 5.84 -13.50
C LYS A 29 3.43 4.69 -13.09
N SER A 30 2.96 3.88 -12.16
CA SER A 30 3.73 2.74 -11.68
C SER A 30 4.08 1.77 -12.82
N LYS A 31 3.11 1.52 -13.68
CA LYS A 31 3.30 0.61 -14.80
C LYS A 31 4.34 1.12 -15.80
N THR A 32 4.51 2.44 -15.87
CA THR A 32 5.48 3.04 -16.79
C THR A 32 6.87 3.15 -16.13
N SER A 33 6.90 3.06 -14.80
CA SER A 33 8.16 3.02 -14.05
C SER A 33 8.49 1.56 -13.73
N ASN A 34 7.69 0.70 -14.34
CA ASN A 34 7.75 -0.76 -14.19
C ASN A 34 7.84 -1.14 -12.69
N LYS A 35 7.23 -0.33 -11.83
CA LYS A 35 7.35 -0.55 -10.39
C LYS A 35 6.02 -0.99 -9.78
N PRO A 36 6.10 -1.83 -8.74
CA PRO A 36 4.92 -2.31 -8.02
C PRO A 36 4.34 -1.22 -7.10
N LEU A 37 3.12 -1.44 -6.62
CA LEU A 37 2.45 -0.46 -5.79
C LEU A 37 1.49 -1.12 -4.82
N MET A 38 1.40 -0.61 -3.61
CA MET A 38 0.51 -1.15 -2.61
C MET A 38 -0.69 -0.23 -2.42
N ILE A 39 -1.89 -0.78 -2.54
CA ILE A 39 -3.08 0.04 -2.39
C ILE A 39 -3.70 -0.16 -1.02
N ILE A 40 -3.53 0.82 -0.16
CA ILE A 40 -4.12 0.80 1.18
C ILE A 40 -5.51 1.44 1.20
N HIS A 41 -6.54 0.65 1.49
CA HIS A 41 -7.92 1.16 1.53
C HIS A 41 -8.33 1.65 2.93
N HIS A 42 -9.22 2.66 2.96
CA HIS A 42 -9.69 3.29 4.22
C HIS A 42 -11.18 3.67 4.14
N LEU A 43 -11.78 3.98 5.30
CA LEU A 43 -13.19 4.42 5.40
C LEU A 43 -13.42 5.01 6.80
N ASP A 44 -14.48 5.79 6.96
CA ASP A 44 -14.76 6.42 8.26
C ASP A 44 -15.56 5.51 9.20
N GLU A 45 -16.40 4.64 8.63
CA GLU A 45 -17.23 3.72 9.44
C GLU A 45 -16.40 2.51 9.94
N CYS A 46 -15.17 2.78 10.26
CA CYS A 46 -14.24 1.79 10.77
C CYS A 46 -13.26 2.54 11.66
N PRO A 47 -12.36 1.84 12.42
CA PRO A 47 -11.31 2.52 13.19
C PRO A 47 -10.68 3.57 12.35
N HIS A 48 -10.71 4.79 12.86
CA HIS A 48 -10.25 5.93 12.13
C HIS A 48 -8.87 5.69 11.60
N SER A 49 -8.70 5.98 10.32
CA SER A 49 -7.44 5.80 9.63
C SER A 49 -6.29 6.52 10.33
N GLN A 50 -6.62 7.40 11.27
CA GLN A 50 -5.61 8.15 12.00
C GLN A 50 -4.80 7.23 12.91
N ALA A 51 -5.49 6.27 13.53
CA ALA A 51 -4.83 5.32 14.41
C ALA A 51 -3.92 4.43 13.61
N LEU A 52 -4.41 4.00 12.45
CA LEU A 52 -3.63 3.14 11.57
C LEU A 52 -2.46 3.91 10.98
N LYS A 53 -2.69 5.17 10.63
CA LYS A 53 -1.65 6.01 10.05
C LYS A 53 -0.54 6.26 11.06
N LYS A 54 -0.93 6.49 12.32
CA LYS A 54 0.04 6.74 13.38
C LYS A 54 0.99 5.55 13.55
N VAL A 55 0.42 4.37 13.80
CA VAL A 55 1.21 3.15 13.94
C VAL A 55 2.01 2.84 12.66
N PHE A 56 1.40 3.09 11.51
CA PHE A 56 2.05 2.88 10.21
C PHE A 56 3.32 3.73 10.11
N ALA A 57 3.27 4.93 10.65
CA ALA A 57 4.41 5.85 10.61
C ALA A 57 5.44 5.49 11.69
N GLU A 58 4.99 4.83 12.76
CA GLU A 58 5.89 4.43 13.84
C GLU A 58 6.67 3.18 13.43
N ASN A 59 6.19 2.51 12.41
CA ASN A 59 6.84 1.33 11.89
C ASN A 59 7.93 1.76 10.92
N LYS A 60 9.18 1.64 11.36
CA LYS A 60 10.34 2.11 10.59
C LYS A 60 10.49 1.36 9.27
N GLU A 61 10.49 0.04 9.34
CA GLU A 61 10.69 -0.78 8.16
C GLU A 61 9.51 -0.69 7.21
N ILE A 62 8.30 -0.77 7.76
CA ILE A 62 7.09 -0.65 6.95
C ILE A 62 7.03 0.73 6.29
N GLN A 63 7.54 1.74 6.98
CA GLN A 63 7.58 3.09 6.45
C GLN A 63 8.64 3.23 5.37
N LYS A 64 9.71 2.43 5.47
CA LYS A 64 10.78 2.45 4.48
C LYS A 64 10.23 2.01 3.14
N LEU A 65 9.38 0.99 3.18
CA LEU A 65 8.72 0.51 1.98
C LEU A 65 7.80 1.58 1.45
N ALA A 66 7.23 2.37 2.34
CA ALA A 66 6.32 3.43 1.98
C ALA A 66 7.07 4.63 1.39
N GLU A 67 8.39 4.58 1.41
CA GLU A 67 9.19 5.64 0.85
C GLU A 67 9.43 5.39 -0.63
N GLN A 68 9.52 4.13 -1.00
CA GLN A 68 9.78 3.75 -2.39
C GLN A 68 8.48 3.31 -3.08
N PHE A 69 7.61 2.68 -2.32
CA PHE A 69 6.33 2.19 -2.84
C PHE A 69 5.30 3.31 -2.88
N VAL A 70 4.22 3.08 -3.61
CA VAL A 70 3.17 4.09 -3.74
C VAL A 70 2.11 3.86 -2.70
N LEU A 71 1.70 4.93 -2.04
CA LEU A 71 0.62 4.84 -1.08
C LEU A 71 -0.64 5.34 -1.74
N LEU A 72 -1.58 4.46 -1.94
CA LEU A 72 -2.84 4.85 -2.52
C LEU A 72 -3.96 4.66 -1.53
N ASN A 73 -4.17 5.66 -0.70
CA ASN A 73 -5.24 5.63 0.28
C ASN A 73 -6.55 5.84 -0.42
N LEU A 74 -7.23 4.75 -0.70
CA LEU A 74 -8.45 4.82 -1.48
C LEU A 74 -9.65 4.37 -0.67
N VAL A 75 -10.65 5.22 -0.62
CA VAL A 75 -11.90 4.93 0.04
C VAL A 75 -12.83 4.28 -0.98
N TYR A 76 -13.67 3.37 -0.53
CA TYR A 76 -14.58 2.70 -1.43
C TYR A 76 -15.77 3.59 -1.76
N GLU A 77 -15.90 3.90 -3.03
CA GLU A 77 -17.00 4.70 -3.52
C GLU A 77 -18.20 3.79 -3.81
N THR A 78 -17.92 2.51 -3.87
CA THR A 78 -18.92 1.51 -4.15
C THR A 78 -18.42 0.14 -3.66
N THR A 79 -19.30 -0.85 -3.67
CA THR A 79 -18.93 -2.18 -3.24
C THR A 79 -18.78 -3.10 -4.45
N ASP A 80 -17.54 -3.45 -4.78
CA ASP A 80 -17.26 -4.31 -5.92
C ASP A 80 -17.04 -5.75 -5.49
N LYS A 81 -17.98 -6.61 -5.84
CA LYS A 81 -17.90 -8.03 -5.52
C LYS A 81 -16.96 -8.74 -6.53
N HIS A 82 -16.76 -8.11 -7.68
CA HIS A 82 -15.96 -8.70 -8.77
C HIS A 82 -14.53 -9.01 -8.34
N LEU A 83 -13.94 -8.12 -7.56
CA LEU A 83 -12.58 -8.31 -7.08
C LEU A 83 -12.52 -9.46 -6.08
N SER A 84 -13.40 -9.42 -5.10
CA SER A 84 -13.49 -10.43 -4.05
C SER A 84 -14.58 -9.99 -3.06
N PRO A 85 -15.31 -10.94 -2.43
CA PRO A 85 -16.33 -10.59 -1.46
C PRO A 85 -15.73 -9.84 -0.27
N ASP A 86 -14.63 -10.37 0.28
CA ASP A 86 -13.87 -9.69 1.35
C ASP A 86 -13.01 -8.55 0.79
N GLY A 87 -13.51 -7.92 -0.25
CA GLY A 87 -12.80 -6.81 -0.85
C GLY A 87 -13.29 -5.49 -0.28
N GLN A 88 -14.57 -5.48 0.09
CA GLN A 88 -15.23 -4.30 0.66
C GLN A 88 -14.61 -3.86 1.99
N TYR A 89 -13.80 -4.72 2.59
CA TYR A 89 -13.17 -4.40 3.86
C TYR A 89 -12.06 -3.38 3.68
N VAL A 90 -11.97 -2.44 4.61
CA VAL A 90 -11.00 -1.36 4.49
C VAL A 90 -9.66 -1.63 5.26
N PRO A 91 -9.18 -0.77 6.32
CA PRO A 91 -7.86 -0.89 6.94
C PRO A 91 -7.07 -2.14 6.62
N ARG A 92 -6.37 -2.09 5.47
CA ARG A 92 -5.51 -3.18 5.04
C ARG A 92 -4.67 -2.74 3.87
N ILE A 93 -3.46 -3.23 3.83
CA ILE A 93 -2.55 -2.92 2.76
C ILE A 93 -2.52 -4.07 1.76
N MET A 94 -3.19 -3.91 0.62
CA MET A 94 -3.11 -4.97 -0.34
C MET A 94 -2.19 -4.60 -1.47
N PHE A 95 -1.02 -5.19 -1.40
CA PHE A 95 -0.04 -5.06 -2.46
C PHE A 95 -0.49 -5.72 -3.76
N VAL A 96 -0.70 -4.88 -4.76
CA VAL A 96 -1.03 -5.31 -6.11
C VAL A 96 0.25 -5.51 -6.92
N ASP A 97 0.32 -6.65 -7.62
CA ASP A 97 1.48 -7.00 -8.43
C ASP A 97 1.73 -5.98 -9.52
N PRO A 98 3.01 -5.81 -9.93
CA PRO A 98 3.41 -4.86 -10.99
C PRO A 98 2.70 -5.12 -12.32
N SER A 99 2.03 -6.26 -12.42
CA SER A 99 1.25 -6.60 -13.59
C SER A 99 -0.15 -5.97 -13.50
N LEU A 100 -0.31 -5.08 -12.50
CA LEU A 100 -1.58 -4.37 -12.24
C LEU A 100 -2.65 -5.32 -11.72
N THR A 101 -2.25 -6.53 -11.41
CA THR A 101 -3.16 -7.53 -10.89
C THR A 101 -2.91 -7.80 -9.43
N VAL A 102 -3.98 -7.87 -8.67
CA VAL A 102 -3.88 -8.14 -7.25
C VAL A 102 -3.43 -9.57 -7.03
N ARG A 103 -2.66 -9.79 -5.99
CA ARG A 103 -2.20 -11.13 -5.65
C ARG A 103 -3.39 -12.06 -5.41
N ALA A 104 -3.24 -13.31 -5.82
CA ALA A 104 -4.32 -14.26 -5.75
C ALA A 104 -4.35 -14.99 -4.41
N ASP A 105 -3.19 -15.35 -3.91
CA ASP A 105 -3.10 -16.10 -2.65
C ASP A 105 -1.74 -15.91 -2.00
N ILE A 106 -1.74 -15.70 -0.69
CA ILE A 106 -0.52 -15.50 0.06
C ILE A 106 -0.83 -15.51 1.56
N THR A 107 0.19 -15.69 2.39
CA THR A 107 0.03 -15.69 3.83
C THR A 107 1.25 -15.06 4.49
N GLY A 108 1.10 -14.73 5.76
CA GLY A 108 2.19 -14.14 6.49
C GLY A 108 2.90 -15.18 7.31
N ARG A 109 4.13 -14.90 7.69
CA ARG A 109 4.93 -15.84 8.48
C ARG A 109 4.23 -16.23 9.80
N TYR A 110 3.82 -15.24 10.56
CA TYR A 110 3.21 -15.49 11.86
C TYR A 110 1.74 -15.85 11.72
N SER A 111 1.26 -16.68 12.64
CA SER A 111 -0.12 -17.14 12.65
C SER A 111 -1.01 -16.17 13.43
N ASN A 112 -0.45 -15.01 13.76
CA ASN A 112 -1.18 -13.97 14.51
C ASN A 112 -2.47 -13.58 13.80
N ARG A 113 -2.39 -12.66 12.85
CA ARG A 113 -3.52 -12.26 12.03
C ARG A 113 -2.93 -11.78 10.73
N LEU A 114 -3.30 -12.37 9.62
CA LEU A 114 -2.69 -11.98 8.36
C LEU A 114 -3.15 -10.60 7.96
N TYR A 115 -4.44 -10.41 7.75
CA TYR A 115 -4.92 -9.09 7.58
C TYR A 115 -5.27 -8.49 8.93
N ALA A 116 -4.40 -7.60 9.37
CA ALA A 116 -4.57 -6.91 10.61
C ALA A 116 -4.81 -5.42 10.39
N TYR A 117 -5.75 -4.89 11.14
CA TYR A 117 -6.11 -3.48 11.06
C TYR A 117 -5.63 -2.75 12.32
N GLU A 118 -5.28 -3.53 13.32
CA GLU A 118 -4.82 -3.01 14.59
C GLU A 118 -3.32 -3.23 14.71
N PRO A 119 -2.63 -2.48 15.64
CA PRO A 119 -1.15 -2.55 15.87
C PRO A 119 -0.53 -3.96 15.79
N ALA A 120 -1.34 -5.00 15.94
CA ALA A 120 -0.87 -6.36 15.76
C ALA A 120 -0.18 -6.51 14.39
N ASP A 121 -0.67 -5.77 13.40
CA ASP A 121 -0.15 -5.74 12.01
C ASP A 121 1.34 -5.43 11.92
N THR A 122 1.92 -4.92 13.00
CA THR A 122 3.28 -4.44 12.94
C THR A 122 4.25 -5.54 12.53
N ALA A 123 4.05 -6.73 13.06
CA ALA A 123 4.96 -7.81 12.82
C ALA A 123 4.57 -8.59 11.57
N LEU A 124 3.31 -8.46 11.15
CA LEU A 124 2.80 -9.27 10.04
C LEU A 124 3.06 -8.56 8.75
N LEU A 125 2.44 -7.39 8.60
CA LEU A 125 2.67 -6.50 7.45
C LEU A 125 4.14 -6.30 7.18
N LEU A 126 4.97 -6.42 8.20
CA LEU A 126 6.37 -6.24 8.01
C LEU A 126 6.95 -7.41 7.19
N ASP A 127 6.54 -8.62 7.52
CA ASP A 127 6.98 -9.81 6.79
C ASP A 127 6.23 -9.92 5.47
N ASN A 128 4.94 -9.60 5.54
CA ASN A 128 4.05 -9.65 4.39
C ASN A 128 4.54 -8.74 3.27
N MET A 129 4.90 -7.50 3.62
CA MET A 129 5.38 -6.54 2.64
C MET A 129 6.78 -6.90 2.14
N LYS A 130 7.52 -7.70 2.90
CA LYS A 130 8.86 -8.08 2.47
C LYS A 130 8.74 -9.20 1.46
N LYS A 131 7.70 -10.02 1.60
CA LYS A 131 7.40 -11.05 0.63
C LYS A 131 6.93 -10.38 -0.64
N ALA A 132 6.04 -9.42 -0.46
CA ALA A 132 5.50 -8.60 -1.55
C ALA A 132 6.60 -7.82 -2.30
N LEU A 133 7.79 -7.76 -1.72
CA LEU A 133 8.89 -7.05 -2.35
C LEU A 133 9.62 -7.97 -3.31
N LYS A 134 9.58 -9.26 -2.98
CA LYS A 134 10.20 -10.33 -3.75
C LYS A 134 11.59 -9.93 -4.24
N LEU A 135 12.51 -9.79 -3.31
CA LEU A 135 13.87 -9.37 -3.63
C LEU A 135 14.55 -10.39 -4.55
N LEU A 136 14.66 -10.03 -5.80
CA LEU A 136 15.29 -10.87 -6.80
C LEU A 136 16.76 -10.48 -6.96
N LYS A 137 17.41 -11.05 -7.96
CA LYS A 137 18.81 -10.74 -8.26
C LYS A 137 18.97 -9.27 -8.67
N THR A 138 20.19 -8.88 -8.96
CA THR A 138 20.48 -7.52 -9.35
C THR A 138 21.89 -7.45 -9.91
N GLU A 139 22.26 -6.29 -10.42
CA GLU A 139 23.58 -6.09 -10.98
C GLU A 139 24.62 -6.07 -9.86
N LEU A 140 25.79 -6.63 -10.13
CA LEU A 140 26.87 -6.69 -9.14
C LEU A 140 27.84 -5.54 -9.36
#